data_3KLU
# 
_entry.id   3KLU 
# 
_audit_conform.dict_name       mmcif_pdbx.dic 
_audit_conform.dict_version    5.398 
_audit_conform.dict_location   http://mmcif.pdb.org/dictionaries/ascii/mmcif_pdbx.dic 
# 
loop_
_database_2.database_id 
_database_2.database_code 
_database_2.pdbx_database_accession 
_database_2.pdbx_DOI 
PDB   3KLU         pdb_00003klu 10.2210/pdb3klu/pdb 
RCSB  RCSB056153   ?            ?                   
WWPDB D_1000056153 ?            ?                   
# 
loop_
_pdbx_audit_revision_history.ordinal 
_pdbx_audit_revision_history.data_content_type 
_pdbx_audit_revision_history.major_revision 
_pdbx_audit_revision_history.minor_revision 
_pdbx_audit_revision_history.revision_date 
1 'Structure model' 1 0 2009-11-24 
2 'Structure model' 1 1 2011-07-13 
3 'Structure model' 1 2 2024-11-06 
# 
_pdbx_audit_revision_details.ordinal             1 
_pdbx_audit_revision_details.revision_ordinal    1 
_pdbx_audit_revision_details.data_content_type   'Structure model' 
_pdbx_audit_revision_details.provider            repository 
_pdbx_audit_revision_details.type                'Initial release' 
_pdbx_audit_revision_details.description         ? 
_pdbx_audit_revision_details.details             ? 
# 
loop_
_pdbx_audit_revision_group.ordinal 
_pdbx_audit_revision_group.revision_ordinal 
_pdbx_audit_revision_group.data_content_type 
_pdbx_audit_revision_group.group 
1 2 'Structure model' 'Version format compliance' 
2 3 'Structure model' 'Data collection'           
3 3 'Structure model' 'Database references'       
4 3 'Structure model' 'Derived calculations'      
5 3 'Structure model' 'Structure summary'         
# 
loop_
_pdbx_audit_revision_category.ordinal 
_pdbx_audit_revision_category.revision_ordinal 
_pdbx_audit_revision_category.data_content_type 
_pdbx_audit_revision_category.category 
1 3 'Structure model' chem_comp_atom            
2 3 'Structure model' chem_comp_bond            
3 3 'Structure model' database_2                
4 3 'Structure model' pdbx_entry_details        
5 3 'Structure model' pdbx_modification_feature 
6 3 'Structure model' struct_conn               
7 3 'Structure model' struct_site               
# 
loop_
_pdbx_audit_revision_item.ordinal 
_pdbx_audit_revision_item.revision_ordinal 
_pdbx_audit_revision_item.data_content_type 
_pdbx_audit_revision_item.item 
1 3 'Structure model' '_database_2.pdbx_DOI'                
2 3 'Structure model' '_database_2.pdbx_database_accession' 
3 3 'Structure model' '_struct_conn.pdbx_leaving_atom_flag' 
4 3 'Structure model' '_struct_site.pdbx_auth_asym_id'      
5 3 'Structure model' '_struct_site.pdbx_auth_comp_id'      
6 3 'Structure model' '_struct_site.pdbx_auth_seq_id'       
# 
_pdbx_database_PDB_obs_spr.id               SPRSDE 
_pdbx_database_PDB_obs_spr.date             2009-12-08 
_pdbx_database_PDB_obs_spr.pdb_id           3KLU 
_pdbx_database_PDB_obs_spr.replace_pdb_id   3DFD 
_pdbx_database_PDB_obs_spr.details          ? 
# 
_pdbx_database_status.status_code                     REL 
_pdbx_database_status.entry_id                        3KLU 
_pdbx_database_status.recvd_initial_deposition_date   2009-11-09 
_pdbx_database_status.deposit_site                    RCSB 
_pdbx_database_status.process_site                    RCSB 
_pdbx_database_status.status_code_sf                  REL 
_pdbx_database_status.status_code_mr                  ? 
_pdbx_database_status.SG_entry                        Y 
_pdbx_database_status.pdb_format_compatible           Y 
_pdbx_database_status.status_code_cs                  ? 
_pdbx_database_status.status_code_nmr_data            ? 
_pdbx_database_status.methods_development_category    ? 
# 
_pdbx_database_related.db_name        TargetDB 
_pdbx_database_related.db_id          SR445 
_pdbx_database_related.details        . 
_pdbx_database_related.content_type   unspecified 
# 
loop_
_audit_author.name 
_audit_author.pdbx_ordinal 
'Kuzin, A.P.'                                     1  
'Su, M.'                                          2  
'Seetharaman, J.'                                 3  
'Wang, D.'                                        4  
'Fang, Y.'                                        5  
'Cunningham, K.'                                  6  
'Ma, L.-C.'                                       7  
'Xiao, R.'                                        8  
'Liu, M.'                                         9  
'Baran, M.C.'                                     10 
'Acton, T.B.'                                     11 
'Rost, B.'                                        12 
'Montelione, G.T.'                                13 
'Hunt, J.F.'                                      14 
'Tong, L.'                                        15 
'Northeast Structural Genomics Consortium (NESG)' 16 
# 
_citation.id                        primary 
_citation.title                     'Crystal structure of the protein yqbn. northeast structural genomics consortium target sr445.' 
_citation.journal_abbrev            'To be Published' 
_citation.journal_volume            ? 
_citation.page_first                ? 
_citation.page_last                 ? 
_citation.year                      ? 
_citation.journal_id_ASTM           ? 
_citation.country                   ? 
_citation.journal_id_ISSN           ? 
_citation.journal_id_CSD            0353 
_citation.book_publisher            ? 
_citation.pdbx_database_id_PubMed   ? 
_citation.pdbx_database_id_DOI      ? 
# 
loop_
_citation_author.citation_id 
_citation_author.name 
_citation_author.ordinal 
_citation_author.identifier_ORCID 
primary 'Kuzin, A.P.'      1  ? 
primary 'Su, M.'           2  ? 
primary 'Seetharaman, J.'  3  ? 
primary 'Wang, D.'         4  ? 
primary 'Fang, Y.'         5  ? 
primary 'Cunningham, K.'   6  ? 
primary 'Ma, L.-C.'        7  ? 
primary 'Xiao, R.'         8  ? 
primary 'Liu, M.'          9  ? 
primary 'Baran, M.C.'      10 ? 
primary 'Acton, T.B.'      11 ? 
primary 'Rost, B.'         12 ? 
primary 'Montelione, G.T.' 13 ? 
primary 'Hunt, J.F.'       14 ? 
primary 'Tong, L.'         15 ? 
# 
loop_
_entity.id 
_entity.type 
_entity.src_method 
_entity.pdbx_description 
_entity.formula_weight 
_entity.pdbx_number_of_molecules 
_entity.pdbx_ec 
_entity.pdbx_mutation 
_entity.pdbx_fragment 
_entity.details 
1 polymer     man 'Uncharacterized protein yqbN' 18324.096 1  ? ? ? ? 
2 non-polymer syn 'MANGANESE (II) ION'           54.938    1  ? ? ? ? 
3 water       nat water                          18.015    26 ? ? ? ? 
# 
_entity_poly.entity_id                      1 
_entity_poly.type                           'polypeptide(L)' 
_entity_poly.nstd_linkage                   no 
_entity_poly.nstd_monomer                   yes 
_entity_poly.pdbx_seq_one_letter_code       
;(MSE)SENQNEKVYDLSFF(MSE)PGQTIDAEEVEVPISKRFVDKEGNVVPFIFKAITTDRIDELEKENTTYKNVKGRGR
VKELDSQRFYARIAVETTVYPTFKAKELREAYKTEDPVEVAKRVLSVGGEYANWLNKAIEINGFDDDLEDLEEAAKNLEH
HHHHH
;
_entity_poly.pdbx_seq_one_letter_code_can   
;MSENQNEKVYDLSFFMPGQTIDAEEVEVPISKRFVDKEGNVVPFIFKAITTDRIDELEKENTTYKNVKGRGRVKELDSQR
FYARIAVETTVYPTFKAKELREAYKTEDPVEVAKRVLSVGGEYANWLNKAIEINGFDDDLEDLEEAAKNLEHHHHHH
;
_entity_poly.pdbx_strand_id                 A 
_entity_poly.pdbx_target_identifier         SR445 
# 
loop_
_pdbx_entity_nonpoly.entity_id 
_pdbx_entity_nonpoly.name 
_pdbx_entity_nonpoly.comp_id 
2 'MANGANESE (II) ION' MN  
3 water                HOH 
# 
loop_
_entity_poly_seq.entity_id 
_entity_poly_seq.num 
_entity_poly_seq.mon_id 
_entity_poly_seq.hetero 
1 1   MSE n 
1 2   SER n 
1 3   GLU n 
1 4   ASN n 
1 5   GLN n 
1 6   ASN n 
1 7   GLU n 
1 8   LYS n 
1 9   VAL n 
1 10  TYR n 
1 11  ASP n 
1 12  LEU n 
1 13  SER n 
1 14  PHE n 
1 15  PHE n 
1 16  MSE n 
1 17  PRO n 
1 18  GLY n 
1 19  GLN n 
1 20  THR n 
1 21  ILE n 
1 22  ASP n 
1 23  ALA n 
1 24  GLU n 
1 25  GLU n 
1 26  VAL n 
1 27  GLU n 
1 28  VAL n 
1 29  PRO n 
1 30  ILE n 
1 31  SER n 
1 32  LYS n 
1 33  ARG n 
1 34  PHE n 
1 35  VAL n 
1 36  ASP n 
1 37  LYS n 
1 38  GLU n 
1 39  GLY n 
1 40  ASN n 
1 41  VAL n 
1 42  VAL n 
1 43  PRO n 
1 44  PHE n 
1 45  ILE n 
1 46  PHE n 
1 47  LYS n 
1 48  ALA n 
1 49  ILE n 
1 50  THR n 
1 51  THR n 
1 52  ASP n 
1 53  ARG n 
1 54  ILE n 
1 55  ASP n 
1 56  GLU n 
1 57  LEU n 
1 58  GLU n 
1 59  LYS n 
1 60  GLU n 
1 61  ASN n 
1 62  THR n 
1 63  THR n 
1 64  TYR n 
1 65  LYS n 
1 66  ASN n 
1 67  VAL n 
1 68  LYS n 
1 69  GLY n 
1 70  ARG n 
1 71  GLY n 
1 72  ARG n 
1 73  VAL n 
1 74  LYS n 
1 75  GLU n 
1 76  LEU n 
1 77  ASP n 
1 78  SER n 
1 79  GLN n 
1 80  ARG n 
1 81  PHE n 
1 82  TYR n 
1 83  ALA n 
1 84  ARG n 
1 85  ILE n 
1 86  ALA n 
1 87  VAL n 
1 88  GLU n 
1 89  THR n 
1 90  THR n 
1 91  VAL n 
1 92  TYR n 
1 93  PRO n 
1 94  THR n 
1 95  PHE n 
1 96  LYS n 
1 97  ALA n 
1 98  LYS n 
1 99  GLU n 
1 100 LEU n 
1 101 ARG n 
1 102 GLU n 
1 103 ALA n 
1 104 TYR n 
1 105 LYS n 
1 106 THR n 
1 107 GLU n 
1 108 ASP n 
1 109 PRO n 
1 110 VAL n 
1 111 GLU n 
1 112 VAL n 
1 113 ALA n 
1 114 LYS n 
1 115 ARG n 
1 116 VAL n 
1 117 LEU n 
1 118 SER n 
1 119 VAL n 
1 120 GLY n 
1 121 GLY n 
1 122 GLU n 
1 123 TYR n 
1 124 ALA n 
1 125 ASN n 
1 126 TRP n 
1 127 LEU n 
1 128 ASN n 
1 129 LYS n 
1 130 ALA n 
1 131 ILE n 
1 132 GLU n 
1 133 ILE n 
1 134 ASN n 
1 135 GLY n 
1 136 PHE n 
1 137 ASP n 
1 138 ASP n 
1 139 ASP n 
1 140 LEU n 
1 141 GLU n 
1 142 ASP n 
1 143 LEU n 
1 144 GLU n 
1 145 GLU n 
1 146 ALA n 
1 147 ALA n 
1 148 LYS n 
1 149 ASN n 
1 150 LEU n 
1 151 GLU n 
1 152 HIS n 
1 153 HIS n 
1 154 HIS n 
1 155 HIS n 
1 156 HIS n 
1 157 HIS n 
# 
_entity_src_gen.entity_id                          1 
_entity_src_gen.pdbx_src_id                        1 
_entity_src_gen.pdbx_alt_source_flag               sample 
_entity_src_gen.pdbx_seq_type                      ? 
_entity_src_gen.pdbx_beg_seq_num                   ? 
_entity_src_gen.pdbx_end_seq_num                   ? 
_entity_src_gen.gene_src_common_name               ? 
_entity_src_gen.gene_src_genus                     ? 
_entity_src_gen.pdbx_gene_src_gene                 'yqbN, BSU26040' 
_entity_src_gen.gene_src_species                   ? 
_entity_src_gen.gene_src_strain                    ? 
_entity_src_gen.gene_src_tissue                    ? 
_entity_src_gen.gene_src_tissue_fraction           ? 
_entity_src_gen.gene_src_details                   ? 
_entity_src_gen.pdbx_gene_src_fragment             ? 
_entity_src_gen.pdbx_gene_src_scientific_name      'Bacillus subtilis' 
_entity_src_gen.pdbx_gene_src_ncbi_taxonomy_id     1423 
_entity_src_gen.pdbx_gene_src_variant              ? 
_entity_src_gen.pdbx_gene_src_cell_line            ? 
_entity_src_gen.pdbx_gene_src_atcc                 ? 
_entity_src_gen.pdbx_gene_src_organ                ? 
_entity_src_gen.pdbx_gene_src_organelle            ? 
_entity_src_gen.pdbx_gene_src_cell                 ? 
_entity_src_gen.pdbx_gene_src_cellular_location    ? 
_entity_src_gen.host_org_common_name               ? 
_entity_src_gen.pdbx_host_org_scientific_name      ? 
_entity_src_gen.pdbx_host_org_ncbi_taxonomy_id     ? 
_entity_src_gen.host_org_genus                     ? 
_entity_src_gen.pdbx_host_org_gene                 ? 
_entity_src_gen.pdbx_host_org_organ                ? 
_entity_src_gen.host_org_species                   ? 
_entity_src_gen.pdbx_host_org_tissue               ? 
_entity_src_gen.pdbx_host_org_tissue_fraction      ? 
_entity_src_gen.pdbx_host_org_strain               ? 
_entity_src_gen.pdbx_host_org_variant              ? 
_entity_src_gen.pdbx_host_org_cell_line            ? 
_entity_src_gen.pdbx_host_org_atcc                 ? 
_entity_src_gen.pdbx_host_org_culture_collection   ? 
_entity_src_gen.pdbx_host_org_cell                 ? 
_entity_src_gen.pdbx_host_org_organelle            ? 
_entity_src_gen.pdbx_host_org_cellular_location    ? 
_entity_src_gen.pdbx_host_org_vector_type          ? 
_entity_src_gen.pdbx_host_org_vector               ? 
_entity_src_gen.host_org_details                   ? 
_entity_src_gen.expression_system_id               ? 
_entity_src_gen.plasmid_name                       ? 
_entity_src_gen.plasmid_details                    ? 
_entity_src_gen.pdbx_description                   ? 
# 
loop_
_chem_comp.id 
_chem_comp.type 
_chem_comp.mon_nstd_flag 
_chem_comp.name 
_chem_comp.pdbx_synonyms 
_chem_comp.formula 
_chem_comp.formula_weight 
ALA 'L-peptide linking' y ALANINE              ? 'C3 H7 N O2'     89.093  
ARG 'L-peptide linking' y ARGININE             ? 'C6 H15 N4 O2 1' 175.209 
ASN 'L-peptide linking' y ASPARAGINE           ? 'C4 H8 N2 O3'    132.118 
ASP 'L-peptide linking' y 'ASPARTIC ACID'      ? 'C4 H7 N O4'     133.103 
GLN 'L-peptide linking' y GLUTAMINE            ? 'C5 H10 N2 O3'   146.144 
GLU 'L-peptide linking' y 'GLUTAMIC ACID'      ? 'C5 H9 N O4'     147.129 
GLY 'peptide linking'   y GLYCINE              ? 'C2 H5 N O2'     75.067  
HIS 'L-peptide linking' y HISTIDINE            ? 'C6 H10 N3 O2 1' 156.162 
HOH non-polymer         . WATER                ? 'H2 O'           18.015  
ILE 'L-peptide linking' y ISOLEUCINE           ? 'C6 H13 N O2'    131.173 
LEU 'L-peptide linking' y LEUCINE              ? 'C6 H13 N O2'    131.173 
LYS 'L-peptide linking' y LYSINE               ? 'C6 H15 N2 O2 1' 147.195 
MN  non-polymer         . 'MANGANESE (II) ION' ? 'Mn 2'           54.938  
MSE 'L-peptide linking' n SELENOMETHIONINE     ? 'C5 H11 N O2 Se' 196.106 
PHE 'L-peptide linking' y PHENYLALANINE        ? 'C9 H11 N O2'    165.189 
PRO 'L-peptide linking' y PROLINE              ? 'C5 H9 N O2'     115.130 
SER 'L-peptide linking' y SERINE               ? 'C3 H7 N O3'     105.093 
THR 'L-peptide linking' y THREONINE            ? 'C4 H9 N O3'     119.119 
TRP 'L-peptide linking' y TRYPTOPHAN           ? 'C11 H12 N2 O2'  204.225 
TYR 'L-peptide linking' y TYROSINE             ? 'C9 H11 N O3'    181.189 
VAL 'L-peptide linking' y VALINE               ? 'C5 H11 N O2'    117.146 
# 
loop_
_pdbx_poly_seq_scheme.asym_id 
_pdbx_poly_seq_scheme.entity_id 
_pdbx_poly_seq_scheme.seq_id 
_pdbx_poly_seq_scheme.mon_id 
_pdbx_poly_seq_scheme.ndb_seq_num 
_pdbx_poly_seq_scheme.pdb_seq_num 
_pdbx_poly_seq_scheme.auth_seq_num 
_pdbx_poly_seq_scheme.pdb_mon_id 
_pdbx_poly_seq_scheme.auth_mon_id 
_pdbx_poly_seq_scheme.pdb_strand_id 
_pdbx_poly_seq_scheme.pdb_ins_code 
_pdbx_poly_seq_scheme.hetero 
A 1 1   MSE 1   1   ?   ?   ?   A . n 
A 1 2   SER 2   2   ?   ?   ?   A . n 
A 1 3   GLU 3   3   ?   ?   ?   A . n 
A 1 4   ASN 4   4   ?   ?   ?   A . n 
A 1 5   GLN 5   5   ?   ?   ?   A . n 
A 1 6   ASN 6   6   ?   ?   ?   A . n 
A 1 7   GLU 7   7   ?   ?   ?   A . n 
A 1 8   LYS 8   8   8   LYS LYS A . n 
A 1 9   VAL 9   9   9   VAL VAL A . n 
A 1 10  TYR 10  10  10  TYR TYR A . n 
A 1 11  ASP 11  11  11  ASP ASP A . n 
A 1 12  LEU 12  12  12  LEU LEU A . n 
A 1 13  SER 13  13  13  SER SER A . n 
A 1 14  PHE 14  14  14  PHE PHE A . n 
A 1 15  PHE 15  15  15  PHE PHE A . n 
A 1 16  MSE 16  16  16  MSE MSE A . n 
A 1 17  PRO 17  17  17  PRO PRO A . n 
A 1 18  GLY 18  18  18  GLY GLY A . n 
A 1 19  GLN 19  19  19  GLN GLN A . n 
A 1 20  THR 20  20  20  THR THR A . n 
A 1 21  ILE 21  21  21  ILE ILE A . n 
A 1 22  ASP 22  22  22  ASP ASP A . n 
A 1 23  ALA 23  23  23  ALA ALA A . n 
A 1 24  GLU 24  24  24  GLU GLU A . n 
A 1 25  GLU 25  25  25  GLU GLU A . n 
A 1 26  VAL 26  26  26  VAL VAL A . n 
A 1 27  GLU 27  27  27  GLU GLU A . n 
A 1 28  VAL 28  28  28  VAL VAL A . n 
A 1 29  PRO 29  29  29  PRO PRO A . n 
A 1 30  ILE 30  30  30  ILE ILE A . n 
A 1 31  SER 31  31  31  SER SER A . n 
A 1 32  LYS 32  32  32  LYS LYS A . n 
A 1 33  ARG 33  33  33  ARG ARG A . n 
A 1 34  PHE 34  34  34  PHE PHE A . n 
A 1 35  VAL 35  35  35  VAL VAL A . n 
A 1 36  ASP 36  36  36  ASP ASP A . n 
A 1 37  LYS 37  37  37  LYS LYS A . n 
A 1 38  GLU 38  38  38  GLU GLU A . n 
A 1 39  GLY 39  39  39  GLY GLY A . n 
A 1 40  ASN 40  40  40  ASN ASN A . n 
A 1 41  VAL 41  41  41  VAL VAL A . n 
A 1 42  VAL 42  42  42  VAL VAL A . n 
A 1 43  PRO 43  43  43  PRO PRO A . n 
A 1 44  PHE 44  44  44  PHE PHE A . n 
A 1 45  ILE 45  45  45  ILE ILE A . n 
A 1 46  PHE 46  46  46  PHE PHE A . n 
A 1 47  LYS 47  47  47  LYS LYS A . n 
A 1 48  ALA 48  48  48  ALA ALA A . n 
A 1 49  ILE 49  49  49  ILE ILE A . n 
A 1 50  THR 50  50  50  THR THR A . n 
A 1 51  THR 51  51  51  THR THR A . n 
A 1 52  ASP 52  52  52  ASP ASP A . n 
A 1 53  ARG 53  53  53  ARG ARG A . n 
A 1 54  ILE 54  54  54  ILE ILE A . n 
A 1 55  ASP 55  55  55  ASP ASP A . n 
A 1 56  GLU 56  56  56  GLU GLU A . n 
A 1 57  LEU 57  57  57  LEU LEU A . n 
A 1 58  GLU 58  58  58  GLU GLU A . n 
A 1 59  LYS 59  59  59  LYS LYS A . n 
A 1 60  GLU 60  60  60  GLU GLU A . n 
A 1 61  ASN 61  61  61  ASN ASN A . n 
A 1 62  THR 62  62  62  THR THR A . n 
A 1 63  THR 63  63  63  THR THR A . n 
A 1 64  TYR 64  64  ?   ?   ?   A . n 
A 1 65  LYS 65  65  ?   ?   ?   A . n 
A 1 66  ASN 66  66  ?   ?   ?   A . n 
A 1 67  VAL 67  67  ?   ?   ?   A . n 
A 1 68  LYS 68  68  ?   ?   ?   A . n 
A 1 69  GLY 69  69  ?   ?   ?   A . n 
A 1 70  ARG 70  70  ?   ?   ?   A . n 
A 1 71  GLY 71  71  ?   ?   ?   A . n 
A 1 72  ARG 72  72  ?   ?   ?   A . n 
A 1 73  VAL 73  73  ?   ?   ?   A . n 
A 1 74  LYS 74  74  ?   ?   ?   A . n 
A 1 75  GLU 75  75  75  GLU GLU A . n 
A 1 76  LEU 76  76  76  LEU LEU A . n 
A 1 77  ASP 77  77  77  ASP ASP A . n 
A 1 78  SER 78  78  78  SER SER A . n 
A 1 79  GLN 79  79  79  GLN GLN A . n 
A 1 80  ARG 80  80  80  ARG ARG A . n 
A 1 81  PHE 81  81  81  PHE PHE A . n 
A 1 82  TYR 82  82  82  TYR TYR A . n 
A 1 83  ALA 83  83  83  ALA ALA A . n 
A 1 84  ARG 84  84  84  ARG ARG A . n 
A 1 85  ILE 85  85  85  ILE ILE A . n 
A 1 86  ALA 86  86  86  ALA ALA A . n 
A 1 87  VAL 87  87  87  VAL VAL A . n 
A 1 88  GLU 88  88  88  GLU GLU A . n 
A 1 89  THR 89  89  89  THR THR A . n 
A 1 90  THR 90  90  90  THR THR A . n 
A 1 91  VAL 91  91  91  VAL VAL A . n 
A 1 92  TYR 92  92  92  TYR TYR A . n 
A 1 93  PRO 93  93  93  PRO PRO A . n 
A 1 94  THR 94  94  94  THR THR A . n 
A 1 95  PHE 95  95  95  PHE PHE A . n 
A 1 96  LYS 96  96  96  LYS LYS A . n 
A 1 97  ALA 97  97  97  ALA ALA A . n 
A 1 98  LYS 98  98  98  LYS LYS A . n 
A 1 99  GLU 99  99  99  GLU GLU A . n 
A 1 100 LEU 100 100 100 LEU LEU A . n 
A 1 101 ARG 101 101 101 ARG ARG A . n 
A 1 102 GLU 102 102 102 GLU GLU A . n 
A 1 103 ALA 103 103 103 ALA ALA A . n 
A 1 104 TYR 104 104 104 TYR TYR A . n 
A 1 105 LYS 105 105 105 LYS LYS A . n 
A 1 106 THR 106 106 106 THR THR A . n 
A 1 107 GLU 107 107 107 GLU GLU A . n 
A 1 108 ASP 108 108 108 ASP ASP A . n 
A 1 109 PRO 109 109 109 PRO PRO A . n 
A 1 110 VAL 110 110 110 VAL VAL A . n 
A 1 111 GLU 111 111 111 GLU GLU A . n 
A 1 112 VAL 112 112 112 VAL VAL A . n 
A 1 113 ALA 113 113 113 ALA ALA A . n 
A 1 114 LYS 114 114 114 LYS LYS A . n 
A 1 115 ARG 115 115 115 ARG ARG A . n 
A 1 116 VAL 116 116 116 VAL VAL A . n 
A 1 117 LEU 117 117 117 LEU LEU A . n 
A 1 118 SER 118 118 118 SER SER A . n 
A 1 119 VAL 119 119 119 VAL VAL A . n 
A 1 120 GLY 120 120 120 GLY GLY A . n 
A 1 121 GLY 121 121 121 GLY GLY A . n 
A 1 122 GLU 122 122 122 GLU GLU A . n 
A 1 123 TYR 123 123 123 TYR TYR A . n 
A 1 124 ALA 124 124 124 ALA ALA A . n 
A 1 125 ASN 125 125 125 ASN ASN A . n 
A 1 126 TRP 126 126 126 TRP TRP A . n 
A 1 127 LEU 127 127 127 LEU LEU A . n 
A 1 128 ASN 128 128 128 ASN ASN A . n 
A 1 129 LYS 129 129 129 LYS LYS A . n 
A 1 130 ALA 130 130 130 ALA ALA A . n 
A 1 131 ILE 131 131 131 ILE ILE A . n 
A 1 132 GLU 132 132 132 GLU GLU A . n 
A 1 133 ILE 133 133 133 ILE ILE A . n 
A 1 134 ASN 134 134 134 ASN ASN A . n 
A 1 135 GLY 135 135 135 GLY GLY A . n 
A 1 136 PHE 136 136 136 PHE PHE A . n 
A 1 137 ASP 137 137 137 ASP ASP A . n 
A 1 138 ASP 138 138 ?   ?   ?   A . n 
A 1 139 ASP 139 139 ?   ?   ?   A . n 
A 1 140 LEU 140 140 ?   ?   ?   A . n 
A 1 141 GLU 141 141 ?   ?   ?   A . n 
A 1 142 ASP 142 142 ?   ?   ?   A . n 
A 1 143 LEU 143 143 ?   ?   ?   A . n 
A 1 144 GLU 144 144 ?   ?   ?   A . n 
A 1 145 GLU 145 145 ?   ?   ?   A . n 
A 1 146 ALA 146 146 ?   ?   ?   A . n 
A 1 147 ALA 147 147 ?   ?   ?   A . n 
A 1 148 LYS 148 148 ?   ?   ?   A . n 
A 1 149 ASN 149 149 ?   ?   ?   A . n 
A 1 150 LEU 150 150 ?   ?   ?   A . n 
A 1 151 GLU 151 151 ?   ?   ?   A . n 
A 1 152 HIS 152 152 ?   ?   ?   A . n 
A 1 153 HIS 153 153 ?   ?   ?   A . n 
A 1 154 HIS 154 154 ?   ?   ?   A . n 
A 1 155 HIS 155 155 ?   ?   ?   A . n 
A 1 156 HIS 156 156 ?   ?   ?   A . n 
A 1 157 HIS 157 157 ?   ?   ?   A . n 
# 
loop_
_pdbx_nonpoly_scheme.asym_id 
_pdbx_nonpoly_scheme.entity_id 
_pdbx_nonpoly_scheme.mon_id 
_pdbx_nonpoly_scheme.ndb_seq_num 
_pdbx_nonpoly_scheme.pdb_seq_num 
_pdbx_nonpoly_scheme.auth_seq_num 
_pdbx_nonpoly_scheme.pdb_mon_id 
_pdbx_nonpoly_scheme.auth_mon_id 
_pdbx_nonpoly_scheme.pdb_strand_id 
_pdbx_nonpoly_scheme.pdb_ins_code 
B 2 MN  1  158 158 MN  MN  A . 
C 3 HOH 1  159 159 HOH HOH A . 
C 3 HOH 2  160 160 HOH HOH A . 
C 3 HOH 3  161 161 HOH HOH A . 
C 3 HOH 4  162 162 HOH HOH A . 
C 3 HOH 5  163 163 HOH HOH A . 
C 3 HOH 6  164 164 HOH HOH A . 
C 3 HOH 7  165 165 HOH HOH A . 
C 3 HOH 8  166 166 HOH HOH A . 
C 3 HOH 9  167 167 HOH HOH A . 
C 3 HOH 10 168 168 HOH HOH A . 
C 3 HOH 11 169 169 HOH HOH A . 
C 3 HOH 12 170 170 HOH HOH A . 
C 3 HOH 13 171 171 HOH HOH A . 
C 3 HOH 14 172 172 HOH HOH A . 
C 3 HOH 15 173 173 HOH HOH A . 
C 3 HOH 16 174 174 HOH HOH A . 
C 3 HOH 17 176 176 HOH HOH A . 
C 3 HOH 18 177 177 HOH HOH A . 
C 3 HOH 19 178 178 HOH HOH A . 
C 3 HOH 20 179 179 HOH HOH A . 
C 3 HOH 21 181 181 HOH HOH A . 
C 3 HOH 22 182 182 HOH HOH A . 
C 3 HOH 23 183 183 HOH HOH A . 
C 3 HOH 24 184 184 HOH HOH A . 
C 3 HOH 25 185 185 HOH HOH A . 
C 3 HOH 26 186 186 HOH HOH A . 
# 
loop_
_software.name 
_software.classification 
_software.version 
_software.citation_id 
_software.pdbx_ordinal 
ADSC      'data collection' Quantum ? 1 
SOLVE     phasing           .       ? 2 
CNS       refinement        1.2     ? 3 
HKL-2000  'data reduction'  .       ? 4 
SCALEPACK 'data scaling'    .       ? 5 
# 
_cell.entry_id           3KLU 
_cell.length_a           70.101 
_cell.length_b           70.101 
_cell.length_c           59.161 
_cell.angle_alpha        90.00 
_cell.angle_beta         90.00 
_cell.angle_gamma        120.00 
_cell.Z_PDB              6 
_cell.pdbx_unique_axis   ? 
# 
_symmetry.entry_id                         3KLU 
_symmetry.space_group_name_H-M             'P 65' 
_symmetry.pdbx_full_space_group_name_H-M   ? 
_symmetry.cell_setting                     ? 
_symmetry.Int_Tables_number                170 
# 
_exptl.entry_id          3KLU 
_exptl.method            'X-RAY DIFFRACTION' 
_exptl.crystals_number   1 
# 
_exptl_crystal.id                    1 
_exptl_crystal.density_meas          ? 
_exptl_crystal.density_Matthews      2.29 
_exptl_crystal.density_percent_sol   46.29 
_exptl_crystal.description           ? 
_exptl_crystal.F_000                 ? 
_exptl_crystal.preparation           ? 
# 
_exptl_crystal_grow.crystal_id      1 
_exptl_crystal_grow.method          'VAPOR DIFFUSION, HANGING DROP' 
_exptl_crystal_grow.temp            293 
_exptl_crystal_grow.temp_details    ? 
_exptl_crystal_grow.pH              5.0 
_exptl_crystal_grow.pdbx_details    
;PEG1000 20%, 0.1M MNCL2,   0.1M            
NAACETATE, pH 5.0, VAPOR DIFFUSION, HANGING DROP, temperature 293K
;
_exptl_crystal_grow.pdbx_pH_range   ? 
# 
_diffrn.id                     1 
_diffrn.ambient_temp           100 
_diffrn.ambient_temp_details   ? 
_diffrn.crystal_id             1 
# 
_diffrn_detector.diffrn_id              1 
_diffrn_detector.detector               CCD 
_diffrn_detector.type                   'ADSC QUANTUM 4' 
_diffrn_detector.pdbx_collection_date   ? 
_diffrn_detector.details                mirror 
# 
_diffrn_radiation.diffrn_id                        1 
_diffrn_radiation.wavelength_id                    1 
_diffrn_radiation.pdbx_monochromatic_or_laue_m_l   M 
_diffrn_radiation.monochromator                    'Si(222)' 
_diffrn_radiation.pdbx_diffrn_protocol             MAD 
_diffrn_radiation.pdbx_scattering_type             x-ray 
# 
loop_
_diffrn_radiation_wavelength.id 
_diffrn_radiation_wavelength.wavelength 
_diffrn_radiation_wavelength.wt 
1 0.9791 1.0 
2 0.9679 1.0 
3 0.9794 1.0 
# 
_diffrn_source.diffrn_id                   1 
_diffrn_source.source                      SYNCHROTRON 
_diffrn_source.type                        'NSLS BEAMLINE X4A' 
_diffrn_source.pdbx_synchrotron_site       NSLS 
_diffrn_source.pdbx_synchrotron_beamline   X4A 
_diffrn_source.pdbx_wavelength             ? 
_diffrn_source.pdbx_wavelength_list        '0.9791, 0.9679, 0.9794' 
# 
_reflns.entry_id                     3KLU 
_reflns.observed_criterion_sigma_I   -3 
_reflns.observed_criterion_sigma_F   ? 
_reflns.d_resolution_low             50 
_reflns.d_resolution_high            2.2 
_reflns.number_obs                   16390 
_reflns.number_all                   ? 
_reflns.percent_possible_obs         99.1 
_reflns.pdbx_Rmerge_I_obs            0.117 
_reflns.pdbx_Rsym_value              ? 
_reflns.pdbx_netI_over_sigmaI        14.5 
_reflns.B_iso_Wilson_estimate        ? 
_reflns.pdbx_redundancy              11.8 
_reflns.R_free_details               ? 
_reflns.limit_h_max                  ? 
_reflns.limit_h_min                  ? 
_reflns.limit_k_max                  ? 
_reflns.limit_k_min                  ? 
_reflns.limit_l_max                  ? 
_reflns.limit_l_min                  ? 
_reflns.observed_criterion_F_max     ? 
_reflns.observed_criterion_F_min     ? 
_reflns.pdbx_chi_squared             ? 
_reflns.pdbx_scaling_rejects         ? 
_reflns.pdbx_diffrn_id               1 
_reflns.pdbx_ordinal                 1 
# 
_reflns_shell.d_res_high             2.20 
_reflns_shell.d_res_low              2.28 
_reflns_shell.percent_possible_all   ? 
_reflns_shell.Rmerge_I_obs           0.447 
_reflns_shell.pdbx_Rsym_value        ? 
_reflns_shell.meanI_over_sigI_obs    3.7 
_reflns_shell.pdbx_redundancy        ? 
_reflns_shell.percent_possible_obs   ? 
_reflns_shell.number_unique_all      ? 
_reflns_shell.number_measured_all    ? 
_reflns_shell.number_measured_obs    ? 
_reflns_shell.number_unique_obs      ? 
_reflns_shell.pdbx_chi_squared       ? 
_reflns_shell.pdbx_diffrn_id         ? 
_reflns_shell.pdbx_ordinal           1 
# 
_refine.entry_id                                 3KLU 
_refine.ls_number_reflns_obs                     16390 
_refine.ls_number_reflns_all                     ? 
_refine.pdbx_ls_sigma_I                          ? 
_refine.pdbx_ls_sigma_F                          2 
_refine.pdbx_data_cutoff_high_absF               ? 
_refine.pdbx_data_cutoff_low_absF                ? 
_refine.pdbx_data_cutoff_high_rms_absF           ? 
_refine.ls_d_res_low                             20.0 
_refine.ls_d_res_high                            2.20 
_refine.ls_percent_reflns_obs                    86.0 
_refine.ls_R_factor_obs                          ? 
_refine.ls_R_factor_all                          ? 
_refine.ls_R_factor_R_work                       0.225 
_refine.ls_R_factor_R_free                       0.246 
_refine.ls_R_factor_R_free_error                 ? 
_refine.ls_R_factor_R_free_error_details         ? 
_refine.ls_percent_reflns_R_free                 ? 
_refine.ls_number_reflns_R_free                  ? 
_refine.ls_number_parameters                     ? 
_refine.ls_number_restraints                     ? 
_refine.occupancy_min                            ? 
_refine.occupancy_max                            ? 
_refine.correlation_coeff_Fo_to_Fc               ? 
_refine.correlation_coeff_Fo_to_Fc_free          ? 
_refine.B_iso_mean                               ? 
_refine.aniso_B[1][1]                            ? 
_refine.aniso_B[2][2]                            ? 
_refine.aniso_B[3][3]                            ? 
_refine.aniso_B[1][2]                            ? 
_refine.aniso_B[1][3]                            ? 
_refine.aniso_B[2][3]                            ? 
_refine.solvent_model_details                    ? 
_refine.solvent_model_param_ksol                 ? 
_refine.solvent_model_param_bsol                 ? 
_refine.pdbx_solvent_vdw_probe_radii             ? 
_refine.pdbx_solvent_ion_probe_radii             ? 
_refine.pdbx_solvent_shrinkage_radii             ? 
_refine.pdbx_ls_cross_valid_method               ? 
_refine.details                                  ? 
_refine.pdbx_starting_model                      ? 
_refine.pdbx_method_to_determine_struct          MAD 
_refine.pdbx_isotropic_thermal_model             ? 
_refine.pdbx_stereochemistry_target_values       'Engh & Huber' 
_refine.pdbx_stereochem_target_val_spec_case     ? 
_refine.pdbx_R_Free_selection_details            ? 
_refine.pdbx_overall_ESU_R                       ? 
_refine.pdbx_overall_ESU_R_Free                  ? 
_refine.overall_SU_ML                            ? 
_refine.overall_SU_B                             ? 
_refine.ls_redundancy_reflns_obs                 ? 
_refine.B_iso_min                                ? 
_refine.B_iso_max                                ? 
_refine.overall_SU_R_Cruickshank_DPI             ? 
_refine.overall_SU_R_free                        ? 
_refine.ls_wR_factor_R_free                      ? 
_refine.ls_wR_factor_R_work                      ? 
_refine.overall_FOM_free_R_set                   ? 
_refine.overall_FOM_work_R_set                   ? 
_refine.pdbx_overall_phase_error                 ? 
_refine.pdbx_refine_id                           'X-RAY DIFFRACTION' 
_refine.pdbx_diffrn_id                           1 
_refine.pdbx_TLS_residual_ADP_flag               ? 
_refine.pdbx_overall_SU_R_free_Cruickshank_DPI   ? 
_refine.pdbx_overall_SU_R_Blow_DPI               ? 
_refine.pdbx_overall_SU_R_free_Blow_DPI          ? 
# 
_refine_hist.pdbx_refine_id                   'X-RAY DIFFRACTION' 
_refine_hist.cycle_id                         LAST 
_refine_hist.pdbx_number_atoms_protein        966 
_refine_hist.pdbx_number_atoms_nucleic_acid   0 
_refine_hist.pdbx_number_atoms_ligand         1 
_refine_hist.number_atoms_solvent             26 
_refine_hist.number_atoms_total               993 
_refine_hist.d_res_high                       2.20 
_refine_hist.d_res_low                        20.0 
# 
_struct.entry_id                  3KLU 
_struct.title                     'Crystal structure of the protein yqbn. northeast structural genomics consortium target sr445.' 
_struct.pdbx_model_details        ? 
_struct.pdbx_CASP_flag            ? 
_struct.pdbx_model_type_details   ? 
# 
_struct_keywords.entry_id        3KLU 
_struct_keywords.pdbx_keywords   'structural genomics, unknown function' 
_struct_keywords.text            
'NESG, STRUCTURAL GENOMICS, PSI-2, PROTEIN STRUCTURE INITIATIVE, NORTHEAST STRUCTURAL GENOMICS CONSORTIUM, UNKNOWN FUNCTION' 
# 
loop_
_struct_asym.id 
_struct_asym.pdbx_blank_PDB_chainid_flag 
_struct_asym.pdbx_modified 
_struct_asym.entity_id 
_struct_asym.details 
A N N 1 ? 
B N N 2 ? 
C N N 3 ? 
# 
_struct_ref.id                         1 
_struct_ref.db_name                    UNP 
_struct_ref.db_code                    YQBN_BACSU 
_struct_ref.pdbx_db_accession          P45930 
_struct_ref.entity_id                  1 
_struct_ref.pdbx_seq_one_letter_code   
;MSENQNEKVYDLSFFMPGQTIDAEEVEVPISKRFVDKEGNVVPFIFKAITTDRIDELEKENTTYKNVKGRGRVKELDSQR
FYARIAVETTVYPTFKAKELREAYKTEDPVEVAKRVLSVGGEYANWLNKAIEINGFDDDLEDLEEAAKN
;
_struct_ref.pdbx_align_begin           1 
_struct_ref.pdbx_db_isoform            ? 
# 
_struct_ref_seq.align_id                      1 
_struct_ref_seq.ref_id                        1 
_struct_ref_seq.pdbx_PDB_id_code              3KLU 
_struct_ref_seq.pdbx_strand_id                A 
_struct_ref_seq.seq_align_beg                 1 
_struct_ref_seq.pdbx_seq_align_beg_ins_code   ? 
_struct_ref_seq.seq_align_end                 149 
_struct_ref_seq.pdbx_seq_align_end_ins_code   ? 
_struct_ref_seq.pdbx_db_accession             P45930 
_struct_ref_seq.db_align_beg                  1 
_struct_ref_seq.pdbx_db_align_beg_ins_code    ? 
_struct_ref_seq.db_align_end                  149 
_struct_ref_seq.pdbx_db_align_end_ins_code    ? 
_struct_ref_seq.pdbx_auth_seq_align_beg       1 
_struct_ref_seq.pdbx_auth_seq_align_end       149 
# 
loop_
_struct_ref_seq_dif.align_id 
_struct_ref_seq_dif.pdbx_pdb_id_code 
_struct_ref_seq_dif.mon_id 
_struct_ref_seq_dif.pdbx_pdb_strand_id 
_struct_ref_seq_dif.seq_num 
_struct_ref_seq_dif.pdbx_pdb_ins_code 
_struct_ref_seq_dif.pdbx_seq_db_name 
_struct_ref_seq_dif.pdbx_seq_db_accession_code 
_struct_ref_seq_dif.db_mon_id 
_struct_ref_seq_dif.pdbx_seq_db_seq_num 
_struct_ref_seq_dif.details 
_struct_ref_seq_dif.pdbx_auth_seq_num 
_struct_ref_seq_dif.pdbx_ordinal 
1 3KLU LEU A 150 ? UNP P45930 ? ? 'expression tag' 150 1 
1 3KLU GLU A 151 ? UNP P45930 ? ? 'expression tag' 151 2 
1 3KLU HIS A 152 ? UNP P45930 ? ? 'expression tag' 152 3 
1 3KLU HIS A 153 ? UNP P45930 ? ? 'expression tag' 153 4 
1 3KLU HIS A 154 ? UNP P45930 ? ? 'expression tag' 154 5 
1 3KLU HIS A 155 ? UNP P45930 ? ? 'expression tag' 155 6 
1 3KLU HIS A 156 ? UNP P45930 ? ? 'expression tag' 156 7 
1 3KLU HIS A 157 ? UNP P45930 ? ? 'expression tag' 157 8 
# 
_pdbx_struct_assembly.id                   1 
_pdbx_struct_assembly.details              author_and_software_defined_assembly 
_pdbx_struct_assembly.method_details       PISA 
_pdbx_struct_assembly.oligomeric_details   monomeric 
_pdbx_struct_assembly.oligomeric_count     1 
# 
_pdbx_struct_assembly_gen.assembly_id       1 
_pdbx_struct_assembly_gen.oper_expression   1 
_pdbx_struct_assembly_gen.asym_id_list      A,B,C 
# 
_pdbx_struct_oper_list.id                   1 
_pdbx_struct_oper_list.type                 'identity operation' 
_pdbx_struct_oper_list.name                 1_555 
_pdbx_struct_oper_list.symmetry_operation   x,y,z 
_pdbx_struct_oper_list.matrix[1][1]         1.0000000000 
_pdbx_struct_oper_list.matrix[1][2]         0.0000000000 
_pdbx_struct_oper_list.matrix[1][3]         0.0000000000 
_pdbx_struct_oper_list.vector[1]            0.0000000000 
_pdbx_struct_oper_list.matrix[2][1]         0.0000000000 
_pdbx_struct_oper_list.matrix[2][2]         1.0000000000 
_pdbx_struct_oper_list.matrix[2][3]         0.0000000000 
_pdbx_struct_oper_list.vector[2]            0.0000000000 
_pdbx_struct_oper_list.matrix[3][1]         0.0000000000 
_pdbx_struct_oper_list.matrix[3][2]         0.0000000000 
_pdbx_struct_oper_list.matrix[3][3]         1.0000000000 
_pdbx_struct_oper_list.vector[3]            0.0000000000 
# 
_struct_biol.id        1 
_struct_biol.details   ? 
# 
loop_
_struct_conf.conf_type_id 
_struct_conf.id 
_struct_conf.pdbx_PDB_helix_id 
_struct_conf.beg_label_comp_id 
_struct_conf.beg_label_asym_id 
_struct_conf.beg_label_seq_id 
_struct_conf.pdbx_beg_PDB_ins_code 
_struct_conf.end_label_comp_id 
_struct_conf.end_label_asym_id 
_struct_conf.end_label_seq_id 
_struct_conf.pdbx_end_PDB_ins_code 
_struct_conf.beg_auth_comp_id 
_struct_conf.beg_auth_asym_id 
_struct_conf.beg_auth_seq_id 
_struct_conf.end_auth_comp_id 
_struct_conf.end_auth_asym_id 
_struct_conf.end_auth_seq_id 
_struct_conf.pdbx_PDB_helix_class 
_struct_conf.details 
_struct_conf.pdbx_PDB_helix_length 
HELX_P HELX_P1 1 ASP A 11  ? MSE A 16  ? ASP A 11  MSE A 16  5 ? 6  
HELX_P HELX_P2 2 THR A 50  ? ASN A 61  ? THR A 50  ASN A 61  1 ? 12 
HELX_P HELX_P3 3 ASP A 77  ? THR A 89  ? ASP A 77  THR A 89  1 ? 13 
HELX_P HELX_P4 4 ALA A 97  ? TYR A 104 ? ALA A 97  TYR A 104 1 ? 8  
HELX_P HELX_P5 5 ASP A 108 ? LEU A 117 ? ASP A 108 LEU A 117 1 ? 10 
HELX_P HELX_P6 6 VAL A 119 ? ASN A 134 ? VAL A 119 ASN A 134 1 ? 16 
# 
_struct_conf_type.id          HELX_P 
_struct_conf_type.criteria    ? 
_struct_conf_type.reference   ? 
# 
_struct_conn.id                            covale1 
_struct_conn.conn_type_id                  covale 
_struct_conn.pdbx_leaving_atom_flag        both 
_struct_conn.pdbx_PDB_id                   ? 
_struct_conn.ptnr1_label_asym_id           A 
_struct_conn.ptnr1_label_comp_id           MSE 
_struct_conn.ptnr1_label_seq_id            16 
_struct_conn.ptnr1_label_atom_id           C 
_struct_conn.pdbx_ptnr1_label_alt_id       ? 
_struct_conn.pdbx_ptnr1_PDB_ins_code       ? 
_struct_conn.pdbx_ptnr1_standard_comp_id   ? 
_struct_conn.ptnr1_symmetry                1_555 
_struct_conn.ptnr2_label_asym_id           A 
_struct_conn.ptnr2_label_comp_id           PRO 
_struct_conn.ptnr2_label_seq_id            17 
_struct_conn.ptnr2_label_atom_id           N 
_struct_conn.pdbx_ptnr2_label_alt_id       ? 
_struct_conn.pdbx_ptnr2_PDB_ins_code       ? 
_struct_conn.ptnr1_auth_asym_id            A 
_struct_conn.ptnr1_auth_comp_id            MSE 
_struct_conn.ptnr1_auth_seq_id             16 
_struct_conn.ptnr2_auth_asym_id            A 
_struct_conn.ptnr2_auth_comp_id            PRO 
_struct_conn.ptnr2_auth_seq_id             17 
_struct_conn.ptnr2_symmetry                1_555 
_struct_conn.pdbx_ptnr3_label_atom_id      ? 
_struct_conn.pdbx_ptnr3_label_seq_id       ? 
_struct_conn.pdbx_ptnr3_label_comp_id      ? 
_struct_conn.pdbx_ptnr3_label_asym_id      ? 
_struct_conn.pdbx_ptnr3_label_alt_id       ? 
_struct_conn.pdbx_ptnr3_PDB_ins_code       ? 
_struct_conn.details                       ? 
_struct_conn.pdbx_dist_value               1.341 
_struct_conn.pdbx_value_order              ? 
_struct_conn.pdbx_role                     ? 
# 
_struct_conn_type.id          covale 
_struct_conn_type.criteria    ? 
_struct_conn_type.reference   ? 
# 
_pdbx_modification_feature.ordinal                            1 
_pdbx_modification_feature.label_comp_id                      MSE 
_pdbx_modification_feature.label_asym_id                      A 
_pdbx_modification_feature.label_seq_id                       16 
_pdbx_modification_feature.label_alt_id                       ? 
_pdbx_modification_feature.modified_residue_label_comp_id     . 
_pdbx_modification_feature.modified_residue_label_asym_id     . 
_pdbx_modification_feature.modified_residue_label_seq_id      . 
_pdbx_modification_feature.modified_residue_label_alt_id      . 
_pdbx_modification_feature.auth_comp_id                       MSE 
_pdbx_modification_feature.auth_asym_id                       A 
_pdbx_modification_feature.auth_seq_id                        16 
_pdbx_modification_feature.PDB_ins_code                       ? 
_pdbx_modification_feature.symmetry                           1_555 
_pdbx_modification_feature.modified_residue_auth_comp_id      . 
_pdbx_modification_feature.modified_residue_auth_asym_id      . 
_pdbx_modification_feature.modified_residue_auth_seq_id       . 
_pdbx_modification_feature.modified_residue_PDB_ins_code      . 
_pdbx_modification_feature.modified_residue_symmetry          . 
_pdbx_modification_feature.comp_id_linking_atom               . 
_pdbx_modification_feature.modified_residue_id_linking_atom   . 
_pdbx_modification_feature.modified_residue_id                MET 
_pdbx_modification_feature.ref_pcm_id                         1 
_pdbx_modification_feature.ref_comp_id                        MSE 
_pdbx_modification_feature.type                               Selenomethionine 
_pdbx_modification_feature.category                           'Named protein modification' 
# 
_struct_mon_prot_cis.pdbx_id                1 
_struct_mon_prot_cis.label_comp_id          TYR 
_struct_mon_prot_cis.label_seq_id           92 
_struct_mon_prot_cis.label_asym_id          A 
_struct_mon_prot_cis.label_alt_id           . 
_struct_mon_prot_cis.pdbx_PDB_ins_code      ? 
_struct_mon_prot_cis.auth_comp_id           TYR 
_struct_mon_prot_cis.auth_seq_id            92 
_struct_mon_prot_cis.auth_asym_id           A 
_struct_mon_prot_cis.pdbx_label_comp_id_2   PRO 
_struct_mon_prot_cis.pdbx_label_seq_id_2    93 
_struct_mon_prot_cis.pdbx_label_asym_id_2   A 
_struct_mon_prot_cis.pdbx_PDB_ins_code_2    ? 
_struct_mon_prot_cis.pdbx_auth_comp_id_2    PRO 
_struct_mon_prot_cis.pdbx_auth_seq_id_2     93 
_struct_mon_prot_cis.pdbx_auth_asym_id_2    A 
_struct_mon_prot_cis.pdbx_PDB_model_num     1 
_struct_mon_prot_cis.pdbx_omega_angle       0.50 
# 
_struct_sheet.id               A 
_struct_sheet.type             ? 
_struct_sheet.number_strands   3 
_struct_sheet.details          ? 
# 
loop_
_struct_sheet_order.sheet_id 
_struct_sheet_order.range_id_1 
_struct_sheet_order.range_id_2 
_struct_sheet_order.offset 
_struct_sheet_order.sense 
A 1 2 ? anti-parallel 
A 2 3 ? anti-parallel 
# 
loop_
_struct_sheet_range.sheet_id 
_struct_sheet_range.id 
_struct_sheet_range.beg_label_comp_id 
_struct_sheet_range.beg_label_asym_id 
_struct_sheet_range.beg_label_seq_id 
_struct_sheet_range.pdbx_beg_PDB_ins_code 
_struct_sheet_range.end_label_comp_id 
_struct_sheet_range.end_label_asym_id 
_struct_sheet_range.end_label_seq_id 
_struct_sheet_range.pdbx_end_PDB_ins_code 
_struct_sheet_range.beg_auth_comp_id 
_struct_sheet_range.beg_auth_asym_id 
_struct_sheet_range.beg_auth_seq_id 
_struct_sheet_range.end_auth_comp_id 
_struct_sheet_range.end_auth_asym_id 
_struct_sheet_range.end_auth_seq_id 
A 1 VAL A 26 ? VAL A 28 ? VAL A 26 VAL A 28 
A 2 PHE A 44 ? PHE A 46 ? PHE A 44 PHE A 46 
A 3 THR A 90 ? TYR A 92 ? THR A 90 TYR A 92 
# 
loop_
_pdbx_struct_sheet_hbond.sheet_id 
_pdbx_struct_sheet_hbond.range_id_1 
_pdbx_struct_sheet_hbond.range_id_2 
_pdbx_struct_sheet_hbond.range_1_label_atom_id 
_pdbx_struct_sheet_hbond.range_1_label_comp_id 
_pdbx_struct_sheet_hbond.range_1_label_asym_id 
_pdbx_struct_sheet_hbond.range_1_label_seq_id 
_pdbx_struct_sheet_hbond.range_1_PDB_ins_code 
_pdbx_struct_sheet_hbond.range_1_auth_atom_id 
_pdbx_struct_sheet_hbond.range_1_auth_comp_id 
_pdbx_struct_sheet_hbond.range_1_auth_asym_id 
_pdbx_struct_sheet_hbond.range_1_auth_seq_id 
_pdbx_struct_sheet_hbond.range_2_label_atom_id 
_pdbx_struct_sheet_hbond.range_2_label_comp_id 
_pdbx_struct_sheet_hbond.range_2_label_asym_id 
_pdbx_struct_sheet_hbond.range_2_label_seq_id 
_pdbx_struct_sheet_hbond.range_2_PDB_ins_code 
_pdbx_struct_sheet_hbond.range_2_auth_atom_id 
_pdbx_struct_sheet_hbond.range_2_auth_comp_id 
_pdbx_struct_sheet_hbond.range_2_auth_asym_id 
_pdbx_struct_sheet_hbond.range_2_auth_seq_id 
A 1 2 N VAL A 28 ? N VAL A 28 O PHE A 44 ? O PHE A 44 
A 2 3 N ILE A 45 ? N ILE A 45 O TYR A 92 ? O TYR A 92 
# 
_struct_site.id                   AC1 
_struct_site.pdbx_evidence_code   Software 
_struct_site.pdbx_auth_asym_id    A 
_struct_site.pdbx_auth_comp_id    MN 
_struct_site.pdbx_auth_seq_id     158 
_struct_site.pdbx_auth_ins_code   ? 
_struct_site.pdbx_num_residues    4 
_struct_site.details              'BINDING SITE FOR RESIDUE MN A 158' 
# 
loop_
_struct_site_gen.id 
_struct_site_gen.site_id 
_struct_site_gen.pdbx_num_res 
_struct_site_gen.label_comp_id 
_struct_site_gen.label_asym_id 
_struct_site_gen.label_seq_id 
_struct_site_gen.pdbx_auth_ins_code 
_struct_site_gen.auth_comp_id 
_struct_site_gen.auth_asym_id 
_struct_site_gen.auth_seq_id 
_struct_site_gen.label_atom_id 
_struct_site_gen.label_alt_id 
_struct_site_gen.symmetry 
_struct_site_gen.details 
1 AC1 4 GLU A 38  ? GLU A 38  . ? 1_555 ? 
2 AC1 4 ASP A 52  ? ASP A 52  . ? 3_664 ? 
3 AC1 4 GLU A 111 ? GLU A 111 . ? 4_664 ? 
4 AC1 4 ARG A 115 ? ARG A 115 . ? 4_664 ? 
# 
_pdbx_entry_details.entry_id                   3KLU 
_pdbx_entry_details.compound_details           ? 
_pdbx_entry_details.source_details             ? 
_pdbx_entry_details.nonpolymer_details         ? 
_pdbx_entry_details.sequence_details           ? 
_pdbx_entry_details.has_ligand_of_interest     ? 
_pdbx_entry_details.has_protein_modification   Y 
# 
_pdbx_validate_rmsd_angle.id                         1 
_pdbx_validate_rmsd_angle.PDB_model_num              1 
_pdbx_validate_rmsd_angle.auth_atom_id_1             N 
_pdbx_validate_rmsd_angle.auth_asym_id_1             A 
_pdbx_validate_rmsd_angle.auth_comp_id_1             GLU 
_pdbx_validate_rmsd_angle.auth_seq_id_1              25 
_pdbx_validate_rmsd_angle.PDB_ins_code_1             ? 
_pdbx_validate_rmsd_angle.label_alt_id_1             ? 
_pdbx_validate_rmsd_angle.auth_atom_id_2             CA 
_pdbx_validate_rmsd_angle.auth_asym_id_2             A 
_pdbx_validate_rmsd_angle.auth_comp_id_2             GLU 
_pdbx_validate_rmsd_angle.auth_seq_id_2              25 
_pdbx_validate_rmsd_angle.PDB_ins_code_2             ? 
_pdbx_validate_rmsd_angle.label_alt_id_2             ? 
_pdbx_validate_rmsd_angle.auth_atom_id_3             C 
_pdbx_validate_rmsd_angle.auth_asym_id_3             A 
_pdbx_validate_rmsd_angle.auth_comp_id_3             GLU 
_pdbx_validate_rmsd_angle.auth_seq_id_3              25 
_pdbx_validate_rmsd_angle.PDB_ins_code_3             ? 
_pdbx_validate_rmsd_angle.label_alt_id_3             ? 
_pdbx_validate_rmsd_angle.angle_value                94.21 
_pdbx_validate_rmsd_angle.angle_target_value         111.00 
_pdbx_validate_rmsd_angle.angle_deviation            -16.79 
_pdbx_validate_rmsd_angle.angle_standard_deviation   2.70 
_pdbx_validate_rmsd_angle.linker_flag                N 
# 
loop_
_pdbx_validate_torsion.id 
_pdbx_validate_torsion.PDB_model_num 
_pdbx_validate_torsion.auth_comp_id 
_pdbx_validate_torsion.auth_asym_id 
_pdbx_validate_torsion.auth_seq_id 
_pdbx_validate_torsion.PDB_ins_code 
_pdbx_validate_torsion.label_alt_id 
_pdbx_validate_torsion.phi 
_pdbx_validate_torsion.psi 
1 1 VAL A 9  ? ? 20.74   101.18  
2 1 GLN A 19 ? ? 172.14  -79.06  
3 1 THR A 20 ? ? -32.71  112.62  
4 1 GLU A 24 ? ? -27.93  -127.26 
5 1 GLU A 25 ? ? 137.08  84.28   
6 1 LYS A 47 ? ? -163.30 113.05  
# 
_pdbx_SG_project.id                    1 
_pdbx_SG_project.project_name          'PSI, Protein Structure Initiative' 
_pdbx_SG_project.full_name_of_center   'Northeast Structural Genomics Consortium' 
_pdbx_SG_project.initial_of_center     NESG 
# 
_pdbx_struct_mod_residue.id               1 
_pdbx_struct_mod_residue.label_asym_id    A 
_pdbx_struct_mod_residue.label_comp_id    MSE 
_pdbx_struct_mod_residue.label_seq_id     16 
_pdbx_struct_mod_residue.auth_asym_id     A 
_pdbx_struct_mod_residue.auth_comp_id     MSE 
_pdbx_struct_mod_residue.auth_seq_id      16 
_pdbx_struct_mod_residue.PDB_ins_code     ? 
_pdbx_struct_mod_residue.parent_comp_id   MET 
_pdbx_struct_mod_residue.details          SELENOMETHIONINE 
# 
loop_
_pdbx_unobs_or_zero_occ_residues.id 
_pdbx_unobs_or_zero_occ_residues.PDB_model_num 
_pdbx_unobs_or_zero_occ_residues.polymer_flag 
_pdbx_unobs_or_zero_occ_residues.occupancy_flag 
_pdbx_unobs_or_zero_occ_residues.auth_asym_id 
_pdbx_unobs_or_zero_occ_residues.auth_comp_id 
_pdbx_unobs_or_zero_occ_residues.auth_seq_id 
_pdbx_unobs_or_zero_occ_residues.PDB_ins_code 
_pdbx_unobs_or_zero_occ_residues.label_asym_id 
_pdbx_unobs_or_zero_occ_residues.label_comp_id 
_pdbx_unobs_or_zero_occ_residues.label_seq_id 
1  1 Y 1 A MSE 1   ? A MSE 1   
2  1 Y 1 A SER 2   ? A SER 2   
3  1 Y 1 A GLU 3   ? A GLU 3   
4  1 Y 1 A ASN 4   ? A ASN 4   
5  1 Y 1 A GLN 5   ? A GLN 5   
6  1 Y 1 A ASN 6   ? A ASN 6   
7  1 Y 1 A GLU 7   ? A GLU 7   
8  1 Y 1 A TYR 64  ? A TYR 64  
9  1 Y 1 A LYS 65  ? A LYS 65  
10 1 Y 1 A ASN 66  ? A ASN 66  
11 1 Y 1 A VAL 67  ? A VAL 67  
12 1 Y 1 A LYS 68  ? A LYS 68  
13 1 Y 1 A GLY 69  ? A GLY 69  
14 1 Y 1 A ARG 70  ? A ARG 70  
15 1 Y 1 A GLY 71  ? A GLY 71  
16 1 Y 1 A ARG 72  ? A ARG 72  
17 1 Y 1 A VAL 73  ? A VAL 73  
18 1 Y 1 A LYS 74  ? A LYS 74  
19 1 Y 1 A ASP 138 ? A ASP 138 
20 1 Y 1 A ASP 139 ? A ASP 139 
21 1 Y 1 A LEU 140 ? A LEU 140 
22 1 Y 1 A GLU 141 ? A GLU 141 
23 1 Y 1 A ASP 142 ? A ASP 142 
24 1 Y 1 A LEU 143 ? A LEU 143 
25 1 Y 1 A GLU 144 ? A GLU 144 
26 1 Y 1 A GLU 145 ? A GLU 145 
27 1 Y 1 A ALA 146 ? A ALA 146 
28 1 Y 1 A ALA 147 ? A ALA 147 
29 1 Y 1 A LYS 148 ? A LYS 148 
30 1 Y 1 A ASN 149 ? A ASN 149 
31 1 Y 1 A LEU 150 ? A LEU 150 
32 1 Y 1 A GLU 151 ? A GLU 151 
33 1 Y 1 A HIS 152 ? A HIS 152 
34 1 Y 1 A HIS 153 ? A HIS 153 
35 1 Y 1 A HIS 154 ? A HIS 154 
36 1 Y 1 A HIS 155 ? A HIS 155 
37 1 Y 1 A HIS 156 ? A HIS 156 
38 1 Y 1 A HIS 157 ? A HIS 157 
# 
loop_
_chem_comp_atom.comp_id 
_chem_comp_atom.atom_id 
_chem_comp_atom.type_symbol 
_chem_comp_atom.pdbx_aromatic_flag 
_chem_comp_atom.pdbx_stereo_config 
_chem_comp_atom.pdbx_ordinal 
ALA N    N  N N 1   
ALA CA   C  N S 2   
ALA C    C  N N 3   
ALA O    O  N N 4   
ALA CB   C  N N 5   
ALA OXT  O  N N 6   
ALA H    H  N N 7   
ALA H2   H  N N 8   
ALA HA   H  N N 9   
ALA HB1  H  N N 10  
ALA HB2  H  N N 11  
ALA HB3  H  N N 12  
ALA HXT  H  N N 13  
ARG N    N  N N 14  
ARG CA   C  N S 15  
ARG C    C  N N 16  
ARG O    O  N N 17  
ARG CB   C  N N 18  
ARG CG   C  N N 19  
ARG CD   C  N N 20  
ARG NE   N  N N 21  
ARG CZ   C  N N 22  
ARG NH1  N  N N 23  
ARG NH2  N  N N 24  
ARG OXT  O  N N 25  
ARG H    H  N N 26  
ARG H2   H  N N 27  
ARG HA   H  N N 28  
ARG HB2  H  N N 29  
ARG HB3  H  N N 30  
ARG HG2  H  N N 31  
ARG HG3  H  N N 32  
ARG HD2  H  N N 33  
ARG HD3  H  N N 34  
ARG HE   H  N N 35  
ARG HH11 H  N N 36  
ARG HH12 H  N N 37  
ARG HH21 H  N N 38  
ARG HH22 H  N N 39  
ARG HXT  H  N N 40  
ASN N    N  N N 41  
ASN CA   C  N S 42  
ASN C    C  N N 43  
ASN O    O  N N 44  
ASN CB   C  N N 45  
ASN CG   C  N N 46  
ASN OD1  O  N N 47  
ASN ND2  N  N N 48  
ASN OXT  O  N N 49  
ASN H    H  N N 50  
ASN H2   H  N N 51  
ASN HA   H  N N 52  
ASN HB2  H  N N 53  
ASN HB3  H  N N 54  
ASN HD21 H  N N 55  
ASN HD22 H  N N 56  
ASN HXT  H  N N 57  
ASP N    N  N N 58  
ASP CA   C  N S 59  
ASP C    C  N N 60  
ASP O    O  N N 61  
ASP CB   C  N N 62  
ASP CG   C  N N 63  
ASP OD1  O  N N 64  
ASP OD2  O  N N 65  
ASP OXT  O  N N 66  
ASP H    H  N N 67  
ASP H2   H  N N 68  
ASP HA   H  N N 69  
ASP HB2  H  N N 70  
ASP HB3  H  N N 71  
ASP HD2  H  N N 72  
ASP HXT  H  N N 73  
GLN N    N  N N 74  
GLN CA   C  N S 75  
GLN C    C  N N 76  
GLN O    O  N N 77  
GLN CB   C  N N 78  
GLN CG   C  N N 79  
GLN CD   C  N N 80  
GLN OE1  O  N N 81  
GLN NE2  N  N N 82  
GLN OXT  O  N N 83  
GLN H    H  N N 84  
GLN H2   H  N N 85  
GLN HA   H  N N 86  
GLN HB2  H  N N 87  
GLN HB3  H  N N 88  
GLN HG2  H  N N 89  
GLN HG3  H  N N 90  
GLN HE21 H  N N 91  
GLN HE22 H  N N 92  
GLN HXT  H  N N 93  
GLU N    N  N N 94  
GLU CA   C  N S 95  
GLU C    C  N N 96  
GLU O    O  N N 97  
GLU CB   C  N N 98  
GLU CG   C  N N 99  
GLU CD   C  N N 100 
GLU OE1  O  N N 101 
GLU OE2  O  N N 102 
GLU OXT  O  N N 103 
GLU H    H  N N 104 
GLU H2   H  N N 105 
GLU HA   H  N N 106 
GLU HB2  H  N N 107 
GLU HB3  H  N N 108 
GLU HG2  H  N N 109 
GLU HG3  H  N N 110 
GLU HE2  H  N N 111 
GLU HXT  H  N N 112 
GLY N    N  N N 113 
GLY CA   C  N N 114 
GLY C    C  N N 115 
GLY O    O  N N 116 
GLY OXT  O  N N 117 
GLY H    H  N N 118 
GLY H2   H  N N 119 
GLY HA2  H  N N 120 
GLY HA3  H  N N 121 
GLY HXT  H  N N 122 
HIS N    N  N N 123 
HIS CA   C  N S 124 
HIS C    C  N N 125 
HIS O    O  N N 126 
HIS CB   C  N N 127 
HIS CG   C  Y N 128 
HIS ND1  N  Y N 129 
HIS CD2  C  Y N 130 
HIS CE1  C  Y N 131 
HIS NE2  N  Y N 132 
HIS OXT  O  N N 133 
HIS H    H  N N 134 
HIS H2   H  N N 135 
HIS HA   H  N N 136 
HIS HB2  H  N N 137 
HIS HB3  H  N N 138 
HIS HD1  H  N N 139 
HIS HD2  H  N N 140 
HIS HE1  H  N N 141 
HIS HE2  H  N N 142 
HIS HXT  H  N N 143 
HOH O    O  N N 144 
HOH H1   H  N N 145 
HOH H2   H  N N 146 
ILE N    N  N N 147 
ILE CA   C  N S 148 
ILE C    C  N N 149 
ILE O    O  N N 150 
ILE CB   C  N S 151 
ILE CG1  C  N N 152 
ILE CG2  C  N N 153 
ILE CD1  C  N N 154 
ILE OXT  O  N N 155 
ILE H    H  N N 156 
ILE H2   H  N N 157 
ILE HA   H  N N 158 
ILE HB   H  N N 159 
ILE HG12 H  N N 160 
ILE HG13 H  N N 161 
ILE HG21 H  N N 162 
ILE HG22 H  N N 163 
ILE HG23 H  N N 164 
ILE HD11 H  N N 165 
ILE HD12 H  N N 166 
ILE HD13 H  N N 167 
ILE HXT  H  N N 168 
LEU N    N  N N 169 
LEU CA   C  N S 170 
LEU C    C  N N 171 
LEU O    O  N N 172 
LEU CB   C  N N 173 
LEU CG   C  N N 174 
LEU CD1  C  N N 175 
LEU CD2  C  N N 176 
LEU OXT  O  N N 177 
LEU H    H  N N 178 
LEU H2   H  N N 179 
LEU HA   H  N N 180 
LEU HB2  H  N N 181 
LEU HB3  H  N N 182 
LEU HG   H  N N 183 
LEU HD11 H  N N 184 
LEU HD12 H  N N 185 
LEU HD13 H  N N 186 
LEU HD21 H  N N 187 
LEU HD22 H  N N 188 
LEU HD23 H  N N 189 
LEU HXT  H  N N 190 
LYS N    N  N N 191 
LYS CA   C  N S 192 
LYS C    C  N N 193 
LYS O    O  N N 194 
LYS CB   C  N N 195 
LYS CG   C  N N 196 
LYS CD   C  N N 197 
LYS CE   C  N N 198 
LYS NZ   N  N N 199 
LYS OXT  O  N N 200 
LYS H    H  N N 201 
LYS H2   H  N N 202 
LYS HA   H  N N 203 
LYS HB2  H  N N 204 
LYS HB3  H  N N 205 
LYS HG2  H  N N 206 
LYS HG3  H  N N 207 
LYS HD2  H  N N 208 
LYS HD3  H  N N 209 
LYS HE2  H  N N 210 
LYS HE3  H  N N 211 
LYS HZ1  H  N N 212 
LYS HZ2  H  N N 213 
LYS HZ3  H  N N 214 
LYS HXT  H  N N 215 
MN  MN   MN N N 216 
MSE N    N  N N 217 
MSE CA   C  N S 218 
MSE C    C  N N 219 
MSE O    O  N N 220 
MSE OXT  O  N N 221 
MSE CB   C  N N 222 
MSE CG   C  N N 223 
MSE SE   SE N N 224 
MSE CE   C  N N 225 
MSE H    H  N N 226 
MSE H2   H  N N 227 
MSE HA   H  N N 228 
MSE HXT  H  N N 229 
MSE HB2  H  N N 230 
MSE HB3  H  N N 231 
MSE HG2  H  N N 232 
MSE HG3  H  N N 233 
MSE HE1  H  N N 234 
MSE HE2  H  N N 235 
MSE HE3  H  N N 236 
PHE N    N  N N 237 
PHE CA   C  N S 238 
PHE C    C  N N 239 
PHE O    O  N N 240 
PHE CB   C  N N 241 
PHE CG   C  Y N 242 
PHE CD1  C  Y N 243 
PHE CD2  C  Y N 244 
PHE CE1  C  Y N 245 
PHE CE2  C  Y N 246 
PHE CZ   C  Y N 247 
PHE OXT  O  N N 248 
PHE H    H  N N 249 
PHE H2   H  N N 250 
PHE HA   H  N N 251 
PHE HB2  H  N N 252 
PHE HB3  H  N N 253 
PHE HD1  H  N N 254 
PHE HD2  H  N N 255 
PHE HE1  H  N N 256 
PHE HE2  H  N N 257 
PHE HZ   H  N N 258 
PHE HXT  H  N N 259 
PRO N    N  N N 260 
PRO CA   C  N S 261 
PRO C    C  N N 262 
PRO O    O  N N 263 
PRO CB   C  N N 264 
PRO CG   C  N N 265 
PRO CD   C  N N 266 
PRO OXT  O  N N 267 
PRO H    H  N N 268 
PRO HA   H  N N 269 
PRO HB2  H  N N 270 
PRO HB3  H  N N 271 
PRO HG2  H  N N 272 
PRO HG3  H  N N 273 
PRO HD2  H  N N 274 
PRO HD3  H  N N 275 
PRO HXT  H  N N 276 
SER N    N  N N 277 
SER CA   C  N S 278 
SER C    C  N N 279 
SER O    O  N N 280 
SER CB   C  N N 281 
SER OG   O  N N 282 
SER OXT  O  N N 283 
SER H    H  N N 284 
SER H2   H  N N 285 
SER HA   H  N N 286 
SER HB2  H  N N 287 
SER HB3  H  N N 288 
SER HG   H  N N 289 
SER HXT  H  N N 290 
THR N    N  N N 291 
THR CA   C  N S 292 
THR C    C  N N 293 
THR O    O  N N 294 
THR CB   C  N R 295 
THR OG1  O  N N 296 
THR CG2  C  N N 297 
THR OXT  O  N N 298 
THR H    H  N N 299 
THR H2   H  N N 300 
THR HA   H  N N 301 
THR HB   H  N N 302 
THR HG1  H  N N 303 
THR HG21 H  N N 304 
THR HG22 H  N N 305 
THR HG23 H  N N 306 
THR HXT  H  N N 307 
TRP N    N  N N 308 
TRP CA   C  N S 309 
TRP C    C  N N 310 
TRP O    O  N N 311 
TRP CB   C  N N 312 
TRP CG   C  Y N 313 
TRP CD1  C  Y N 314 
TRP CD2  C  Y N 315 
TRP NE1  N  Y N 316 
TRP CE2  C  Y N 317 
TRP CE3  C  Y N 318 
TRP CZ2  C  Y N 319 
TRP CZ3  C  Y N 320 
TRP CH2  C  Y N 321 
TRP OXT  O  N N 322 
TRP H    H  N N 323 
TRP H2   H  N N 324 
TRP HA   H  N N 325 
TRP HB2  H  N N 326 
TRP HB3  H  N N 327 
TRP HD1  H  N N 328 
TRP HE1  H  N N 329 
TRP HE3  H  N N 330 
TRP HZ2  H  N N 331 
TRP HZ3  H  N N 332 
TRP HH2  H  N N 333 
TRP HXT  H  N N 334 
TYR N    N  N N 335 
TYR CA   C  N S 336 
TYR C    C  N N 337 
TYR O    O  N N 338 
TYR CB   C  N N 339 
TYR CG   C  Y N 340 
TYR CD1  C  Y N 341 
TYR CD2  C  Y N 342 
TYR CE1  C  Y N 343 
TYR CE2  C  Y N 344 
TYR CZ   C  Y N 345 
TYR OH   O  N N 346 
TYR OXT  O  N N 347 
TYR H    H  N N 348 
TYR H2   H  N N 349 
TYR HA   H  N N 350 
TYR HB2  H  N N 351 
TYR HB3  H  N N 352 
TYR HD1  H  N N 353 
TYR HD2  H  N N 354 
TYR HE1  H  N N 355 
TYR HE2  H  N N 356 
TYR HH   H  N N 357 
TYR HXT  H  N N 358 
VAL N    N  N N 359 
VAL CA   C  N S 360 
VAL C    C  N N 361 
VAL O    O  N N 362 
VAL CB   C  N N 363 
VAL CG1  C  N N 364 
VAL CG2  C  N N 365 
VAL OXT  O  N N 366 
VAL H    H  N N 367 
VAL H2   H  N N 368 
VAL HA   H  N N 369 
VAL HB   H  N N 370 
VAL HG11 H  N N 371 
VAL HG12 H  N N 372 
VAL HG13 H  N N 373 
VAL HG21 H  N N 374 
VAL HG22 H  N N 375 
VAL HG23 H  N N 376 
VAL HXT  H  N N 377 
# 
loop_
_chem_comp_bond.comp_id 
_chem_comp_bond.atom_id_1 
_chem_comp_bond.atom_id_2 
_chem_comp_bond.value_order 
_chem_comp_bond.pdbx_aromatic_flag 
_chem_comp_bond.pdbx_stereo_config 
_chem_comp_bond.pdbx_ordinal 
ALA N   CA   sing N N 1   
ALA N   H    sing N N 2   
ALA N   H2   sing N N 3   
ALA CA  C    sing N N 4   
ALA CA  CB   sing N N 5   
ALA CA  HA   sing N N 6   
ALA C   O    doub N N 7   
ALA C   OXT  sing N N 8   
ALA CB  HB1  sing N N 9   
ALA CB  HB2  sing N N 10  
ALA CB  HB3  sing N N 11  
ALA OXT HXT  sing N N 12  
ARG N   CA   sing N N 13  
ARG N   H    sing N N 14  
ARG N   H2   sing N N 15  
ARG CA  C    sing N N 16  
ARG CA  CB   sing N N 17  
ARG CA  HA   sing N N 18  
ARG C   O    doub N N 19  
ARG C   OXT  sing N N 20  
ARG CB  CG   sing N N 21  
ARG CB  HB2  sing N N 22  
ARG CB  HB3  sing N N 23  
ARG CG  CD   sing N N 24  
ARG CG  HG2  sing N N 25  
ARG CG  HG3  sing N N 26  
ARG CD  NE   sing N N 27  
ARG CD  HD2  sing N N 28  
ARG CD  HD3  sing N N 29  
ARG NE  CZ   sing N N 30  
ARG NE  HE   sing N N 31  
ARG CZ  NH1  sing N N 32  
ARG CZ  NH2  doub N N 33  
ARG NH1 HH11 sing N N 34  
ARG NH1 HH12 sing N N 35  
ARG NH2 HH21 sing N N 36  
ARG NH2 HH22 sing N N 37  
ARG OXT HXT  sing N N 38  
ASN N   CA   sing N N 39  
ASN N   H    sing N N 40  
ASN N   H2   sing N N 41  
ASN CA  C    sing N N 42  
ASN CA  CB   sing N N 43  
ASN CA  HA   sing N N 44  
ASN C   O    doub N N 45  
ASN C   OXT  sing N N 46  
ASN CB  CG   sing N N 47  
ASN CB  HB2  sing N N 48  
ASN CB  HB3  sing N N 49  
ASN CG  OD1  doub N N 50  
ASN CG  ND2  sing N N 51  
ASN ND2 HD21 sing N N 52  
ASN ND2 HD22 sing N N 53  
ASN OXT HXT  sing N N 54  
ASP N   CA   sing N N 55  
ASP N   H    sing N N 56  
ASP N   H2   sing N N 57  
ASP CA  C    sing N N 58  
ASP CA  CB   sing N N 59  
ASP CA  HA   sing N N 60  
ASP C   O    doub N N 61  
ASP C   OXT  sing N N 62  
ASP CB  CG   sing N N 63  
ASP CB  HB2  sing N N 64  
ASP CB  HB3  sing N N 65  
ASP CG  OD1  doub N N 66  
ASP CG  OD2  sing N N 67  
ASP OD2 HD2  sing N N 68  
ASP OXT HXT  sing N N 69  
GLN N   CA   sing N N 70  
GLN N   H    sing N N 71  
GLN N   H2   sing N N 72  
GLN CA  C    sing N N 73  
GLN CA  CB   sing N N 74  
GLN CA  HA   sing N N 75  
GLN C   O    doub N N 76  
GLN C   OXT  sing N N 77  
GLN CB  CG   sing N N 78  
GLN CB  HB2  sing N N 79  
GLN CB  HB3  sing N N 80  
GLN CG  CD   sing N N 81  
GLN CG  HG2  sing N N 82  
GLN CG  HG3  sing N N 83  
GLN CD  OE1  doub N N 84  
GLN CD  NE2  sing N N 85  
GLN NE2 HE21 sing N N 86  
GLN NE2 HE22 sing N N 87  
GLN OXT HXT  sing N N 88  
GLU N   CA   sing N N 89  
GLU N   H    sing N N 90  
GLU N   H2   sing N N 91  
GLU CA  C    sing N N 92  
GLU CA  CB   sing N N 93  
GLU CA  HA   sing N N 94  
GLU C   O    doub N N 95  
GLU C   OXT  sing N N 96  
GLU CB  CG   sing N N 97  
GLU CB  HB2  sing N N 98  
GLU CB  HB3  sing N N 99  
GLU CG  CD   sing N N 100 
GLU CG  HG2  sing N N 101 
GLU CG  HG3  sing N N 102 
GLU CD  OE1  doub N N 103 
GLU CD  OE2  sing N N 104 
GLU OE2 HE2  sing N N 105 
GLU OXT HXT  sing N N 106 
GLY N   CA   sing N N 107 
GLY N   H    sing N N 108 
GLY N   H2   sing N N 109 
GLY CA  C    sing N N 110 
GLY CA  HA2  sing N N 111 
GLY CA  HA3  sing N N 112 
GLY C   O    doub N N 113 
GLY C   OXT  sing N N 114 
GLY OXT HXT  sing N N 115 
HIS N   CA   sing N N 116 
HIS N   H    sing N N 117 
HIS N   H2   sing N N 118 
HIS CA  C    sing N N 119 
HIS CA  CB   sing N N 120 
HIS CA  HA   sing N N 121 
HIS C   O    doub N N 122 
HIS C   OXT  sing N N 123 
HIS CB  CG   sing N N 124 
HIS CB  HB2  sing N N 125 
HIS CB  HB3  sing N N 126 
HIS CG  ND1  sing Y N 127 
HIS CG  CD2  doub Y N 128 
HIS ND1 CE1  doub Y N 129 
HIS ND1 HD1  sing N N 130 
HIS CD2 NE2  sing Y N 131 
HIS CD2 HD2  sing N N 132 
HIS CE1 NE2  sing Y N 133 
HIS CE1 HE1  sing N N 134 
HIS NE2 HE2  sing N N 135 
HIS OXT HXT  sing N N 136 
HOH O   H1   sing N N 137 
HOH O   H2   sing N N 138 
ILE N   CA   sing N N 139 
ILE N   H    sing N N 140 
ILE N   H2   sing N N 141 
ILE CA  C    sing N N 142 
ILE CA  CB   sing N N 143 
ILE CA  HA   sing N N 144 
ILE C   O    doub N N 145 
ILE C   OXT  sing N N 146 
ILE CB  CG1  sing N N 147 
ILE CB  CG2  sing N N 148 
ILE CB  HB   sing N N 149 
ILE CG1 CD1  sing N N 150 
ILE CG1 HG12 sing N N 151 
ILE CG1 HG13 sing N N 152 
ILE CG2 HG21 sing N N 153 
ILE CG2 HG22 sing N N 154 
ILE CG2 HG23 sing N N 155 
ILE CD1 HD11 sing N N 156 
ILE CD1 HD12 sing N N 157 
ILE CD1 HD13 sing N N 158 
ILE OXT HXT  sing N N 159 
LEU N   CA   sing N N 160 
LEU N   H    sing N N 161 
LEU N   H2   sing N N 162 
LEU CA  C    sing N N 163 
LEU CA  CB   sing N N 164 
LEU CA  HA   sing N N 165 
LEU C   O    doub N N 166 
LEU C   OXT  sing N N 167 
LEU CB  CG   sing N N 168 
LEU CB  HB2  sing N N 169 
LEU CB  HB3  sing N N 170 
LEU CG  CD1  sing N N 171 
LEU CG  CD2  sing N N 172 
LEU CG  HG   sing N N 173 
LEU CD1 HD11 sing N N 174 
LEU CD1 HD12 sing N N 175 
LEU CD1 HD13 sing N N 176 
LEU CD2 HD21 sing N N 177 
LEU CD2 HD22 sing N N 178 
LEU CD2 HD23 sing N N 179 
LEU OXT HXT  sing N N 180 
LYS N   CA   sing N N 181 
LYS N   H    sing N N 182 
LYS N   H2   sing N N 183 
LYS CA  C    sing N N 184 
LYS CA  CB   sing N N 185 
LYS CA  HA   sing N N 186 
LYS C   O    doub N N 187 
LYS C   OXT  sing N N 188 
LYS CB  CG   sing N N 189 
LYS CB  HB2  sing N N 190 
LYS CB  HB3  sing N N 191 
LYS CG  CD   sing N N 192 
LYS CG  HG2  sing N N 193 
LYS CG  HG3  sing N N 194 
LYS CD  CE   sing N N 195 
LYS CD  HD2  sing N N 196 
LYS CD  HD3  sing N N 197 
LYS CE  NZ   sing N N 198 
LYS CE  HE2  sing N N 199 
LYS CE  HE3  sing N N 200 
LYS NZ  HZ1  sing N N 201 
LYS NZ  HZ2  sing N N 202 
LYS NZ  HZ3  sing N N 203 
LYS OXT HXT  sing N N 204 
MSE N   CA   sing N N 205 
MSE N   H    sing N N 206 
MSE N   H2   sing N N 207 
MSE CA  C    sing N N 208 
MSE CA  CB   sing N N 209 
MSE CA  HA   sing N N 210 
MSE C   O    doub N N 211 
MSE C   OXT  sing N N 212 
MSE OXT HXT  sing N N 213 
MSE CB  CG   sing N N 214 
MSE CB  HB2  sing N N 215 
MSE CB  HB3  sing N N 216 
MSE CG  SE   sing N N 217 
MSE CG  HG2  sing N N 218 
MSE CG  HG3  sing N N 219 
MSE SE  CE   sing N N 220 
MSE CE  HE1  sing N N 221 
MSE CE  HE2  sing N N 222 
MSE CE  HE3  sing N N 223 
PHE N   CA   sing N N 224 
PHE N   H    sing N N 225 
PHE N   H2   sing N N 226 
PHE CA  C    sing N N 227 
PHE CA  CB   sing N N 228 
PHE CA  HA   sing N N 229 
PHE C   O    doub N N 230 
PHE C   OXT  sing N N 231 
PHE CB  CG   sing N N 232 
PHE CB  HB2  sing N N 233 
PHE CB  HB3  sing N N 234 
PHE CG  CD1  doub Y N 235 
PHE CG  CD2  sing Y N 236 
PHE CD1 CE1  sing Y N 237 
PHE CD1 HD1  sing N N 238 
PHE CD2 CE2  doub Y N 239 
PHE CD2 HD2  sing N N 240 
PHE CE1 CZ   doub Y N 241 
PHE CE1 HE1  sing N N 242 
PHE CE2 CZ   sing Y N 243 
PHE CE2 HE2  sing N N 244 
PHE CZ  HZ   sing N N 245 
PHE OXT HXT  sing N N 246 
PRO N   CA   sing N N 247 
PRO N   CD   sing N N 248 
PRO N   H    sing N N 249 
PRO CA  C    sing N N 250 
PRO CA  CB   sing N N 251 
PRO CA  HA   sing N N 252 
PRO C   O    doub N N 253 
PRO C   OXT  sing N N 254 
PRO CB  CG   sing N N 255 
PRO CB  HB2  sing N N 256 
PRO CB  HB3  sing N N 257 
PRO CG  CD   sing N N 258 
PRO CG  HG2  sing N N 259 
PRO CG  HG3  sing N N 260 
PRO CD  HD2  sing N N 261 
PRO CD  HD3  sing N N 262 
PRO OXT HXT  sing N N 263 
SER N   CA   sing N N 264 
SER N   H    sing N N 265 
SER N   H2   sing N N 266 
SER CA  C    sing N N 267 
SER CA  CB   sing N N 268 
SER CA  HA   sing N N 269 
SER C   O    doub N N 270 
SER C   OXT  sing N N 271 
SER CB  OG   sing N N 272 
SER CB  HB2  sing N N 273 
SER CB  HB3  sing N N 274 
SER OG  HG   sing N N 275 
SER OXT HXT  sing N N 276 
THR N   CA   sing N N 277 
THR N   H    sing N N 278 
THR N   H2   sing N N 279 
THR CA  C    sing N N 280 
THR CA  CB   sing N N 281 
THR CA  HA   sing N N 282 
THR C   O    doub N N 283 
THR C   OXT  sing N N 284 
THR CB  OG1  sing N N 285 
THR CB  CG2  sing N N 286 
THR CB  HB   sing N N 287 
THR OG1 HG1  sing N N 288 
THR CG2 HG21 sing N N 289 
THR CG2 HG22 sing N N 290 
THR CG2 HG23 sing N N 291 
THR OXT HXT  sing N N 292 
TRP N   CA   sing N N 293 
TRP N   H    sing N N 294 
TRP N   H2   sing N N 295 
TRP CA  C    sing N N 296 
TRP CA  CB   sing N N 297 
TRP CA  HA   sing N N 298 
TRP C   O    doub N N 299 
TRP C   OXT  sing N N 300 
TRP CB  CG   sing N N 301 
TRP CB  HB2  sing N N 302 
TRP CB  HB3  sing N N 303 
TRP CG  CD1  doub Y N 304 
TRP CG  CD2  sing Y N 305 
TRP CD1 NE1  sing Y N 306 
TRP CD1 HD1  sing N N 307 
TRP CD2 CE2  doub Y N 308 
TRP CD2 CE3  sing Y N 309 
TRP NE1 CE2  sing Y N 310 
TRP NE1 HE1  sing N N 311 
TRP CE2 CZ2  sing Y N 312 
TRP CE3 CZ3  doub Y N 313 
TRP CE3 HE3  sing N N 314 
TRP CZ2 CH2  doub Y N 315 
TRP CZ2 HZ2  sing N N 316 
TRP CZ3 CH2  sing Y N 317 
TRP CZ3 HZ3  sing N N 318 
TRP CH2 HH2  sing N N 319 
TRP OXT HXT  sing N N 320 
TYR N   CA   sing N N 321 
TYR N   H    sing N N 322 
TYR N   H2   sing N N 323 
TYR CA  C    sing N N 324 
TYR CA  CB   sing N N 325 
TYR CA  HA   sing N N 326 
TYR C   O    doub N N 327 
TYR C   OXT  sing N N 328 
TYR CB  CG   sing N N 329 
TYR CB  HB2  sing N N 330 
TYR CB  HB3  sing N N 331 
TYR CG  CD1  doub Y N 332 
TYR CG  CD2  sing Y N 333 
TYR CD1 CE1  sing Y N 334 
TYR CD1 HD1  sing N N 335 
TYR CD2 CE2  doub Y N 336 
TYR CD2 HD2  sing N N 337 
TYR CE1 CZ   doub Y N 338 
TYR CE1 HE1  sing N N 339 
TYR CE2 CZ   sing Y N 340 
TYR CE2 HE2  sing N N 341 
TYR CZ  OH   sing N N 342 
TYR OH  HH   sing N N 343 
TYR OXT HXT  sing N N 344 
VAL N   CA   sing N N 345 
VAL N   H    sing N N 346 
VAL N   H2   sing N N 347 
VAL CA  C    sing N N 348 
VAL CA  CB   sing N N 349 
VAL CA  HA   sing N N 350 
VAL C   O    doub N N 351 
VAL C   OXT  sing N N 352 
VAL CB  CG1  sing N N 353 
VAL CB  CG2  sing N N 354 
VAL CB  HB   sing N N 355 
VAL CG1 HG11 sing N N 356 
VAL CG1 HG12 sing N N 357 
VAL CG1 HG13 sing N N 358 
VAL CG2 HG21 sing N N 359 
VAL CG2 HG22 sing N N 360 
VAL CG2 HG23 sing N N 361 
VAL OXT HXT  sing N N 362 
# 
_atom_sites.entry_id                    3KLU 
_atom_sites.fract_transf_matrix[1][1]   -0.01329376 
_atom_sites.fract_transf_matrix[1][2]   0.00964604 
_atom_sites.fract_transf_matrix[1][3]   -0.00124571 
_atom_sites.fract_transf_matrix[2][1]   -0.00171053 
_atom_sites.fract_transf_matrix[2][2]   0.01003433 
_atom_sites.fract_transf_matrix[2][3]   -0.01295041 
_atom_sites.fract_transf_matrix[3][1]   -0.00808705 
_atom_sites.fract_transf_matrix[3][2]   -0.01223118 
_atom_sites.fract_transf_matrix[3][3]   -0.00840888 
_atom_sites.fract_transf_vector[1]      0.459661 
_atom_sites.fract_transf_vector[2]      0.278436 
_atom_sites.fract_transf_vector[3]      0.438727 
# 
loop_
_atom_type.symbol 
C  
MN 
N  
O  
SE 
# 
loop_
_atom_site.group_PDB 
_atom_site.id 
_atom_site.type_symbol 
_atom_site.label_atom_id 
_atom_site.label_alt_id 
_atom_site.label_comp_id 
_atom_site.label_asym_id 
_atom_site.label_entity_id 
_atom_site.label_seq_id 
_atom_site.pdbx_PDB_ins_code 
_atom_site.Cartn_x 
_atom_site.Cartn_y 
_atom_site.Cartn_z 
_atom_site.occupancy 
_atom_site.B_iso_or_equiv 
_atom_site.pdbx_formal_charge 
_atom_site.auth_seq_id 
_atom_site.auth_comp_id 
_atom_site.auth_asym_id 
_atom_site.auth_atom_id 
_atom_site.pdbx_PDB_model_num 
ATOM   1   N  N   . LYS A 1 8   ? -14.131 -20.973 32.694  1.00 111.89 ? 8   LYS A N   1 
ATOM   2   C  CA  . LYS A 1 8   ? -14.245 -19.638 33.354  1.00 110.76 ? 8   LYS A CA  1 
ATOM   3   C  C   . LYS A 1 8   ? -14.791 -18.586 32.386  1.00 107.54 ? 8   LYS A C   1 
ATOM   4   O  O   . LYS A 1 8   ? -14.249 -17.482 32.290  1.00 107.47 ? 8   LYS A O   1 
ATOM   5   C  CB  . LYS A 1 8   ? -12.876 -19.182 33.881  1.00 113.26 ? 8   LYS A CB  1 
ATOM   6   C  CG  . LYS A 1 8   ? -11.857 -18.812 32.802  1.00 114.26 ? 8   LYS A CG  1 
ATOM   7   C  CD  . LYS A 1 8   ? -11.482 -20.002 31.937  1.00 110.71 ? 8   LYS A CD  1 
ATOM   8   C  CE  . LYS A 1 8   ? -10.814 -21.092 32.761  1.00 111.64 ? 8   LYS A CE  1 
ATOM   9   N  NZ  . LYS A 1 8   ? -10.372 -22.245 31.928  1.00 109.23 ? 8   LYS A NZ  1 
ATOM   10  N  N   . VAL A 1 9   ? -15.864 -18.939 31.681  1.00 114.46 ? 9   VAL A N   1 
ATOM   11  C  CA  . VAL A 1 9   ? -16.503 -18.055 30.708  1.00 110.54 ? 9   VAL A CA  1 
ATOM   12  C  C   . VAL A 1 9   ? -15.597 -16.930 30.193  1.00 107.23 ? 9   VAL A C   1 
ATOM   13  O  O   . VAL A 1 9   ? -15.382 -15.913 30.858  1.00 108.84 ? 9   VAL A O   1 
ATOM   14  C  CB  . VAL A 1 9   ? -17.815 -17.451 31.275  1.00 112.46 ? 9   VAL A CB  1 
ATOM   15  C  CG1 . VAL A 1 9   ? -17.525 -16.626 32.518  1.00 114.12 ? 9   VAL A CG1 1 
ATOM   16  C  CG2 . VAL A 1 9   ? -18.500 -16.611 30.210  1.00 110.86 ? 9   VAL A CG2 1 
ATOM   17  N  N   . TYR A 1 10  ? -15.070 -17.139 28.993  1.00 55.57  ? 10  TYR A N   1 
ATOM   18  C  CA  . TYR A 1 10  ? -14.180 -16.196 28.326  1.00 51.03  ? 10  TYR A CA  1 
ATOM   19  C  C   . TYR A 1 10  ? -14.924 -14.998 27.735  1.00 47.52  ? 10  TYR A C   1 
ATOM   20  O  O   . TYR A 1 10  ? -15.993 -15.153 27.135  1.00 46.70  ? 10  TYR A O   1 
ATOM   21  C  CB  . TYR A 1 10  ? -13.424 -16.932 27.230  1.00 49.76  ? 10  TYR A CB  1 
ATOM   22  C  CG  . TYR A 1 10  ? -12.380 -17.876 27.767  1.00 51.29  ? 10  TYR A CG  1 
ATOM   23  C  CD1 . TYR A 1 10  ? -11.257 -17.384 28.430  1.00 53.02  ? 10  TYR A CD1 1 
ATOM   24  C  CD2 . TYR A 1 10  ? -12.489 -19.255 27.595  1.00 49.93  ? 10  TYR A CD2 1 
ATOM   25  C  CE1 . TYR A 1 10  ? -10.269 -18.227 28.904  1.00 55.47  ? 10  TYR A CE1 1 
ATOM   26  C  CE2 . TYR A 1 10  ? -11.492 -20.116 28.072  1.00 52.32  ? 10  TYR A CE2 1 
ATOM   27  C  CZ  . TYR A 1 10  ? -10.387 -19.585 28.726  1.00 53.47  ? 10  TYR A CZ  1 
ATOM   28  O  OH  . TYR A 1 10  ? -9.393  -20.395 29.216  1.00 54.63  ? 10  TYR A OH  1 
ATOM   29  N  N   . ASP A 1 11  ? -14.341 -13.809 27.898  1.00 34.54  ? 11  ASP A N   1 
ATOM   30  C  CA  . ASP A 1 11  ? -14.939 -12.554 27.422  1.00 31.23  ? 11  ASP A CA  1 
ATOM   31  C  C   . ASP A 1 11  ? -14.495 -12.157 26.006  1.00 26.55  ? 11  ASP A C   1 
ATOM   32  O  O   . ASP A 1 11  ? -13.437 -11.575 25.797  1.00 25.14  ? 11  ASP A O   1 
ATOM   33  C  CB  . ASP A 1 11  ? -14.602 -11.421 28.389  1.00 33.54  ? 11  ASP A CB  1 
ATOM   34  C  CG  . ASP A 1 11  ? -15.226 -10.113 27.979  1.00 34.81  ? 11  ASP A CG  1 
ATOM   35  O  OD1 . ASP A 1 11  ? -15.734 -10.002 26.851  1.00 30.07  ? 11  ASP A OD1 1 
ATOM   36  O  OD2 . ASP A 1 11  ? -15.204 -9.176  28.791  1.00 38.55  ? 11  ASP A OD2 1 
ATOM   37  N  N   . LEU A 1 12  ? -15.347 -12.437 25.043  1.00 22.39  ? 12  LEU A N   1 
ATOM   38  C  CA  . LEU A 1 12  ? -15.039 -12.168 23.669  1.00 20.09  ? 12  LEU A CA  1 
ATOM   39  C  C   . LEU A 1 12  ? -15.394 -10.762 23.134  1.00 19.39  ? 12  LEU A C   1 
ATOM   40  O  O   . LEU A 1 12  ? -15.194 -10.478 21.941  1.00 17.56  ? 12  LEU A O   1 
ATOM   41  C  CB  . LEU A 1 12  ? -15.730 -13.254 22.830  1.00 19.19  ? 12  LEU A CB  1 
ATOM   42  C  CG  . LEU A 1 12  ? -15.334 -14.679 23.241  1.00 20.06  ? 12  LEU A CG  1 
ATOM   43  C  CD1 . LEU A 1 12  ? -16.130 -15.707 22.474  1.00 19.66  ? 12  LEU A CD1 1 
ATOM   44  C  CD2 . LEU A 1 12  ? -13.867 -14.892 22.964  1.00 19.51  ? 12  LEU A CD2 1 
ATOM   45  N  N   . SER A 1 13  ? -15.920 -9.874  23.963  1.00 24.49  ? 13  SER A N   1 
ATOM   46  C  CA  . SER A 1 13  ? -16.268 -8.552  23.455  1.00 24.16  ? 13  SER A CA  1 
ATOM   47  C  C   . SER A 1 13  ? -15.037 -7.835  22.871  1.00 22.83  ? 13  SER A C   1 
ATOM   48  O  O   . SER A 1 13  ? -15.154 -7.061  21.918  1.00 21.59  ? 13  SER A O   1 
ATOM   49  C  CB  . SER A 1 13  ? -16.864 -7.723  24.579  1.00 26.68  ? 13  SER A CB  1 
ATOM   50  O  OG  . SER A 1 13  ? -15.978 -7.731  25.687  1.00 29.00  ? 13  SER A OG  1 
ATOM   51  N  N   . PHE A 1 14  ? -13.860 -8.128  23.426  1.00 19.30  ? 14  PHE A N   1 
ATOM   52  C  CA  . PHE A 1 14  ? -12.615 -7.495  23.001  1.00 18.41  ? 14  PHE A CA  1 
ATOM   53  C  C   . PHE A 1 14  ? -12.161 -7.800  21.596  1.00 15.87  ? 14  PHE A C   1 
ATOM   54  O  O   . PHE A 1 14  ? -11.348 -7.069  21.038  1.00 14.97  ? 14  PHE A O   1 
ATOM   55  C  CB  . PHE A 1 14  ? -11.476 -7.866  23.931  1.00 19.90  ? 14  PHE A CB  1 
ATOM   56  C  CG  . PHE A 1 14  ? -11.771 -7.591  25.359  1.00 22.74  ? 14  PHE A CG  1 
ATOM   57  C  CD1 . PHE A 1 14  ? -12.318 -6.367  25.736  1.00 23.95  ? 14  PHE A CD1 1 
ATOM   58  C  CD2 . PHE A 1 14  ? -11.545 -8.563  26.328  1.00 24.46  ? 14  PHE A CD2 1 
ATOM   59  C  CE1 . PHE A 1 14  ? -12.632 -6.129  27.057  1.00 26.93  ? 14  PHE A CE1 1 
ATOM   60  C  CE2 . PHE A 1 14  ? -11.855 -8.330  27.637  1.00 27.33  ? 14  PHE A CE2 1 
ATOM   61  C  CZ  . PHE A 1 14  ? -12.401 -7.111  28.011  1.00 28.62  ? 14  PHE A CZ  1 
ATOM   62  N  N   . PHE A 1 15  ? -12.647 -8.888  21.024  1.00 18.59  ? 15  PHE A N   1 
ATOM   63  C  CA  . PHE A 1 15  ? -12.262 -9.237  19.677  1.00 19.52  ? 15  PHE A CA  1 
ATOM   64  C  C   . PHE A 1 15  ? -13.372 -8.880  18.707  1.00 21.82  ? 15  PHE A C   1 
ATOM   65  O  O   . PHE A 1 15  ? -13.454 -9.441  17.604  1.00 21.77  ? 15  PHE A O   1 
ATOM   66  C  CB  . PHE A 1 15  ? -11.961 -10.721 19.621  1.00 18.11  ? 15  PHE A CB  1 
ATOM   67  C  CG  . PHE A 1 15  ? -10.933 -11.144 20.617  1.00 16.80  ? 15  PHE A CG  1 
ATOM   68  C  CD1 . PHE A 1 15  ? -9.594  -10.866 20.412  1.00 15.75  ? 15  PHE A CD1 1 
ATOM   69  C  CD2 . PHE A 1 15  ? -11.311 -11.737 21.809  1.00 17.90  ? 15  PHE A CD2 1 
ATOM   70  C  CE1 . PHE A 1 15  ? -8.644  -11.172 21.406  1.00 17.34  ? 15  PHE A CE1 1 
ATOM   71  C  CE2 . PHE A 1 15  ? -10.381 -12.037 22.777  1.00 19.51  ? 15  PHE A CE2 1 
ATOM   72  C  CZ  . PHE A 1 15  ? -9.061  -11.754 22.578  1.00 19.30  ? 15  PHE A CZ  1 
HETATM 73  N  N   . MSE A 1 16  ? -14.226 -7.942  19.079  1.00 79.04  ? 16  MSE A N   1 
HETATM 74  C  CA  . MSE A 1 16  ? -15.273 -7.572  18.164  1.00 84.14  ? 16  MSE A CA  1 
HETATM 75  C  C   . MSE A 1 16  ? -15.235 -6.116  17.782  1.00 83.39  ? 16  MSE A C   1 
HETATM 76  O  O   . MSE A 1 16  ? -14.791 -5.275  18.555  1.00 83.18  ? 16  MSE A O   1 
HETATM 77  C  CB  . MSE A 1 16  ? -16.600 -7.981  18.744  1.00 50.65  ? 16  MSE A CB  1 
HETATM 78  C  CG  . MSE A 1 16  ? -16.765 -9.457  18.614  1.00 50.36  ? 16  MSE A CG  1 
HETATM 79  SE SE  . MSE A 1 16  ? -18.311 -10.050 19.548  1.00 51.18  ? 16  MSE A SE  1 
HETATM 80  C  CE  . MSE A 1 16  ? -17.769 -11.835 20.126  1.00 51.12  ? 16  MSE A CE  1 
ATOM   81  N  N   . PRO A 1 17  ? -15.712 -5.804  16.568  1.00 52.77  ? 17  PRO A N   1 
ATOM   82  C  CA  . PRO A 1 17  ? -15.765 -4.460  15.970  1.00 53.15  ? 17  PRO A CA  1 
ATOM   83  C  C   . PRO A 1 17  ? -16.087 -3.323  16.937  1.00 56.71  ? 17  PRO A C   1 
ATOM   84  O  O   . PRO A 1 17  ? -15.454 -2.269  16.902  1.00 57.07  ? 17  PRO A O   1 
ATOM   85  C  CB  . PRO A 1 17  ? -16.798 -4.615  14.853  1.00 53.66  ? 17  PRO A CB  1 
ATOM   86  C  CG  . PRO A 1 17  ? -17.686 -5.721  15.366  1.00 54.34  ? 17  PRO A CG  1 
ATOM   87  C  CD  . PRO A 1 17  ? -16.673 -6.699  15.898  1.00 52.93  ? 17  PRO A CD  1 
ATOM   88  N  N   . GLY A 1 18  ? -17.070 -3.526  17.798  1.00 110.77 ? 18  GLY A N   1 
ATOM   89  C  CA  . GLY A 1 18  ? -17.376 -2.486  18.754  1.00 112.50 ? 18  GLY A CA  1 
ATOM   90  C  C   . GLY A 1 18  ? -16.243 -2.506  19.759  1.00 113.24 ? 18  GLY A C   1 
ATOM   91  O  O   . GLY A 1 18  ? -16.483 -2.623  20.966  1.00 113.91 ? 18  GLY A O   1 
ATOM   92  N  N   . GLN A 1 19  ? -15.008 -2.407  19.269  1.00 83.98  ? 19  GLN A N   1 
ATOM   93  C  CA  . GLN A 1 19  ? -13.864 -2.447  20.162  1.00 85.71  ? 19  GLN A CA  1 
ATOM   94  C  C   . GLN A 1 19  ? -12.477 -2.514  19.528  1.00 85.68  ? 19  GLN A C   1 
ATOM   95  O  O   . GLN A 1 19  ? -11.777 -1.507  19.452  1.00 84.45  ? 19  GLN A O   1 
ATOM   96  C  CB  . GLN A 1 19  ? -14.030 -3.617  21.126  1.00 86.07  ? 19  GLN A CB  1 
ATOM   97  C  CG  . GLN A 1 19  ? -12.775 -4.028  21.843  1.00 86.85  ? 19  GLN A CG  1 
ATOM   98  C  CD  . GLN A 1 19  ? -12.045 -2.872  22.515  1.00 85.71  ? 19  GLN A CD  1 
ATOM   99  O  OE1 . GLN A 1 19  ? -11.559 -1.957  21.853  1.00 85.65  ? 19  GLN A OE1 1 
ATOM   100 N  NE2 . GLN A 1 19  ? -11.955 -2.922  23.843  1.00 91.67  ? 19  GLN A NE2 1 
ATOM   101 N  N   . THR A 1 20  ? -12.069 -3.695  19.085  1.00 41.15  ? 20  THR A N   1 
ATOM   102 C  CA  . THR A 1 20  ? -10.739 -3.866  18.509  1.00 41.56  ? 20  THR A CA  1 
ATOM   103 C  C   . THR A 1 20  ? -10.264 -2.634  17.775  1.00 43.14  ? 20  THR A C   1 
ATOM   104 O  O   . THR A 1 20  ? -10.825 -2.266  16.735  1.00 42.86  ? 20  THR A O   1 
ATOM   105 C  CB  . THR A 1 20  ? -10.658 -5.013  17.503  1.00 40.48  ? 20  THR A CB  1 
ATOM   106 O  OG1 . THR A 1 20  ? -11.150 -4.553  16.241  1.00 38.27  ? 20  THR A OG1 1 
ATOM   107 C  CG2 . THR A 1 20  ? -11.460 -6.220  17.970  1.00 39.34  ? 20  THR A CG2 1 
ATOM   108 N  N   . ILE A 1 21  ? -9.234  -2.005  18.333  1.00 56.32  ? 21  ILE A N   1 
ATOM   109 C  CA  . ILE A 1 21  ? -8.621  -0.821  17.756  1.00 58.61  ? 21  ILE A CA  1 
ATOM   110 C  C   . ILE A 1 21  ? -8.365  -1.075  16.280  1.00 58.89  ? 21  ILE A C   1 
ATOM   111 O  O   . ILE A 1 21  ? -7.938  -2.155  15.886  1.00 58.20  ? 21  ILE A O   1 
ATOM   112 C  CB  . ILE A 1 21  ? -7.310  -0.536  18.458  1.00 59.62  ? 21  ILE A CB  1 
ATOM   113 C  CG1 . ILE A 1 21  ? -7.608  -0.203  19.906  1.00 60.35  ? 21  ILE A CG1 1 
ATOM   114 C  CG2 . ILE A 1 21  ? -6.570  0.591   17.782  1.00 59.97  ? 21  ILE A CG2 1 
ATOM   115 C  CD1 . ILE A 1 21  ? -6.420  -0.267  20.774  1.00 16.85  ? 21  ILE A CD1 1 
ATOM   116 N  N   . ASP A 1 22  ? -8.623  -0.100  15.439  1.00 72.21  ? 22  ASP A N   1 
ATOM   117 C  CA  . ASP A 1 22  ? -8.383  -0.404  14.068  1.00 73.24  ? 22  ASP A CA  1 
ATOM   118 C  C   . ASP A 1 22  ? -7.064  0.093   13.551  1.00 72.72  ? 22  ASP A C   1 
ATOM   119 O  O   . ASP A 1 22  ? -6.396  0.925   14.170  1.00 72.44  ? 22  ASP A O   1 
ATOM   120 C  CB  . ASP A 1 22  ? -9.509  0.108   13.191  1.00 73.99  ? 22  ASP A CB  1 
ATOM   121 C  CG  . ASP A 1 22  ? -9.709  -0.769  11.958  1.00 76.39  ? 22  ASP A CG  1 
ATOM   122 O  OD1 . ASP A 1 22  ? -8.968  -0.605  10.951  1.00 76.85  ? 22  ASP A OD1 1 
ATOM   123 O  OD2 . ASP A 1 22  ? -10.603 -1.649  12.018  1.00 74.83  ? 22  ASP A OD2 1 
ATOM   124 N  N   . ALA A 1 23  ? -6.709  -0.456  12.394  1.00 55.15  ? 23  ALA A N   1 
ATOM   125 C  CA  . ALA A 1 23  ? -5.480  -0.140  11.690  1.00 53.41  ? 23  ALA A CA  1 
ATOM   126 C  C   . ALA A 1 23  ? -5.277  1.339   11.390  1.00 52.65  ? 23  ALA A C   1 
ATOM   127 O  O   . ALA A 1 23  ? -6.182  2.071   10.997  1.00 53.84  ? 23  ALA A O   1 
ATOM   128 C  CB  . ALA A 1 23  ? -5.400  -0.939  10.394  1.00 53.52  ? 23  ALA A CB  1 
ATOM   129 N  N   . GLU A 1 24  ? -4.043  1.737   11.602  1.00 138.36 ? 24  GLU A N   1 
ATOM   130 C  CA  . GLU A 1 24  ? -3.539  3.069   11.386  1.00 135.80 ? 24  GLU A CA  1 
ATOM   131 C  C   . GLU A 1 24  ? -4.120  4.027   10.354  1.00 133.81 ? 24  GLU A C   1 
ATOM   132 O  O   . GLU A 1 24  ? -5.305  4.346   10.298  1.00 136.16 ? 24  GLU A O   1 
ATOM   133 C  CB  . GLU A 1 24  ? -2.062  2.934   11.071  1.00 54.68  ? 24  GLU A CB  1 
ATOM   134 C  CG  . GLU A 1 24  ? -1.636  1.526   10.571  1.00 54.68  ? 24  GLU A CG  1 
ATOM   135 C  CD  . GLU A 1 24  ? -2.327  1.095   9.284   1.00 54.23  ? 24  GLU A CD  1 
ATOM   136 O  OE1 . GLU A 1 24  ? -2.961  1.961   8.654   1.00 53.94  ? 24  GLU A OE1 1 
ATOM   137 O  OE2 . GLU A 1 24  ? -2.228  -0.098  8.904   1.00 54.26  ? 24  GLU A OE2 1 
ATOM   138 N  N   . GLU A 1 25  ? -3.155  4.480   9.573   1.00 56.29  ? 25  GLU A N   1 
ATOM   139 C  CA  . GLU A 1 25  ? -3.184  5.435   8.480   1.00 52.34  ? 25  GLU A CA  1 
ATOM   140 C  C   . GLU A 1 25  ? -1.916  6.145   8.919   1.00 50.25  ? 25  GLU A C   1 
ATOM   141 O  O   . GLU A 1 25  ? -1.936  7.111   9.669   1.00 51.15  ? 25  GLU A O   1 
ATOM   142 C  CB  . GLU A 1 25  ? -4.397  6.350   8.511   1.00 54.70  ? 25  GLU A CB  1 
ATOM   143 C  CG  . GLU A 1 25  ? -5.452  5.920   7.507   1.00 54.70  ? 25  GLU A CG  1 
ATOM   144 C  CD  . GLU A 1 25  ? -5.951  7.068   6.633   1.00 55.15  ? 25  GLU A CD  1 
ATOM   145 O  OE1 . GLU A 1 25  ? -5.418  8.194   6.750   1.00 53.90  ? 25  GLU A OE1 1 
ATOM   146 O  OE2 . GLU A 1 25  ? -6.880  6.839   5.824   1.00 54.88  ? 25  GLU A OE2 1 
ATOM   147 N  N   . VAL A 1 26  ? -0.805  5.561   8.489   1.00 30.24  ? 26  VAL A N   1 
ATOM   148 C  CA  . VAL A 1 26  ? 0.542   5.989   8.801   1.00 28.52  ? 26  VAL A CA  1 
ATOM   149 C  C   . VAL A 1 26  ? 1.152   6.829   7.672   1.00 26.14  ? 26  VAL A C   1 
ATOM   150 O  O   . VAL A 1 26  ? 1.195   6.390   6.515   1.00 24.58  ? 26  VAL A O   1 
ATOM   151 C  CB  . VAL A 1 26  ? 1.387   4.728   9.022   1.00 27.73  ? 26  VAL A CB  1 
ATOM   152 C  CG1 . VAL A 1 26  ? 2.839   5.061   9.189   1.00 29.87  ? 26  VAL A CG1 1 
ATOM   153 C  CG2 . VAL A 1 26  ? 0.858   3.987   10.228  1.00 30.29  ? 26  VAL A CG2 1 
ATOM   154 N  N   . GLU A 1 27  ? 1.616   8.035   7.995   1.00 35.84  ? 27  GLU A N   1 
ATOM   155 C  CA  . GLU A 1 27  ? 2.239   8.912   7.000   1.00 34.06  ? 27  GLU A CA  1 
ATOM   156 C  C   . GLU A 1 27  ? 3.726   8.624   6.972   1.00 32.57  ? 27  GLU A C   1 
ATOM   157 O  O   . GLU A 1 27  ? 4.360   8.535   8.012   1.00 32.81  ? 27  GLU A O   1 
ATOM   158 C  CB  . GLU A 1 27  ? 2.058   10.364  7.366   1.00 36.38  ? 27  GLU A CB  1 
ATOM   159 C  CG  . GLU A 1 27  ? 0.822   11.025  6.859   1.00 43.04  ? 27  GLU A CG  1 
ATOM   160 C  CD  . GLU A 1 27  ? 0.841   12.504  7.225   1.00 57.15  ? 27  GLU A CD  1 
ATOM   161 O  OE1 . GLU A 1 27  ? -0.038  13.262  6.756   1.00 60.75  ? 27  GLU A OE1 1 
ATOM   162 O  OE2 . GLU A 1 27  ? 1.759   12.896  7.993   1.00 61.54  ? 27  GLU A OE2 1 
ATOM   163 N  N   . VAL A 1 28  ? 4.279   8.517   5.775   1.00 31.18  ? 28  VAL A N   1 
ATOM   164 C  CA  . VAL A 1 28  ? 5.688   8.200   5.600   1.00 31.78  ? 28  VAL A CA  1 
ATOM   165 C  C   . VAL A 1 28  ? 6.220   8.963   4.409   1.00 30.39  ? 28  VAL A C   1 
ATOM   166 O  O   . VAL A 1 28  ? 5.678   8.846   3.298   1.00 28.79  ? 28  VAL A O   1 
ATOM   167 C  CB  . VAL A 1 28  ? 5.899   6.702   5.270   1.00 31.55  ? 28  VAL A CB  1 
ATOM   168 C  CG1 . VAL A 1 28  ? 7.370   6.413   5.163   1.00 31.57  ? 28  VAL A CG1 1 
ATOM   169 C  CG2 . VAL A 1 28  ? 5.227   5.811   6.309   1.00 31.91  ? 28  VAL A CG2 1 
ATOM   170 N  N   . PRO A 1 29  ? 7.295   9.739   4.607   1.00 26.60  ? 29  PRO A N   1 
ATOM   171 C  CA  . PRO A 1 29  ? 7.883   10.509  3.503   1.00 26.24  ? 29  PRO A CA  1 
ATOM   172 C  C   . PRO A 1 29  ? 8.763   9.598   2.633   1.00 25.75  ? 29  PRO A C   1 
ATOM   173 O  O   . PRO A 1 29  ? 9.971   9.548   2.775   1.00 28.32  ? 29  PRO A O   1 
ATOM   174 C  CB  . PRO A 1 29  ? 8.661   11.594  4.222   1.00 26.72  ? 29  PRO A CB  1 
ATOM   175 C  CG  . PRO A 1 29  ? 9.175   10.858  5.424   1.00 30.73  ? 29  PRO A CG  1 
ATOM   176 C  CD  . PRO A 1 29  ? 8.002   9.985   5.872   1.00 29.28  ? 29  PRO A CD  1 
ATOM   177 N  N   . ILE A 1 30  ? 8.137   8.880   1.717   1.00 26.64  ? 30  ILE A N   1 
ATOM   178 C  CA  . ILE A 1 30  ? 8.840   7.958   0.835   1.00 26.05  ? 30  ILE A CA  1 
ATOM   179 C  C   . ILE A 1 30  ? 9.840   8.626   -0.103  1.00 26.43  ? 30  ILE A C   1 
ATOM   180 O  O   . ILE A 1 30  ? 10.782  7.982   -0.551  1.00 26.10  ? 30  ILE A O   1 
ATOM   181 C  CB  . ILE A 1 30  ? 7.812   7.154   0.009   1.00 23.41  ? 30  ILE A CB  1 
ATOM   182 C  CG1 . ILE A 1 30  ? 7.146   6.105   0.918   1.00 25.52  ? 30  ILE A CG1 1 
ATOM   183 C  CG2 . ILE A 1 30  ? 8.475   6.506   -1.211  1.00 24.60  ? 30  ILE A CG2 1 
ATOM   184 C  CD1 . ILE A 1 30  ? 8.073   5.020   1.383   1.00 32.51  ? 30  ILE A CD1 1 
ATOM   185 N  N   . SER A 1 31  ? 9.622   9.900   -0.427  1.00 27.11  ? 31  SER A N   1 
ATOM   186 C  CA  . SER A 1 31  ? 10.537  10.615  -1.312  1.00 26.99  ? 31  SER A CA  1 
ATOM   187 C  C   . SER A 1 31  ? 10.517  12.125  -1.109  1.00 26.36  ? 31  SER A C   1 
ATOM   188 O  O   . SER A 1 31  ? 9.458   12.735  -0.899  1.00 25.75  ? 31  SER A O   1 
ATOM   189 C  CB  . SER A 1 31  ? 10.225  10.310  -2.780  1.00 25.18  ? 31  SER A CB  1 
ATOM   190 O  OG  . SER A 1 31  ? 10.976  11.172  -3.614  1.00 24.30  ? 31  SER A OG  1 
ATOM   191 N  N   . LYS A 1 32  ? 11.697  12.728  -1.183  1.00 24.48  ? 32  LYS A N   1 
ATOM   192 C  CA  . LYS A 1 32  ? 11.799  14.170  -1.011  1.00 25.80  ? 32  LYS A CA  1 
ATOM   193 C  C   . LYS A 1 32  ? 11.488  14.932  -2.319  1.00 24.25  ? 32  LYS A C   1 
ATOM   194 O  O   . LYS A 1 32  ? 11.430  16.155  -2.325  1.00 25.33  ? 32  LYS A O   1 
ATOM   195 C  CB  . LYS A 1 32  ? 13.189  14.541  -0.498  1.00 26.62  ? 32  LYS A CB  1 
ATOM   196 C  CG  . LYS A 1 32  ? 13.552  13.996  0.897   1.00 29.99  ? 32  LYS A CG  1 
ATOM   197 C  CD  . LYS A 1 32  ? 14.988  14.419  1.226   1.00 32.67  ? 32  LYS A CD  1 
ATOM   198 C  CE  . LYS A 1 32  ? 15.532  13.836  2.515   1.00 39.96  ? 32  LYS A CE  1 
ATOM   199 N  NZ  . LYS A 1 32  ? 17.015  14.101  2.636   1.00 41.69  ? 32  LYS A NZ  1 
ATOM   200 N  N   . ARG A 1 33  ? 11.259  14.187  -3.400  1.00 25.72  ? 33  ARG A N   1 
ATOM   201 C  CA  . ARG A 1 33  ? 10.965  14.776  -4.699  1.00 25.37  ? 33  ARG A CA  1 
ATOM   202 C  C   . ARG A 1 33  ? 9.502   15.173  -4.775  1.00 24.68  ? 33  ARG A C   1 
ATOM   203 O  O   . ARG A 1 33  ? 9.106   15.816  -5.735  1.00 24.26  ? 33  ARG A O   1 
ATOM   204 C  CB  . ARG A 1 33  ? 11.284  13.798  -5.833  1.00 22.05  ? 33  ARG A CB  1 
ATOM   205 C  CG  . ARG A 1 33  ? 12.730  13.357  -5.906  1.00 26.64  ? 33  ARG A CG  1 
ATOM   206 C  CD  . ARG A 1 33  ? 12.825  12.076  -6.699  1.00 29.98  ? 33  ARG A CD  1 
ATOM   207 N  NE  . ARG A 1 33  ? 11.911  12.128  -7.811  1.00 32.68  ? 33  ARG A NE  1 
ATOM   208 C  CZ  . ARG A 1 33  ? 11.089  11.161  -8.167  1.00 34.80  ? 33  ARG A CZ  1 
ATOM   209 N  NH1 . ARG A 1 33  ? 11.047  10.016  -7.517  1.00 35.45  ? 33  ARG A NH1 1 
ATOM   210 N  NH2 . ARG A 1 33  ? 10.256  11.376  -9.158  1.00 39.66  ? 33  ARG A NH2 1 
ATOM   211 N  N   . PHE A 1 34  ? 8.685   14.776  -3.797  1.00 15.56  ? 34  PHE A N   1 
ATOM   212 C  CA  . PHE A 1 34  ? 7.300   15.199  -3.848  1.00 15.67  ? 34  PHE A CA  1 
ATOM   213 C  C   . PHE A 1 34  ? 7.059   16.292  -2.822  1.00 16.11  ? 34  PHE A C   1 
ATOM   214 O  O   . PHE A 1 34  ? 7.105   16.037  -1.620  1.00 18.09  ? 34  PHE A O   1 
ATOM   215 C  CB  . PHE A 1 34  ? 6.357   14.035  -3.593  1.00 14.48  ? 34  PHE A CB  1 
ATOM   216 C  CG  . PHE A 1 34  ? 6.646   12.831  -4.439  1.00 16.60  ? 34  PHE A CG  1 
ATOM   217 C  CD1 . PHE A 1 34  ? 6.827   12.953  -5.817  1.00 14.16  ? 34  PHE A CD1 1 
ATOM   218 C  CD2 . PHE A 1 34  ? 6.752   11.570  -3.867  1.00 17.72  ? 34  PHE A CD2 1 
ATOM   219 C  CE1 . PHE A 1 34  ? 7.110   11.819  -6.608  1.00 16.39  ? 34  PHE A CE1 1 
ATOM   220 C  CE2 . PHE A 1 34  ? 7.031   10.455  -4.653  1.00 17.74  ? 34  PHE A CE2 1 
ATOM   221 C  CZ  . PHE A 1 34  ? 7.209   10.587  -6.027  1.00 14.48  ? 34  PHE A CZ  1 
ATOM   222 N  N   . VAL A 1 35  ? 6.783   17.507  -3.296  1.00 23.79  ? 35  VAL A N   1 
ATOM   223 C  CA  . VAL A 1 35  ? 6.525   18.630  -2.390  1.00 26.52  ? 35  VAL A CA  1 
ATOM   224 C  C   . VAL A 1 35  ? 5.293   19.430  -2.812  1.00 28.66  ? 35  VAL A C   1 
ATOM   225 O  O   . VAL A 1 35  ? 4.850   19.369  -3.963  1.00 28.00  ? 35  VAL A O   1 
ATOM   226 C  CB  . VAL A 1 35  ? 7.742   19.596  -2.288  1.00 28.55  ? 35  VAL A CB  1 
ATOM   227 C  CG1 . VAL A 1 35  ? 8.896   18.897  -1.570  1.00 29.07  ? 35  VAL A CG1 1 
ATOM   228 C  CG2 . VAL A 1 35  ? 8.175   20.027  -3.652  1.00 23.76  ? 35  VAL A CG2 1 
ATOM   229 N  N   . ASP A 1 36  ? 4.721   20.152  -1.859  1.00 27.81  ? 36  ASP A N   1 
ATOM   230 C  CA  . ASP A 1 36  ? 3.547   20.943  -2.156  1.00 30.73  ? 36  ASP A CA  1 
ATOM   231 C  C   . ASP A 1 36  ? 3.971   22.374  -2.480  1.00 33.11  ? 36  ASP A C   1 
ATOM   232 O  O   . ASP A 1 36  ? 5.160   22.677  -2.527  1.00 33.56  ? 36  ASP A O   1 
ATOM   233 C  CB  . ASP A 1 36  ? 2.586   20.942  -0.962  1.00 32.68  ? 36  ASP A CB  1 
ATOM   234 C  CG  . ASP A 1 36  ? 3.223   21.481  0.293   1.00 35.56  ? 36  ASP A CG  1 
ATOM   235 O  OD1 . ASP A 1 36  ? 4.195   22.264  0.197   1.00 39.23  ? 36  ASP A OD1 1 
ATOM   236 O  OD2 . ASP A 1 36  ? 2.742   21.124  1.384   1.00 35.49  ? 36  ASP A OD2 1 
ATOM   237 N  N   . LYS A 1 37  ? 2.989   23.243  -2.704  1.00 75.51  ? 37  LYS A N   1 
ATOM   238 C  CA  . LYS A 1 37  ? 3.238   24.644  -3.032  1.00 79.14  ? 37  LYS A CA  1 
ATOM   239 C  C   . LYS A 1 37  ? 4.213   25.344  -2.077  1.00 80.90  ? 37  LYS A C   1 
ATOM   240 O  O   . LYS A 1 37  ? 4.936   26.248  -2.487  1.00 82.89  ? 37  LYS A O   1 
ATOM   241 C  CB  . LYS A 1 37  ? 1.915   25.412  -3.057  1.00 81.80  ? 37  LYS A CB  1 
ATOM   242 C  CG  . LYS A 1 37  ? 1.081   25.181  -1.811  1.00 85.57  ? 37  LYS A CG  1 
ATOM   243 C  CD  . LYS A 1 37  ? -0.030  26.200  -1.654  1.00 87.75  ? 37  LYS A CD  1 
ATOM   244 C  CE  . LYS A 1 37  ? -0.780  25.956  -0.362  1.00 88.90  ? 37  LYS A CE  1 
ATOM   245 N  NZ  . LYS A 1 37  ? 0.177   25.789  0.766   1.00 86.32  ? 37  LYS A NZ  1 
ATOM   246 N  N   . GLU A 1 38  ? 4.239   24.927  -0.815  1.00 43.60  ? 38  GLU A N   1 
ATOM   247 C  CA  . GLU A 1 38  ? 5.119   25.538  0.170   1.00 44.59  ? 38  GLU A CA  1 
ATOM   248 C  C   . GLU A 1 38  ? 6.471   24.853  0.345   1.00 42.37  ? 38  GLU A C   1 
ATOM   249 O  O   . GLU A 1 38  ? 7.150   25.065  1.348   1.00 44.83  ? 38  GLU A O   1 
ATOM   250 C  CB  . GLU A 1 38  ? 4.409   25.595  1.512   1.00 47.33  ? 38  GLU A CB  1 
ATOM   251 C  CG  . GLU A 1 38  ? 3.027   26.201  1.436   1.00 51.74  ? 38  GLU A CG  1 
ATOM   252 C  CD  . GLU A 1 38  ? 2.526   26.657  2.801   1.00 55.58  ? 38  GLU A CD  1 
ATOM   253 O  OE1 . GLU A 1 38  ? 2.756   25.932  3.802   1.00 53.26  ? 38  GLU A OE1 1 
ATOM   254 O  OE2 . GLU A 1 38  ? 1.897   27.742  2.870   1.00 60.98  ? 38  GLU A OE2 1 
ATOM   255 N  N   . GLY A 1 39  ? 6.850   24.016  -0.617  1.00 35.10  ? 39  GLY A N   1 
ATOM   256 C  CA  . GLY A 1 39  ? 8.138   23.337  -0.547  1.00 32.39  ? 39  GLY A CA  1 
ATOM   257 C  C   . GLY A 1 39  ? 8.294   22.195  0.436   1.00 31.65  ? 39  GLY A C   1 
ATOM   258 O  O   . GLY A 1 39  ? 9.374   21.649  0.575   1.00 33.13  ? 39  GLY A O   1 
ATOM   259 N  N   . ASN A 1 40  ? 7.223   21.830  1.127   1.00 28.43  ? 40  ASN A N   1 
ATOM   260 C  CA  . ASN A 1 40  ? 7.268   20.727  2.075   1.00 26.52  ? 40  ASN A CA  1 
ATOM   261 C  C   . ASN A 1 40  ? 6.985   19.370  1.446   1.00 22.85  ? 40  ASN A C   1 
ATOM   262 O  O   . ASN A 1 40  ? 6.164   19.247  0.527   1.00 20.44  ? 40  ASN A O   1 
ATOM   263 C  CB  . ASN A 1 40  ? 6.273   20.982  3.186   1.00 26.87  ? 40  ASN A CB  1 
ATOM   264 C  CG  . ASN A 1 40  ? 6.661   22.161  4.023   1.00 32.08  ? 40  ASN A CG  1 
ATOM   265 O  OD1 . ASN A 1 40  ? 5.799   22.901  4.488   1.00 36.21  ? 40  ASN A OD1 1 
ATOM   266 N  ND2 . ASN A 1 40  ? 7.969   22.349  4.229   1.00 30.69  ? 40  ASN A ND2 1 
ATOM   267 N  N   . VAL A 1 41  ? 7.681   18.360  1.954   1.00 27.33  ? 41  VAL A N   1 
ATOM   268 C  CA  . VAL A 1 41  ? 7.524   17.010  1.457   1.00 26.01  ? 41  VAL A CA  1 
ATOM   269 C  C   . VAL A 1 41  ? 6.079   16.545  1.655   1.00 24.77  ? 41  VAL A C   1 
ATOM   270 O  O   . VAL A 1 41  ? 5.437   16.850  2.659   1.00 26.71  ? 41  VAL A O   1 
ATOM   271 C  CB  . VAL A 1 41  ? 8.448   16.017  2.185   1.00 25.66  ? 41  VAL A CB  1 
ATOM   272 C  CG1 . VAL A 1 41  ? 8.251   14.634  1.603   1.00 24.66  ? 41  VAL A CG1 1 
ATOM   273 C  CG2 . VAL A 1 41  ? 9.887   16.453  2.060   1.00 27.09  ? 41  VAL A CG2 1 
ATOM   274 N  N   . VAL A 1 42  ? 5.583   15.811  0.671   1.00 25.43  ? 42  VAL A N   1 
ATOM   275 C  CA  . VAL A 1 42  ? 4.234   15.269  0.712   1.00 24.82  ? 42  VAL A CA  1 
ATOM   276 C  C   . VAL A 1 42  ? 4.418   13.807  1.060   1.00 24.21  ? 42  VAL A C   1 
ATOM   277 O  O   . VAL A 1 42  ? 4.801   13.009  0.205   1.00 24.92  ? 42  VAL A O   1 
ATOM   278 C  CB  . VAL A 1 42  ? 3.593   15.393  -0.659  1.00 23.17  ? 42  VAL A CB  1 
ATOM   279 C  CG1 . VAL A 1 42  ? 2.242   14.758  -0.635  1.00 19.54  ? 42  VAL A CG1 1 
ATOM   280 C  CG2 . VAL A 1 42  ? 3.523   16.895  -1.076  1.00 25.20  ? 42  VAL A CG2 1 
ATOM   281 N  N   . PRO A 1 43  ? 4.189   13.430  2.330   1.00 19.00  ? 43  PRO A N   1 
ATOM   282 C  CA  . PRO A 1 43  ? 4.366   12.017  2.702   1.00 19.23  ? 43  PRO A CA  1 
ATOM   283 C  C   . PRO A 1 43  ? 3.294   11.094  2.136   1.00 17.33  ? 43  PRO A C   1 
ATOM   284 O  O   . PRO A 1 43  ? 2.188   11.529  1.818   1.00 17.56  ? 43  PRO A O   1 
ATOM   285 C  CB  . PRO A 1 43  ? 4.334   12.047  4.232   1.00 19.44  ? 43  PRO A CB  1 
ATOM   286 C  CG  . PRO A 1 43  ? 3.371   13.165  4.515   1.00 20.43  ? 43  PRO A CG  1 
ATOM   287 C  CD  . PRO A 1 43  ? 3.747   14.225  3.500   1.00 21.26  ? 43  PRO A CD  1 
ATOM   288 N  N   . PHE A 1 44  ? 3.649   9.826   1.981   1.00 21.14  ? 44  PHE A N   1 
ATOM   289 C  CA  . PHE A 1 44  ? 2.689   8.849   1.513   1.00 19.62  ? 44  PHE A CA  1 
ATOM   290 C  C   . PHE A 1 44  ? 1.883   8.447   2.741   1.00 21.78  ? 44  PHE A C   1 
ATOM   291 O  O   . PHE A 1 44  ? 2.412   8.439   3.855   1.00 22.46  ? 44  PHE A O   1 
ATOM   292 C  CB  . PHE A 1 44  ? 3.405   7.613   1.015   1.00 19.46  ? 44  PHE A CB  1 
ATOM   293 C  CG  . PHE A 1 44  ? 3.788   7.674   -0.407  1.00 15.50  ? 44  PHE A CG  1 
ATOM   294 C  CD1 . PHE A 1 44  ? 4.217   8.852   -0.973  1.00 18.01  ? 44  PHE A CD1 1 
ATOM   295 C  CD2 . PHE A 1 44  ? 3.777   6.529   -1.168  1.00 14.65  ? 44  PHE A CD2 1 
ATOM   296 C  CE1 . PHE A 1 44  ? 4.648   8.880   -2.321  1.00 19.45  ? 44  PHE A CE1 1 
ATOM   297 C  CE2 . PHE A 1 44  ? 4.203   6.534   -2.513  1.00 18.03  ? 44  PHE A CE2 1 
ATOM   298 C  CZ  . PHE A 1 44  ? 4.639   7.712   -3.086  1.00 17.95  ? 44  PHE A CZ  1 
ATOM   299 N  N   . ILE A 1 45  ? 0.610   8.117   2.527   1.00 17.01  ? 45  ILE A N   1 
ATOM   300 C  CA  . ILE A 1 45  ? -0.251  7.638   3.591   1.00 18.87  ? 45  ILE A CA  1 
ATOM   301 C  C   . ILE A 1 45  ? -0.548  6.168   3.316   1.00 20.07  ? 45  ILE A C   1 
ATOM   302 O  O   . ILE A 1 45  ? -1.116  5.807   2.246   1.00 18.37  ? 45  ILE A O   1 
ATOM   303 C  CB  . ILE A 1 45  ? -1.551  8.381   3.629   1.00 19.09  ? 45  ILE A CB  1 
ATOM   304 C  CG1 . ILE A 1 45  ? -1.283  9.842   3.914   1.00 19.76  ? 45  ILE A CG1 1 
ATOM   305 C  CG2 . ILE A 1 45  ? -2.451  7.804   4.738   1.00 20.05  ? 45  ILE A CG2 1 
ATOM   306 C  CD1 . ILE A 1 45  ? -2.566  10.672  3.893   1.00 35.64  ? 45  ILE A CD1 1 
ATOM   307 N  N   . PHE A 1 46  ? -0.142  5.329   4.271   1.00 22.82  ? 46  PHE A N   1 
ATOM   308 C  CA  . PHE A 1 46  ? -0.334  3.885   4.208   1.00 21.18  ? 46  PHE A CA  1 
ATOM   309 C  C   . PHE A 1 46  ? -1.397  3.477   5.221   1.00 21.84  ? 46  PHE A C   1 
ATOM   310 O  O   . PHE A 1 46  ? -1.655  4.202   6.202   1.00 22.86  ? 46  PHE A O   1 
ATOM   311 C  CB  . PHE A 1 46  ? 0.952   3.131   4.541   1.00 21.29  ? 46  PHE A CB  1 
ATOM   312 C  CG  . PHE A 1 46  ? 2.092   3.361   3.547   1.00 22.51  ? 46  PHE A CG  1 
ATOM   313 C  CD1 . PHE A 1 46  ? 2.850   4.537   3.585   1.00 23.54  ? 46  PHE A CD1 1 
ATOM   314 C  CD2 . PHE A 1 46  ? 2.457   2.361   2.648   1.00 19.43  ? 46  PHE A CD2 1 
ATOM   315 C  CE1 . PHE A 1 46  ? 3.961   4.695   2.746   1.00 20.59  ? 46  PHE A CE1 1 
ATOM   316 C  CE2 . PHE A 1 46  ? 3.564   2.510   1.805   1.00 22.60  ? 46  PHE A CE2 1 
ATOM   317 C  CZ  . PHE A 1 46  ? 4.315   3.667   1.851   1.00 20.86  ? 46  PHE A CZ  1 
ATOM   318 N  N   . LYS A 1 47  ? -2.026  2.336   4.954   1.00 19.90  ? 47  LYS A N   1 
ATOM   319 C  CA  . LYS A 1 47  ? -3.044  1.764   5.821   1.00 21.45  ? 47  LYS A CA  1 
ATOM   320 C  C   . LYS A 1 47  ? -3.199  0.319   5.408   1.00 20.06  ? 47  LYS A C   1 
ATOM   321 O  O   . LYS A 1 47  ? -3.633  0.040   4.295   1.00 20.20  ? 47  LYS A O   1 
ATOM   322 C  CB  . LYS A 1 47  ? -4.383  2.463   5.650   1.00 22.39  ? 47  LYS A CB  1 
ATOM   323 C  CG  . LYS A 1 47  ? -5.450  1.940   6.604   1.00 25.04  ? 47  LYS A CG  1 
ATOM   324 C  CD  . LYS A 1 47  ? -6.823  2.462   6.182   1.00 31.36  ? 47  LYS A CD  1 
ATOM   325 C  CE  . LYS A 1 47  ? -7.798  2.375   7.324   1.00 36.54  ? 47  LYS A CE  1 
ATOM   326 N  NZ  . LYS A 1 47  ? -7.783  0.969   7.771   1.00 38.20  ? 47  LYS A NZ  1 
ATOM   327 N  N   . ALA A 1 48  ? -2.810  -0.590  6.298   1.00 26.94  ? 48  ALA A N   1 
ATOM   328 C  CA  . ALA A 1 48  ? -2.905  -2.034  6.061   1.00 25.64  ? 48  ALA A CA  1 
ATOM   329 C  C   . ALA A 1 48  ? -4.253  -2.481  5.465   1.00 25.16  ? 48  ALA A C   1 
ATOM   330 O  O   . ALA A 1 48  ? -5.328  -1.944  5.773   1.00 26.21  ? 48  ALA A O   1 
ATOM   331 C  CB  . ALA A 1 48  ? -2.657  -2.799  7.370   1.00 27.35  ? 48  ALA A CB  1 
ATOM   332 N  N   . ILE A 1 49  ? -4.183  -3.462  4.583   1.00 21.02  ? 49  ILE A N   1 
ATOM   333 C  CA  . ILE A 1 49  ? -5.410  -3.974  4.012   1.00 19.74  ? 49  ILE A CA  1 
ATOM   334 C  C   . ILE A 1 49  ? -5.789  -5.187  4.880   1.00 20.99  ? 49  ILE A C   1 
ATOM   335 O  O   . ILE A 1 49  ? -5.128  -5.472  5.875   1.00 18.78  ? 49  ILE A O   1 
ATOM   336 C  CB  . ILE A 1 49  ? -5.205  -4.344  2.532   1.00 20.09  ? 49  ILE A CB  1 
ATOM   337 C  CG1 . ILE A 1 49  ? -4.079  -5.371  2.394   1.00 16.92  ? 49  ILE A CG1 1 
ATOM   338 C  CG2 . ILE A 1 49  ? -4.841  -3.083  1.762   1.00 17.09  ? 49  ILE A CG2 1 
ATOM   339 C  CD1 . ILE A 1 49  ? -3.988  -6.015  1.032   1.00 36.15  ? 49  ILE A CD1 1 
ATOM   340 N  N   . THR A 1 50  ? -6.832  -5.901  4.512   1.00 15.68  ? 50  THR A N   1 
ATOM   341 C  CA  . THR A 1 50  ? -7.255  -7.010  5.325   1.00 16.76  ? 50  THR A CA  1 
ATOM   342 C  C   . THR A 1 50  ? -6.559  -8.297  4.958   1.00 17.04  ? 50  THR A C   1 
ATOM   343 O  O   . THR A 1 50  ? -5.941  -8.444  3.872   1.00 16.59  ? 50  THR A O   1 
ATOM   344 C  CB  . THR A 1 50  ? -8.752  -7.210  5.188   1.00 17.17  ? 50  THR A CB  1 
ATOM   345 O  OG1 . THR A 1 50  ? -9.037  -7.626  3.851   1.00 18.57  ? 50  THR A OG1 1 
ATOM   346 C  CG2 . THR A 1 50  ? -9.482  -5.872  5.438   1.00 16.83  ? 50  THR A CG2 1 
ATOM   347 N  N   . THR A 1 51  ? -6.645  -9.236  5.879   1.00 20.43  ? 51  THR A N   1 
ATOM   348 C  CA  . THR A 1 51  ? -6.057  -10.537 5.674   1.00 21.11  ? 51  THR A CA  1 
ATOM   349 C  C   . THR A 1 51  ? -6.828  -11.226 4.544   1.00 21.71  ? 51  THR A C   1 
ATOM   350 O  O   . THR A 1 51  ? -6.228  -11.833 3.667   1.00 23.52  ? 51  THR A O   1 
ATOM   351 C  CB  . THR A 1 51  ? -6.124  -11.329 6.993   1.00 23.71  ? 51  THR A CB  1 
ATOM   352 O  OG1 . THR A 1 51  ? -5.354  -10.628 7.996   1.00 20.77  ? 51  THR A OG1 1 
ATOM   353 C  CG2 . THR A 1 51  ? -5.626  -12.763 6.783   1.00 24.16  ? 51  THR A CG2 1 
ATOM   354 N  N   . ASP A 1 52  ? -8.152  -11.100 4.550   1.00 25.89  ? 52  ASP A N   1 
ATOM   355 C  CA  . ASP A 1 52  ? -8.983  -11.685 3.495   1.00 27.95  ? 52  ASP A CA  1 
ATOM   356 C  C   . ASP A 1 52  ? -8.491  -11.162 2.137   1.00 27.92  ? 52  ASP A C   1 
ATOM   357 O  O   . ASP A 1 52  ? -8.357  -11.908 1.168   1.00 29.56  ? 52  ASP A O   1 
ATOM   358 C  CB  . ASP A 1 52  ? -10.476 -11.277 3.656   1.00 29.99  ? 52  ASP A CB  1 
ATOM   359 C  CG  . ASP A 1 52  ? -11.232 -12.102 4.731   1.00 35.12  ? 52  ASP A CG  1 
ATOM   360 O  OD1 . ASP A 1 52  ? -10.622 -13.014 5.315   1.00 43.14  ? 52  ASP A OD1 1 
ATOM   361 O  OD2 . ASP A 1 52  ? -12.443 -11.844 4.998   1.00 37.10  ? 52  ASP A OD2 1 
ATOM   362 N  N   . ARG A 1 53  ? -8.220  -9.867  2.077   1.00 18.50  ? 53  ARG A N   1 
ATOM   363 C  CA  . ARG A 1 53  ? -7.806  -9.255  0.818   1.00 19.57  ? 53  ARG A CA  1 
ATOM   364 C  C   . ARG A 1 53  ? -6.442  -9.691  0.335   1.00 20.48  ? 53  ARG A C   1 
ATOM   365 O  O   . ARG A 1 53  ? -6.202  -9.796  -0.871  1.00 22.04  ? 53  ARG A O   1 
ATOM   366 C  CB  . ARG A 1 53  ? -7.841  -7.731  0.939   1.00 18.40  ? 53  ARG A CB  1 
ATOM   367 C  CG  . ARG A 1 53  ? -7.492  -7.040  -0.352  1.00 13.13  ? 53  ARG A CG  1 
ATOM   368 C  CD  . ARG A 1 53  ? -8.328  -7.583  -1.553  1.00 18.93  ? 53  ARG A CD  1 
ATOM   369 N  NE  . ARG A 1 53  ? -7.951  -6.883  -2.781  1.00 22.18  ? 53  ARG A NE  1 
ATOM   370 C  CZ  . ARG A 1 53  ? -8.288  -7.241  -4.022  1.00 27.83  ? 53  ARG A CZ  1 
ATOM   371 N  NH1 . ARG A 1 53  ? -9.029  -8.323  -4.263  1.00 28.39  ? 53  ARG A NH1 1 
ATOM   372 N  NH2 . ARG A 1 53  ? -7.881  -6.490  -5.039  1.00 28.59  ? 53  ARG A NH2 1 
ATOM   373 N  N   . ILE A 1 54  ? -5.538  -9.937  1.279   1.00 22.70  ? 54  ILE A N   1 
ATOM   374 C  CA  . ILE A 1 54  ? -4.198  -10.369 0.935   1.00 23.12  ? 54  ILE A CA  1 
ATOM   375 C  C   . ILE A 1 54  ? -4.339  -11.778 0.351   1.00 27.04  ? 54  ILE A C   1 
ATOM   376 O  O   . ILE A 1 54  ? -3.533  -12.234 -0.481  1.00 27.19  ? 54  ILE A O   1 
ATOM   377 C  CB  . ILE A 1 54  ? -3.307  -10.347 2.194   1.00 22.42  ? 54  ILE A CB  1 
ATOM   378 C  CG1 . ILE A 1 54  ? -3.095  -8.881  2.640   1.00 19.09  ? 54  ILE A CG1 1 
ATOM   379 C  CG2 . ILE A 1 54  ? -1.995  -10.993 1.914   1.00 23.19  ? 54  ILE A CG2 1 
ATOM   380 C  CD1 . ILE A 1 54  ? -2.665  -8.675  4.102   1.00 34.97  ? 54  ILE A CD1 1 
ATOM   381 N  N   . ASP A 1 55  ? -5.392  -12.468 0.781   1.00 39.71  ? 55  ASP A N   1 
ATOM   382 C  CA  . ASP A 1 55  ? -5.634  -13.806 0.282   1.00 42.80  ? 55  ASP A CA  1 
ATOM   383 C  C   . ASP A 1 55  ? -6.091  -13.767 -1.156  1.00 43.17  ? 55  ASP A C   1 
ATOM   384 O  O   . ASP A 1 55  ? -5.544  -14.472 -1.985  1.00 45.63  ? 55  ASP A O   1 
ATOM   385 C  CB  . ASP A 1 55  ? -6.668  -14.523 1.134   1.00 45.19  ? 55  ASP A CB  1 
ATOM   386 C  CG  . ASP A 1 55  ? -6.082  -15.054 2.426   1.00 52.77  ? 55  ASP A CG  1 
ATOM   387 O  OD1 . ASP A 1 55  ? -4.893  -15.447 2.416   1.00 61.49  ? 55  ASP A OD1 1 
ATOM   388 O  OD2 . ASP A 1 55  ? -6.810  -15.094 3.441   1.00 59.26  ? 55  ASP A OD2 1 
ATOM   389 N  N   . GLU A 1 56  ? -7.091  -12.955 -1.474  1.00 30.30  ? 56  GLU A N   1 
ATOM   390 C  CA  . GLU A 1 56  ? -7.510  -12.913 -2.861  1.00 31.69  ? 56  GLU A CA  1 
ATOM   391 C  C   . GLU A 1 56  ? -6.351  -12.460 -3.746  1.00 31.97  ? 56  GLU A C   1 
ATOM   392 O  O   . GLU A 1 56  ? -6.271  -12.844 -4.907  1.00 34.27  ? 56  GLU A O   1 
ATOM   393 C  CB  . GLU A 1 56  ? -8.651  -11.948 -3.094  1.00 31.40  ? 56  GLU A CB  1 
ATOM   394 C  CG  . GLU A 1 56  ? -9.532  -11.669 -1.936  1.00 34.13  ? 56  GLU A CG  1 
ATOM   395 C  CD  . GLU A 1 56  ? -10.531 -10.616 -2.325  1.00 40.25  ? 56  GLU A CD  1 
ATOM   396 O  OE1 . GLU A 1 56  ? -10.977 -9.825  -1.465  1.00 39.92  ? 56  GLU A OE1 1 
ATOM   397 O  OE2 . GLU A 1 56  ? -10.876 -10.585 -3.521  1.00 48.52  ? 56  GLU A OE2 1 
ATOM   398 N  N   . LEU A 1 57  ? -5.457  -11.632 -3.221  1.00 26.76  ? 57  LEU A N   1 
ATOM   399 C  CA  . LEU A 1 57  ? -4.348  -11.202 -4.050  1.00 26.73  ? 57  LEU A CA  1 
ATOM   400 C  C   . LEU A 1 57  ? -3.394  -12.347 -4.320  1.00 29.77  ? 57  LEU A C   1 
ATOM   401 O  O   . LEU A 1 57  ? -2.848  -12.464 -5.424  1.00 29.73  ? 57  LEU A O   1 
ATOM   402 C  CB  . LEU A 1 57  ? -3.581  -10.034 -3.408  1.00 23.88  ? 57  LEU A CB  1 
ATOM   403 C  CG  . LEU A 1 57  ? -4.375  -8.732  -3.530  1.00 21.46  ? 57  LEU A CG  1 
ATOM   404 C  CD1 . LEU A 1 57  ? -3.737  -7.613  -2.691  1.00 19.96  ? 57  LEU A CD1 1 
ATOM   405 C  CD2 . LEU A 1 57  ? -4.479  -8.367  -5.033  1.00 23.93  ? 57  LEU A CD2 1 
ATOM   406 N  N   . GLU A 1 58  ? -3.182  -13.195 -3.323  1.00 37.73  ? 58  GLU A N   1 
ATOM   407 C  CA  . GLU A 1 58  ? -2.257  -14.299 -3.532  1.00 42.75  ? 58  GLU A CA  1 
ATOM   408 C  C   . GLU A 1 58  ? -2.812  -15.199 -4.608  1.00 45.94  ? 58  GLU A C   1 
ATOM   409 O  O   . GLU A 1 58  ? -2.112  -15.545 -5.555  1.00 47.80  ? 58  GLU A O   1 
ATOM   410 C  CB  . GLU A 1 58  ? -2.055  -15.106 -2.264  1.00 43.65  ? 58  GLU A CB  1 
ATOM   411 C  CG  . GLU A 1 58  ? -0.774  -15.883 -2.320  1.00 50.29  ? 58  GLU A CG  1 
ATOM   412 C  CD  . GLU A 1 58  ? -0.770  -17.053 -1.381  1.00 58.42  ? 58  GLU A CD  1 
ATOM   413 O  OE1 . GLU A 1 58  ? -1.175  -16.881 -0.209  1.00 61.68  ? 58  GLU A OE1 1 
ATOM   414 O  OE2 . GLU A 1 58  ? -0.348  -18.144 -1.816  1.00 62.85  ? 58  GLU A OE2 1 
ATOM   415 N  N   . LYS A 1 59  ? -4.074  -15.572 -4.437  1.00 67.76  ? 59  LYS A N   1 
ATOM   416 C  CA  . LYS A 1 59  ? -4.792  -16.410 -5.388  1.00 72.02  ? 59  LYS A CA  1 
ATOM   417 C  C   . LYS A 1 59  ? -4.634  -15.799 -6.780  1.00 71.82  ? 59  LYS A C   1 
ATOM   418 O  O   . LYS A 1 59  ? -4.187  -16.451 -7.726  1.00 74.59  ? 59  LYS A O   1 
ATOM   419 C  CB  . LYS A 1 59  ? -6.263  -16.454 -4.974  1.00 72.83  ? 59  LYS A CB  1 
ATOM   420 C  CG  . LYS A 1 59  ? -7.249  -16.756 -6.079  1.00 76.32  ? 59  LYS A CG  1 
ATOM   421 C  CD  . LYS A 1 59  ? -8.669  -16.689 -5.526  1.00 76.29  ? 59  LYS A CD  1 
ATOM   422 C  CE  . LYS A 1 59  ? -9.731  -16.709 -6.629  1.00 80.53  ? 59  LYS A CE  1 
ATOM   423 N  NZ  . LYS A 1 59  ? -9.691  -15.511 -7.525  1.00 80.63  ? 59  LYS A NZ  1 
ATOM   424 N  N   . GLU A 1 60  ? -4.997  -14.526 -6.867  1.00 47.17  ? 60  GLU A N   1 
ATOM   425 C  CA  . GLU A 1 60  ? -4.917  -13.721 -8.076  1.00 47.81  ? 60  GLU A CA  1 
ATOM   426 C  C   . GLU A 1 60  ? -3.533  -13.734 -8.746  1.00 47.15  ? 60  GLU A C   1 
ATOM   427 O  O   . GLU A 1 60  ? -3.431  -13.490 -9.945  1.00 47.81  ? 60  GLU A O   1 
ATOM   428 C  CB  . GLU A 1 60  ? -5.288  -12.292 -7.699  1.00 45.83  ? 60  GLU A CB  1 
ATOM   429 C  CG  . GLU A 1 60  ? -5.914  -11.436 -8.769  1.00 47.75  ? 60  GLU A CG  1 
ATOM   430 C  CD  . GLU A 1 60  ? -6.782  -10.339 -8.156  1.00 46.65  ? 60  GLU A CD  1 
ATOM   431 O  OE1 . GLU A 1 60  ? -7.813  -10.683 -7.534  1.00 51.42  ? 60  GLU A OE1 1 
ATOM   432 O  OE2 . GLU A 1 60  ? -6.437  -9.140  -8.280  1.00 47.43  ? 60  GLU A OE2 1 
ATOM   433 N  N   . ASN A 1 61  ? -2.475  -14.013 -7.986  1.00 37.55  ? 61  ASN A N   1 
ATOM   434 C  CA  . ASN A 1 61  ? -1.122  -14.035 -8.553  1.00 38.27  ? 61  ASN A CA  1 
ATOM   435 C  C   . ASN A 1 61  ? -0.407  -15.369 -8.461  1.00 41.35  ? 61  ASN A C   1 
ATOM   436 O  O   . ASN A 1 61  ? 0.826   -15.442 -8.404  1.00 41.50  ? 61  ASN A O   1 
ATOM   437 C  CB  . ASN A 1 61  ? -0.265  -12.939 -7.919  1.00 34.80  ? 61  ASN A CB  1 
ATOM   438 C  CG  . ASN A 1 61  ? -0.720  -11.560 -8.337  1.00 31.78  ? 61  ASN A CG  1 
ATOM   439 O  OD1 . ASN A 1 61  ? -0.228  -11.007 -9.309  1.00 31.33  ? 61  ASN A OD1 1 
ATOM   440 N  ND2 . ASN A 1 61  ? -1.695  -11.009 -7.620  1.00 24.42  ? 61  ASN A ND2 1 
ATOM   441 N  N   . THR A 1 62  ? -1.199  -16.431 -8.449  1.00 55.24  ? 62  THR A N   1 
ATOM   442 C  CA  . THR A 1 62  ? -0.668  -17.779 -8.388  1.00 59.75  ? 62  THR A CA  1 
ATOM   443 C  C   . THR A 1 62  ? -1.210  -18.587 -9.559  1.00 62.74  ? 62  THR A C   1 
ATOM   444 O  O   . THR A 1 62  ? -2.321  -18.341 -10.048 1.00 62.84  ? 62  THR A O   1 
ATOM   445 C  CB  . THR A 1 62  ? -1.051  -18.467 -7.073  1.00 60.21  ? 62  THR A CB  1 
ATOM   446 O  OG1 . THR A 1 62  ? -2.100  -17.734 -6.439  1.00 59.51  ? 62  THR A OG1 1 
ATOM   447 C  CG2 . THR A 1 62  ? 0.135   -18.536 -6.147  1.00 61.94  ? 62  THR A CG2 1 
ATOM   448 N  N   . THR A 1 63  ? -0.410  -19.547 -10.009 1.00 70.13  ? 63  THR A N   1 
ATOM   449 C  CA  . THR A 1 63  ? -0.763  -20.411 -11.128 1.00 73.76  ? 63  THR A CA  1 
ATOM   450 C  C   . THR A 1 63  ? 0.209   -21.582 -11.199 1.00 76.71  ? 63  THR A C   1 
ATOM   451 O  O   . THR A 1 63  ? 0.652   -22.088 -10.171 1.00 76.23  ? 63  THR A O   1 
ATOM   452 C  CB  . THR A 1 63  ? -0.730  -19.632 -12.473 1.00 74.12  ? 63  THR A CB  1 
ATOM   453 O  OG1 . THR A 1 63  ? 0.347   -18.686 -12.452 1.00 73.55  ? 63  THR A OG1 1 
ATOM   454 C  CG2 . THR A 1 63  ? -2.055  -18.902 -12.716 1.00 70.74  ? 63  THR A CG2 1 
ATOM   455 N  N   . GLU A 1 75  ? 2.379   -21.935 -8.499  1.00 90.62  ? 75  GLU A N   1 
ATOM   456 C  CA  . GLU A 1 75  ? 3.241   -20.908 -9.073  1.00 88.90  ? 75  GLU A CA  1 
ATOM   457 C  C   . GLU A 1 75  ? 2.748   -19.475 -8.816  1.00 84.04  ? 75  GLU A C   1 
ATOM   458 O  O   . GLU A 1 75  ? 1.798   -19.008 -9.443  1.00 82.73  ? 75  GLU A O   1 
ATOM   459 C  CB  . GLU A 1 75  ? 3.387   -21.154 -10.572 1.00 92.18  ? 75  GLU A CB  1 
ATOM   460 C  CG  . GLU A 1 75  ? 4.202   -20.106 -11.299 1.00 93.52  ? 75  GLU A CG  1 
ATOM   461 C  CD  . GLU A 1 75  ? 5.351   -19.583 -10.461 1.00 95.08  ? 75  GLU A CD  1 
ATOM   462 O  OE1 . GLU A 1 75  ? 6.024   -20.397 -9.788  1.00 98.39  ? 75  GLU A OE1 1 
ATOM   463 O  OE2 . GLU A 1 75  ? 5.579   -18.354 -10.485 1.00 93.08  ? 75  GLU A OE2 1 
ATOM   464 N  N   . LEU A 1 76  ? 3.421   -18.776 -7.903  1.00 56.51  ? 76  LEU A N   1 
ATOM   465 C  CA  . LEU A 1 76  ? 3.056   -17.403 -7.539  1.00 52.06  ? 76  LEU A CA  1 
ATOM   466 C  C   . LEU A 1 76  ? 4.017   -16.308 -7.985  1.00 50.93  ? 76  LEU A C   1 
ATOM   467 O  O   . LEU A 1 76  ? 5.220   -16.374 -7.731  1.00 51.89  ? 76  LEU A O   1 
ATOM   468 C  CB  . LEU A 1 76  ? 2.907   -17.276 -6.017  1.00 49.97  ? 76  LEU A CB  1 
ATOM   469 C  CG  . LEU A 1 76  ? 2.766   -15.852 -5.442  1.00 46.55  ? 76  LEU A CG  1 
ATOM   470 C  CD1 . LEU A 1 76  ? 1.280   -15.476 -5.296  1.00 41.65  ? 76  LEU A CD1 1 
ATOM   471 C  CD2 . LEU A 1 76  ? 3.457   -15.789 -4.094  1.00 45.78  ? 76  LEU A CD2 1 
ATOM   472 N  N   . ASP A 1 77  ? 3.456   -15.285 -8.620  1.00 48.55  ? 77  ASP A N   1 
ATOM   473 C  CA  . ASP A 1 77  ? 4.207   -14.120 -9.066  1.00 47.28  ? 77  ASP A CA  1 
ATOM   474 C  C   . ASP A 1 77  ? 4.331   -13.225 -7.828  1.00 44.37  ? 77  ASP A C   1 
ATOM   475 O  O   . ASP A 1 77  ? 3.483   -12.364 -7.597  1.00 41.28  ? 77  ASP A O   1 
ATOM   476 C  CB  . ASP A 1 77  ? 3.412   -13.376 -10.132 1.00 47.04  ? 77  ASP A CB  1 
ATOM   477 C  CG  . ASP A 1 77  ? 4.221   -12.290 -10.813 1.00 48.43  ? 77  ASP A CG  1 
ATOM   478 O  OD1 . ASP A 1 77  ? 5.149   -11.724 -10.188 1.00 48.91  ? 77  ASP A OD1 1 
ATOM   479 O  OD2 . ASP A 1 77  ? 3.915   -11.991 -11.975 1.00 51.83  ? 77  ASP A OD2 1 
ATOM   480 N  N   . SER A 1 78  ? 5.378   -13.431 -7.040  1.00 52.75  ? 78  SER A N   1 
ATOM   481 C  CA  . SER A 1 78  ? 5.568   -12.665 -5.813  1.00 50.69  ? 78  SER A CA  1 
ATOM   482 C  C   . SER A 1 78  ? 5.713   -11.187 -6.077  1.00 48.05  ? 78  SER A C   1 
ATOM   483 O  O   . SER A 1 78  ? 5.059   -10.362 -5.453  1.00 46.70  ? 78  SER A O   1 
ATOM   484 C  CB  . SER A 1 78  ? 6.821   -13.138 -5.063  1.00 52.39  ? 78  SER A CB  1 
ATOM   485 O  OG  . SER A 1 78  ? 6.908   -14.547 -5.022  1.00 55.32  ? 78  SER A OG  1 
ATOM   486 N  N   . GLN A 1 79  ? 6.619   -10.876 -6.986  1.00 48.06  ? 79  GLN A N   1 
ATOM   487 C  CA  . GLN A 1 79  ? 6.925   -9.518  -7.380  1.00 46.51  ? 79  GLN A CA  1 
ATOM   488 C  C   . GLN A 1 79  ? 5.629   -8.735  -7.553  1.00 42.37  ? 79  GLN A C   1 
ATOM   489 O  O   . GLN A 1 79  ? 5.422   -7.672  -6.970  1.00 39.34  ? 79  GLN A O   1 
ATOM   490 C  CB  . GLN A 1 79  ? 7.676   -9.557  -8.716  1.00 49.53  ? 79  GLN A CB  1 
ATOM   491 C  CG  . GLN A 1 79  ? 8.604   -8.378  -8.982  1.00 53.52  ? 79  GLN A CG  1 
ATOM   492 C  CD  . GLN A 1 79  ? 9.984   -8.578  -8.369  1.00 58.92  ? 79  GLN A CD  1 
ATOM   493 O  OE1 . GLN A 1 79  ? 10.120  -8.749  -7.151  1.00 57.84  ? 79  GLN A OE1 1 
ATOM   494 N  NE2 . GLN A 1 79  ? 11.015  -8.560  -9.211  1.00 58.84  ? 79  GLN A NE2 1 
ATOM   495 N  N   . ARG A 1 80  ? 4.772   -9.303  -8.384  1.00 35.83  ? 80  ARG A N   1 
ATOM   496 C  CA  . ARG A 1 80  ? 3.500   -8.740  -8.730  1.00 33.24  ? 80  ARG A CA  1 
ATOM   497 C  C   . ARG A 1 80  ? 2.553   -8.710  -7.542  1.00 29.85  ? 80  ARG A C   1 
ATOM   498 O  O   . ARG A 1 80  ? 1.835   -7.744  -7.320  1.00 26.77  ? 80  ARG A O   1 
ATOM   499 C  CB  . ARG A 1 80  ? 2.910   -9.579  -9.832  1.00 36.01  ? 80  ARG A CB  1 
ATOM   500 C  CG  . ARG A 1 80  ? 1.658   -9.054  -10.357 1.00 39.52  ? 80  ARG A CG  1 
ATOM   501 C  CD  . ARG A 1 80  ? 1.947   -7.910  -11.251 1.00 47.24  ? 80  ARG A CD  1 
ATOM   502 N  NE  . ARG A 1 80  ? 0.697   -7.289  -11.652 1.00 50.82  ? 80  ARG A NE  1 
ATOM   503 C  CZ  . ARG A 1 80  ? 0.617   -6.179  -12.367 1.00 49.53  ? 80  ARG A CZ  1 
ATOM   504 N  NH1 . ARG A 1 80  ? 1.731   -5.575  -12.765 1.00 46.51  ? 80  ARG A NH1 1 
ATOM   505 N  NH2 . ARG A 1 80  ? -0.577  -5.675  -12.661 1.00 50.42  ? 80  ARG A NH2 1 
ATOM   506 N  N   . PHE A 1 81  ? 2.545   -9.810  -6.802  1.00 30.42  ? 81  PHE A N   1 
ATOM   507 C  CA  . PHE A 1 81  ? 1.730   -9.988  -5.605  1.00 28.42  ? 81  PHE A CA  1 
ATOM   508 C  C   . PHE A 1 81  ? 2.024   -8.883  -4.599  1.00 26.92  ? 81  PHE A C   1 
ATOM   509 O  O   . PHE A 1 81  ? 1.118   -8.187  -4.145  1.00 26.13  ? 81  PHE A O   1 
ATOM   510 C  CB  . PHE A 1 81  ? 2.061   -11.356 -5.006  1.00 29.28  ? 81  PHE A CB  1 
ATOM   511 C  CG  . PHE A 1 81  ? 1.489   -11.597 -3.648  1.00 28.39  ? 81  PHE A CG  1 
ATOM   512 C  CD1 . PHE A 1 81  ? 0.143   -11.412 -3.403  1.00 26.39  ? 81  PHE A CD1 1 
ATOM   513 C  CD2 . PHE A 1 81  ? 2.303   -12.079 -2.624  1.00 29.05  ? 81  PHE A CD2 1 
ATOM   514 C  CE1 . PHE A 1 81  ? -0.400  -11.708 -2.157  1.00 26.35  ? 81  PHE A CE1 1 
ATOM   515 C  CE2 . PHE A 1 81  ? 1.778   -12.381 -1.367  1.00 27.48  ? 81  PHE A CE2 1 
ATOM   516 C  CZ  . PHE A 1 81  ? 0.412   -12.194 -1.130  1.00 27.26  ? 81  PHE A CZ  1 
ATOM   517 N  N   . TYR A 1 82  ? 3.294   -8.700  -4.275  1.00 36.07  ? 82  TYR A N   1 
ATOM   518 C  CA  . TYR A 1 82  ? 3.667   -7.681  -3.315  1.00 35.16  ? 82  TYR A CA  1 
ATOM   519 C  C   . TYR A 1 82  ? 3.375   -6.268  -3.793  1.00 31.93  ? 82  TYR A C   1 
ATOM   520 O  O   . TYR A 1 82  ? 2.949   -5.404  -3.027  1.00 30.67  ? 82  TYR A O   1 
ATOM   521 C  CB  . TYR A 1 82  ? 5.144   -7.839  -2.956  1.00 38.92  ? 82  TYR A CB  1 
ATOM   522 C  CG  . TYR A 1 82  ? 5.397   -9.134  -2.247  1.00 43.72  ? 82  TYR A CG  1 
ATOM   523 C  CD1 . TYR A 1 82  ? 4.494   -9.588  -1.300  1.00 45.47  ? 82  TYR A CD1 1 
ATOM   524 C  CD2 . TYR A 1 82  ? 6.529   -9.913  -2.513  1.00 51.57  ? 82  TYR A CD2 1 
ATOM   525 C  CE1 . TYR A 1 82  ? 4.692   -10.782 -0.620  1.00 47.92  ? 82  TYR A CE1 1 
ATOM   526 C  CE2 . TYR A 1 82  ? 6.745   -11.126 -1.831  1.00 53.97  ? 82  TYR A CE2 1 
ATOM   527 C  CZ  . TYR A 1 82  ? 5.807   -11.546 -0.879  1.00 52.51  ? 82  TYR A CZ  1 
ATOM   528 O  OH  . TYR A 1 82  ? 5.952   -12.717 -0.161  1.00 53.47  ? 82  TYR A OH  1 
ATOM   529 N  N   . ALA A 1 83  ? 3.591   -6.048  -5.081  1.00 28.61  ? 83  ALA A N   1 
ATOM   530 C  CA  . ALA A 1 83  ? 3.370   -4.738  -5.652  1.00 26.14  ? 83  ALA A CA  1 
ATOM   531 C  C   . ALA A 1 83  ? 1.890   -4.402  -5.514  1.00 24.54  ? 83  ALA A C   1 
ATOM   532 O  O   . ALA A 1 83  ? 1.527   -3.283  -5.119  1.00 24.34  ? 83  ALA A O   1 
ATOM   533 C  CB  . ALA A 1 83  ? 3.809   -4.715  -7.134  1.00 27.09  ? 83  ALA A CB  1 
ATOM   534 N  N   . ARG A 1 84  ? 1.033   -5.364  -5.844  1.00 24.38  ? 84  ARG A N   1 
ATOM   535 C  CA  . ARG A 1 84  ? -0.392  -5.126  -5.747  1.00 22.96  ? 84  ARG A CA  1 
ATOM   536 C  C   . ARG A 1 84  ? -0.731  -4.817  -4.288  1.00 21.56  ? 84  ARG A C   1 
ATOM   537 O  O   . ARG A 1 84  ? -1.540  -3.949  -4.018  1.00 22.26  ? 84  ARG A O   1 
ATOM   538 C  CB  . ARG A 1 84  ? -1.186  -6.350  -6.205  1.00 24.48  ? 84  ARG A CB  1 
ATOM   539 C  CG  . ARG A 1 84  ? -0.697  -7.037  -7.458  1.00 30.17  ? 84  ARG A CG  1 
ATOM   540 C  CD  . ARG A 1 84  ? -1.357  -6.540  -8.721  1.00 32.69  ? 84  ARG A CD  1 
ATOM   541 N  NE  . ARG A 1 84  ? -2.801  -6.347  -8.582  1.00 37.65  ? 84  ARG A NE  1 
ATOM   542 C  CZ  . ARG A 1 84  ? -3.706  -7.315  -8.503  1.00 40.22  ? 84  ARG A CZ  1 
ATOM   543 N  NH1 . ARG A 1 84  ? -3.341  -8.593  -8.542  1.00 41.20  ? 84  ARG A NH1 1 
ATOM   544 N  NH2 . ARG A 1 84  ? -4.994  -6.997  -8.404  1.00 41.30  ? 84  ARG A NH2 1 
ATOM   545 N  N   . ILE A 1 85  ? -0.109  -5.510  -3.337  1.00 22.04  ? 85  ILE A N   1 
ATOM   546 C  CA  . ILE A 1 85  ? -0.395  -5.249  -1.920  1.00 20.46  ? 85  ILE A CA  1 
ATOM   547 C  C   . ILE A 1 85  ? -0.067  -3.786  -1.570  1.00 19.97  ? 85  ILE A C   1 
ATOM   548 O  O   . ILE A 1 85  ? -0.868  -3.073  -0.885  1.00 17.91  ? 85  ILE A O   1 
ATOM   549 C  CB  . ILE A 1 85  ? 0.446   -6.168  -0.983  1.00 19.12  ? 85  ILE A CB  1 
ATOM   550 C  CG1 . ILE A 1 85  ? 0.069   -7.638  -1.183  1.00 19.12  ? 85  ILE A CG1 1 
ATOM   551 C  CG2 . ILE A 1 85  ? 0.229   -5.752  0.460   1.00 19.12  ? 85  ILE A CG2 1 
ATOM   552 C  CD1 . ILE A 1 85  ? 0.880   -8.635  -0.314  1.00 34.45  ? 85  ILE A CD1 1 
ATOM   553 N  N   . ALA A 1 86  ? 1.114   -3.352  -2.032  1.00 19.10  ? 86  ALA A N   1 
ATOM   554 C  CA  . ALA A 1 86  ? 1.598   -1.993  -1.801  1.00 17.99  ? 86  ALA A CA  1 
ATOM   555 C  C   . ALA A 1 86  ? 0.642   -0.962  -2.401  1.00 17.42  ? 86  ALA A C   1 
ATOM   556 O  O   . ALA A 1 86  ? 0.276   0.025   -1.735  1.00 17.18  ? 86  ALA A O   1 
ATOM   557 C  CB  . ALA A 1 86  ? 3.022   -1.819  -2.408  1.00 18.09  ? 86  ALA A CB  1 
ATOM   558 N  N   . VAL A 1 87  ? 0.242   -1.182  -3.657  1.00 13.44  ? 87  VAL A N   1 
ATOM   559 C  CA  . VAL A 1 87  ? -0.691  -0.266  -4.295  1.00 12.56  ? 87  VAL A CA  1 
ATOM   560 C  C   . VAL A 1 87  ? -1.929  -0.086  -3.403  1.00 14.83  ? 87  VAL A C   1 
ATOM   561 O  O   . VAL A 1 87  ? -2.317  1.026   -3.114  1.00 16.12  ? 87  VAL A O   1 
ATOM   562 C  CB  . VAL A 1 87  ? -1.104  -0.794  -5.705  1.00 12.98  ? 87  VAL A CB  1 
ATOM   563 C  CG1 . VAL A 1 87  ? -2.404  -0.075  -6.217  1.00 11.55  ? 87  VAL A CG1 1 
ATOM   564 C  CG2 . VAL A 1 87  ? 0.029   -0.507  -6.702  1.00 11.54  ? 87  VAL A CG2 1 
ATOM   565 N  N   . GLU A 1 88  ? -2.516  -1.190  -2.938  1.00 15.81  ? 88  GLU A N   1 
ATOM   566 C  CA  . GLU A 1 88  ? -3.728  -1.125  -2.108  1.00 16.14  ? 88  GLU A CA  1 
ATOM   567 C  C   . GLU A 1 88  ? -3.496  -0.670  -0.631  1.00 14.66  ? 88  GLU A C   1 
ATOM   568 O  O   . GLU A 1 88  ? -4.370  -0.089  0.026   1.00 10.25  ? 88  GLU A O   1 
ATOM   569 C  CB  . GLU A 1 88  ? -4.443  -2.470  -2.208  1.00 16.19  ? 88  GLU A CB  1 
ATOM   570 C  CG  . GLU A 1 88  ? -5.017  -2.671  -3.609  1.00 21.37  ? 88  GLU A CG  1 
ATOM   571 C  CD  . GLU A 1 88  ? -5.698  -4.031  -3.805  1.00 25.66  ? 88  GLU A CD  1 
ATOM   572 O  OE1 . GLU A 1 88  ? -6.149  -4.648  -2.808  1.00 34.94  ? 88  GLU A OE1 1 
ATOM   573 O  OE2 . GLU A 1 88  ? -5.801  -4.486  -4.965  1.00 29.13  ? 88  GLU A OE2 1 
ATOM   574 N  N   . THR A 1 89  ? -2.294  -0.889  -0.130  1.00 15.34  ? 89  THR A N   1 
ATOM   575 C  CA  . THR A 1 89  ? -1.971  -0.419  1.208   1.00 15.84  ? 89  THR A CA  1 
ATOM   576 C  C   . THR A 1 89  ? -1.689  1.094   1.158   1.00 17.30  ? 89  THR A C   1 
ATOM   577 O  O   . THR A 1 89  ? -1.661  1.769   2.181   1.00 17.21  ? 89  THR A O   1 
ATOM   578 C  CB  . THR A 1 89  ? -0.726  -1.139  1.680   1.00 16.10  ? 89  THR A CB  1 
ATOM   579 O  OG1 . THR A 1 89  ? -1.024  -2.532  1.719   1.00 15.19  ? 89  THR A OG1 1 
ATOM   580 C  CG2 . THR A 1 89  ? -0.240  -0.632  3.024   1.00 11.13  ? 89  THR A CG2 1 
ATOM   581 N  N   . THR A 1 90  ? -1.476  1.629   -0.040  1.00 18.94  ? 90  THR A N   1 
ATOM   582 C  CA  . THR A 1 90  ? -1.161  3.047   -0.142  1.00 18.62  ? 90  THR A CA  1 
ATOM   583 C  C   . THR A 1 90  ? -2.368  3.893   -0.430  1.00 18.68  ? 90  THR A C   1 
ATOM   584 O  O   . THR A 1 90  ? -2.858  3.909   -1.557  1.00 19.56  ? 90  THR A O   1 
ATOM   585 C  CB  . THR A 1 90  ? -0.088  3.280   -1.211  1.00 19.36  ? 90  THR A CB  1 
ATOM   586 O  OG1 . THR A 1 90  ? 1.090   2.553   -0.847  1.00 20.03  ? 90  THR A OG1 1 
ATOM   587 C  CG2 . THR A 1 90  ? 0.268   4.748   -1.317  1.00 16.15  ? 90  THR A CG2 1 
ATOM   588 N  N   . VAL A 1 91  ? -2.800  4.631   0.591   1.00 18.98  ? 91  VAL A N   1 
ATOM   589 C  CA  . VAL A 1 91  ? -3.983  5.484   0.520   1.00 19.84  ? 91  VAL A CA  1 
ATOM   590 C  C   . VAL A 1 91  ? -3.805  6.740   -0.330  1.00 18.94  ? 91  VAL A C   1 
ATOM   591 O  O   . VAL A 1 91  ? -4.715  7.154   -1.048  1.00 19.57  ? 91  VAL A O   1 
ATOM   592 C  CB  . VAL A 1 91  ? -4.401  5.963   1.944   1.00 21.65  ? 91  VAL A CB  1 
ATOM   593 C  CG1 . VAL A 1 91  ? -5.801  6.486   1.907   1.00 22.71  ? 91  VAL A CG1 1 
ATOM   594 C  CG2 . VAL A 1 91  ? -4.259  4.839   2.950   1.00 22.18  ? 91  VAL A CG2 1 
ATOM   595 N  N   . TYR A 1 92  ? -2.642  7.373   -0.160  1.00 14.74  ? 92  TYR A N   1 
ATOM   596 C  CA  . TYR A 1 92  ? -2.284  8.593   -0.875  1.00 14.11  ? 92  TYR A CA  1 
ATOM   597 C  C   . TYR A 1 92  ? -0.788  8.500   -1.106  1.00 13.09  ? 92  TYR A C   1 
ATOM   598 O  O   . TYR A 1 92  ? 0.010   8.482   -0.146  1.00 13.47  ? 92  TYR A O   1 
ATOM   599 C  CB  . TYR A 1 92  ? -2.612  9.824   -0.027  1.00 13.03  ? 92  TYR A CB  1 
ATOM   600 C  CG  . TYR A 1 92  ? -2.180  11.143  -0.636  1.00 15.79  ? 92  TYR A CG  1 
ATOM   601 C  CD1 . TYR A 1 92  ? -2.765  11.605  -1.821  1.00 15.13  ? 92  TYR A CD1 1 
ATOM   602 C  CD2 . TYR A 1 92  ? -1.223  11.954  -0.020  1.00 13.35  ? 92  TYR A CD2 1 
ATOM   603 C  CE1 . TYR A 1 92  ? -2.432  12.835  -2.377  1.00 18.50  ? 92  TYR A CE1 1 
ATOM   604 C  CE2 . TYR A 1 92  ? -0.890  13.199  -0.576  1.00 19.17  ? 92  TYR A CE2 1 
ATOM   605 C  CZ  . TYR A 1 92  ? -1.516  13.626  -1.753  1.00 18.14  ? 92  TYR A CZ  1 
ATOM   606 O  OH  . TYR A 1 92  ? -1.296  14.879  -2.258  1.00 18.46  ? 92  TYR A OH  1 
ATOM   607 N  N   . PRO A 1 93  ? -0.371  8.460   -2.389  1.00 15.80  ? 93  PRO A N   1 
ATOM   608 C  CA  . PRO A 1 93  ? -1.266  8.510   -3.547  1.00 16.63  ? 93  PRO A CA  1 
ATOM   609 C  C   . PRO A 1 93  ? -1.792  7.123   -3.905  1.00 16.24  ? 93  PRO A C   1 
ATOM   610 O  O   . PRO A 1 93  ? -1.090  6.149   -3.731  1.00 16.38  ? 93  PRO A O   1 
ATOM   611 C  CB  . PRO A 1 93  ? -0.346  9.075   -4.630  1.00 14.19  ? 93  PRO A CB  1 
ATOM   612 C  CG  . PRO A 1 93  ? 0.925   8.284   -4.379  1.00 16.76  ? 93  PRO A CG  1 
ATOM   613 C  CD  . PRO A 1 93  ? 1.034   8.253   -2.825  1.00 15.53  ? 93  PRO A CD  1 
ATOM   614 N  N   . THR A 1 94  ? -3.031  7.012   -4.381  1.00 19.78  ? 94  THR A N   1 
ATOM   615 C  CA  . THR A 1 94  ? -3.498  5.697   -4.773  1.00 21.03  ? 94  THR A CA  1 
ATOM   616 C  C   . THR A 1 94  ? -3.244  5.605   -6.267  1.00 19.60  ? 94  THR A C   1 
ATOM   617 O  O   . THR A 1 94  ? -3.821  6.347   -7.064  1.00 18.57  ? 94  THR A O   1 
ATOM   618 C  CB  . THR A 1 94  ? -4.996  5.456   -4.483  1.00 22.56  ? 94  THR A CB  1 
ATOM   619 O  OG1 . THR A 1 94  ? -5.454  4.280   -5.186  1.00 34.34  ? 94  THR A OG1 1 
ATOM   620 C  CG2 . THR A 1 94  ? -5.784  6.619   -4.890  1.00 22.38  ? 94  THR A CG2 1 
ATOM   621 N  N   . PHE A 1 95  ? -2.371  4.673   -6.632  1.00 13.98  ? 95  PHE A N   1 
ATOM   622 C  CA  . PHE A 1 95  ? -1.967  4.480   -8.027  1.00 14.02  ? 95  PHE A CA  1 
ATOM   623 C  C   . PHE A 1 95  ? -3.019  3.982   -8.992  1.00 14.63  ? 95  PHE A C   1 
ATOM   624 O  O   . PHE A 1 95  ? -2.777  3.878   -10.209 1.00 16.71  ? 95  PHE A O   1 
ATOM   625 C  CB  . PHE A 1 95  ? -0.722  3.596   -8.065  1.00 9.69   ? 95  PHE A CB  1 
ATOM   626 C  CG  . PHE A 1 95  ? 0.437   4.221   -7.374  1.00 9.77   ? 95  PHE A CG  1 
ATOM   627 C  CD1 . PHE A 1 95  ? 0.817   5.526   -7.703  1.00 9.45   ? 95  PHE A CD1 1 
ATOM   628 C  CD2 . PHE A 1 95  ? 1.162   3.523   -6.422  1.00 13.23  ? 95  PHE A CD2 1 
ATOM   629 C  CE1 . PHE A 1 95  ? 1.922   6.144   -7.097  1.00 12.36  ? 95  PHE A CE1 1 
ATOM   630 C  CE2 . PHE A 1 95  ? 2.284   4.115   -5.786  1.00 13.43  ? 95  PHE A CE2 1 
ATOM   631 C  CZ  . PHE A 1 95  ? 2.664   5.427   -6.127  1.00 11.44  ? 95  PHE A CZ  1 
ATOM   632 N  N   . LYS A 1 96  ? -4.197  3.708   -8.446  1.00 14.76  ? 96  LYS A N   1 
ATOM   633 C  CA  . LYS A 1 96  ? -5.311  3.260   -9.254  1.00 15.73  ? 96  LYS A CA  1 
ATOM   634 C  C   . LYS A 1 96  ? -6.090  4.472   -9.736  1.00 16.85  ? 96  LYS A C   1 
ATOM   635 O  O   . LYS A 1 96  ? -6.925  4.348   -10.613 1.00 18.05  ? 96  LYS A O   1 
ATOM   636 C  CB  . LYS A 1 96  ? -6.242  2.384   -8.425  1.00 16.09  ? 96  LYS A CB  1 
ATOM   637 C  CG  . LYS A 1 96  ? -5.623  1.107   -7.997  1.00 18.65  ? 96  LYS A CG  1 
ATOM   638 C  CD  . LYS A 1 96  ? -6.673  0.226   -7.444  1.00 23.79  ? 96  LYS A CD  1 
ATOM   639 C  CE  . LYS A 1 96  ? -6.057  -1.074  -6.974  1.00 28.30  ? 96  LYS A CE  1 
ATOM   640 N  NZ  . LYS A 1 96  ? -7.128  -2.028  -6.604  1.00 33.83  ? 96  LYS A NZ  1 
ATOM   641 N  N   . ALA A 1 97  ? -5.812  5.633   -9.166  1.00 17.18  ? 97  ALA A N   1 
ATOM   642 C  CA  . ALA A 1 97  ? -6.534  6.849   -9.539  1.00 17.39  ? 97  ALA A CA  1 
ATOM   643 C  C   . ALA A 1 97  ? -6.480  7.064   -11.024 1.00 18.97  ? 97  ALA A C   1 
ATOM   644 O  O   . ALA A 1 97  ? -5.411  6.975   -11.644 1.00 15.22  ? 97  ALA A O   1 
ATOM   645 C  CB  . ALA A 1 97  ? -5.950  8.063   -8.837  1.00 17.28  ? 97  ALA A CB  1 
ATOM   646 N  N   . LYS A 1 98  ? -7.643  7.350   -11.591 1.00 27.37  ? 98  LYS A N   1 
ATOM   647 C  CA  . LYS A 1 98  ? -7.753  7.613   -13.014 1.00 29.56  ? 98  LYS A CA  1 
ATOM   648 C  C   . LYS A 1 98  ? -6.799  8.713   -13.424 1.00 30.19  ? 98  LYS A C   1 
ATOM   649 O  O   . LYS A 1 98  ? -6.178  8.638   -14.475 1.00 29.91  ? 98  LYS A O   1 
ATOM   650 C  CB  . LYS A 1 98  ? -9.167  8.065   -13.381 1.00 32.65  ? 98  LYS A CB  1 
ATOM   651 C  CG  . LYS A 1 98  ? -9.331  8.301   -14.872 1.00 35.69  ? 98  LYS A CG  1 
ATOM   652 C  CD  . LYS A 1 98  ? -8.830  7.085   -15.634 1.00 40.21  ? 98  LYS A CD  1 
ATOM   653 C  CE  . LYS A 1 98  ? -9.269  7.062   -17.094 1.00 43.95  ? 98  LYS A CE  1 
ATOM   654 N  NZ  . LYS A 1 98  ? -8.620  5.923   -17.834 1.00 46.35  ? 98  LYS A NZ  1 
ATOM   655 N  N   . GLU A 1 99  ? -6.686  9.738   -12.595 1.00 24.89  ? 99  GLU A N   1 
ATOM   656 C  CA  . GLU A 1 99  ? -5.822  10.858  -12.944 1.00 27.84  ? 99  GLU A CA  1 
ATOM   657 C  C   . GLU A 1 99  ? -4.379  10.396  -13.137 1.00 24.26  ? 99  GLU A C   1 
ATOM   658 O  O   . GLU A 1 99  ? -3.683  10.857  -14.051 1.00 24.34  ? 99  GLU A O   1 
ATOM   659 C  CB  . GLU A 1 99  ? -5.900  11.925  -11.865 1.00 27.49  ? 99  GLU A CB  1 
ATOM   660 C  CG  . GLU A 1 99  ? -5.514  13.298  -12.314 1.00 36.18  ? 99  GLU A CG  1 
ATOM   661 C  CD  . GLU A 1 99  ? -5.583  14.287  -11.157 1.00 36.65  ? 99  GLU A CD  1 
ATOM   662 O  OE1 . GLU A 1 99  ? -6.153  13.892  -10.097 1.00 40.62  ? 99  GLU A OE1 1 
ATOM   663 O  OE2 . GLU A 1 99  ? -5.084  15.442  -11.299 1.00 42.25  ? 99  GLU A OE2 1 
ATOM   664 N  N   . LEU A 1 100 ? -3.924  9.479   -12.294 1.00 17.26  ? 100 LEU A N   1 
ATOM   665 C  CA  . LEU A 1 100 ? -2.555  8.985   -12.431 1.00 16.26  ? 100 LEU A CA  1 
ATOM   666 C  C   . LEU A 1 100 ? -2.440  8.022   -13.580 1.00 17.75  ? 100 LEU A C   1 
ATOM   667 O  O   . LEU A 1 100 ? -1.424  7.990   -14.252 1.00 19.26  ? 100 LEU A O   1 
ATOM   668 C  CB  . LEU A 1 100 ? -2.072  8.309   -11.142 1.00 13.69  ? 100 LEU A CB  1 
ATOM   669 C  CG  . LEU A 1 100 ? -1.736  9.358   -10.085 1.00 12.82  ? 100 LEU A CG  1 
ATOM   670 C  CD1 . LEU A 1 100 ? -1.391  8.676   -8.736  1.00 8.40   ? 100 LEU A CD1 1 
ATOM   671 C  CD2 . LEU A 1 100 ? -0.564  10.257  -10.579 1.00 8.75   ? 100 LEU A CD2 1 
ATOM   672 N  N   . ARG A 1 101 ? -3.470  7.221   -13.819 1.00 20.70  ? 101 ARG A N   1 
ATOM   673 C  CA  . ARG A 1 101 ? -3.385  6.266   -14.932 1.00 23.01  ? 101 ARG A CA  1 
ATOM   674 C  C   . ARG A 1 101 ? -3.301  7.034   -16.258 1.00 24.04  ? 101 ARG A C   1 
ATOM   675 O  O   . ARG A 1 101 ? -2.530  6.661   -17.164 1.00 24.68  ? 101 ARG A O   1 
ATOM   676 C  CB  . ARG A 1 101 ? -4.591  5.322   -14.912 1.00 23.18  ? 101 ARG A CB  1 
ATOM   677 C  CG  . ARG A 1 101 ? -4.422  4.164   -13.950 1.00 24.27  ? 101 ARG A CG  1 
ATOM   678 C  CD  . ARG A 1 101 ? -5.586  3.162   -13.992 1.00 28.64  ? 101 ARG A CD  1 
ATOM   679 N  NE  . ARG A 1 101 ? -6.701  3.627   -13.187 1.00 23.42  ? 101 ARG A NE  1 
ATOM   680 C  CZ  . ARG A 1 101 ? -7.907  3.895   -13.670 1.00 26.43  ? 101 ARG A CZ  1 
ATOM   681 N  NH1 . ARG A 1 101 ? -8.156  3.743   -14.959 1.00 29.44  ? 101 ARG A NH1 1 
ATOM   682 N  NH2 . ARG A 1 101 ? -8.865  4.312   -12.859 1.00 21.90  ? 101 ARG A NH2 1 
ATOM   683 N  N   . GLU A 1 102 ? -4.078  8.111   -16.347 1.00 30.73  ? 102 GLU A N   1 
ATOM   684 C  CA  . GLU A 1 102 ? -4.087  8.971   -17.526 1.00 34.72  ? 102 GLU A CA  1 
ATOM   685 C  C   . GLU A 1 102 ? -2.725  9.623   -17.698 1.00 33.88  ? 102 GLU A C   1 
ATOM   686 O  O   . GLU A 1 102 ? -2.033  9.373   -18.681 1.00 36.67  ? 102 GLU A O   1 
ATOM   687 C  CB  . GLU A 1 102 ? -5.115  10.102  -17.392 1.00 36.60  ? 102 GLU A CB  1 
ATOM   688 C  CG  . GLU A 1 102 ? -6.563  9.667   -17.390 1.00 42.91  ? 102 GLU A CG  1 
ATOM   689 C  CD  . GLU A 1 102 ? -7.191  9.664   -18.771 1.00 52.53  ? 102 GLU A CD  1 
ATOM   690 O  OE1 . GLU A 1 102 ? -7.557  10.757  -19.262 1.00 55.66  ? 102 GLU A OE1 1 
ATOM   691 O  OE2 . GLU A 1 102 ? -7.312  8.568   -19.359 1.00 58.01  ? 102 GLU A OE2 1 
ATOM   692 N  N   . ALA A 1 103 ? -2.339  10.440  -16.723 1.00 27.92  ? 103 ALA A N   1 
ATOM   693 C  CA  . ALA A 1 103 ? -1.074  11.186  -16.803 1.00 25.75  ? 103 ALA A CA  1 
ATOM   694 C  C   . ALA A 1 103 ? 0.170   10.380  -17.098 1.00 25.12  ? 103 ALA A C   1 
ATOM   695 O  O   . ALA A 1 103 ? 1.028   10.837  -17.844 1.00 25.37  ? 103 ALA A O   1 
ATOM   696 C  CB  . ALA A 1 103 ? -0.847  11.987  -15.532 1.00 23.62  ? 103 ALA A CB  1 
ATOM   697 N  N   . TYR A 1 104 ? 0.294   9.203   -16.505 1.00 27.19  ? 104 TYR A N   1 
ATOM   698 C  CA  . TYR A 1 104 ? 1.477   8.409   -16.736 1.00 26.56  ? 104 TYR A CA  1 
ATOM   699 C  C   . TYR A 1 104 ? 1.280   7.437   -17.868 1.00 28.97  ? 104 TYR A C   1 
ATOM   700 O  O   . TYR A 1 104 ? 2.158   6.632   -18.174 1.00 30.11  ? 104 TYR A O   1 
ATOM   701 C  CB  . TYR A 1 104 ? 1.867   7.703   -15.445 1.00 24.97  ? 104 TYR A CB  1 
ATOM   702 C  CG  . TYR A 1 104 ? 2.578   8.644   -14.504 1.00 25.11  ? 104 TYR A CG  1 
ATOM   703 C  CD1 . TYR A 1 104 ? 3.966   8.800   -14.561 1.00 18.62  ? 104 TYR A CD1 1 
ATOM   704 C  CD2 . TYR A 1 104 ? 1.863   9.402   -13.583 1.00 23.24  ? 104 TYR A CD2 1 
ATOM   705 C  CE1 . TYR A 1 104 ? 4.620   9.672   -13.728 1.00 21.24  ? 104 TYR A CE1 1 
ATOM   706 C  CE2 . TYR A 1 104 ? 2.503   10.285  -12.739 1.00 23.84  ? 104 TYR A CE2 1 
ATOM   707 C  CZ  . TYR A 1 104 ? 3.888   10.419  -12.814 1.00 22.21  ? 104 TYR A CZ  1 
ATOM   708 O  OH  . TYR A 1 104 ? 4.525   11.318  -11.979 1.00 21.97  ? 104 TYR A OH  1 
ATOM   709 N  N   . LYS A 1 105 ? 0.111   7.517   -18.485 1.00 33.52  ? 105 LYS A N   1 
ATOM   710 C  CA  . LYS A 1 105 ? -0.233  6.678   -19.612 1.00 36.87  ? 105 LYS A CA  1 
ATOM   711 C  C   . LYS A 1 105 ? -0.081  5.160   -19.461 1.00 36.73  ? 105 LYS A C   1 
ATOM   712 O  O   . LYS A 1 105 ? 0.623   4.505   -20.226 1.00 37.43  ? 105 LYS A O   1 
ATOM   713 C  CB  . LYS A 1 105 ? 0.517   7.181   -20.845 1.00 38.77  ? 105 LYS A CB  1 
ATOM   714 C  CG  . LYS A 1 105 ? 0.070   8.593   -21.254 1.00 42.06  ? 105 LYS A CG  1 
ATOM   715 C  CD  . LYS A 1 105 ? 1.249   9.494   -21.593 1.00 44.34  ? 105 LYS A CD  1 
ATOM   716 C  CE  . LYS A 1 105 ? 0.788   10.937  -21.857 1.00 48.73  ? 105 LYS A CE  1 
ATOM   717 N  NZ  . LYS A 1 105 ? -0.119  11.510  -20.787 1.00 51.34  ? 105 LYS A NZ  1 
ATOM   718 N  N   . THR A 1 106 ? -0.733  4.614   -18.442 1.00 26.77  ? 106 THR A N   1 
ATOM   719 C  CA  . THR A 1 106 ? -0.760  3.167   -18.236 1.00 26.84  ? 106 THR A CA  1 
ATOM   720 C  C   . THR A 1 106 ? -1.909  2.831   -17.286 1.00 25.16  ? 106 THR A C   1 
ATOM   721 O  O   . THR A 1 106 ? -2.180  3.552   -16.322 1.00 23.47  ? 106 THR A O   1 
ATOM   722 C  CB  . THR A 1 106 ? 0.580   2.610   -17.716 1.00 25.37  ? 106 THR A CB  1 
ATOM   723 O  OG1 . THR A 1 106 ? 0.425   1.215   -17.424 1.00 28.46  ? 106 THR A OG1 1 
ATOM   724 C  CG2 . THR A 1 106 ? 1.058   3.372   -16.480 1.00 24.76  ? 106 THR A CG2 1 
ATOM   725 N  N   . GLU A 1 107 ? -2.635  1.767   -17.610 1.00 17.89  ? 107 GLU A N   1 
ATOM   726 C  CA  . GLU A 1 107 ? -3.764  1.358   -16.793 1.00 18.59  ? 107 GLU A CA  1 
ATOM   727 C  C   . GLU A 1 107 ? -3.317  0.407   -15.688 1.00 16.90  ? 107 GLU A C   1 
ATOM   728 O  O   . GLU A 1 107 ? -4.116  0.014   -14.829 1.00 17.71  ? 107 GLU A O   1 
ATOM   729 C  CB  . GLU A 1 107 ? -4.824  0.709   -17.672 1.00 20.65  ? 107 GLU A CB  1 
ATOM   730 C  CG  . GLU A 1 107 ? -5.470  1.667   -18.612 1.00 26.35  ? 107 GLU A CG  1 
ATOM   731 C  CD  . GLU A 1 107 ? -6.232  2.753   -17.899 1.00 28.38  ? 107 GLU A CD  1 
ATOM   732 O  OE1 . GLU A 1 107 ? -7.089  2.432   -17.059 1.00 32.54  ? 107 GLU A OE1 1 
ATOM   733 O  OE2 . GLU A 1 107 ? -5.971  3.938   -18.176 1.00 27.12  ? 107 GLU A OE2 1 
ATOM   734 N  N   . ASP A 1 108 ? -2.037  0.059   -15.706 1.00 22.77  ? 108 ASP A N   1 
ATOM   735 C  CA  . ASP A 1 108 ? -1.480  -0.836  -14.697 1.00 22.74  ? 108 ASP A CA  1 
ATOM   736 C  C   . ASP A 1 108 ? -1.005  -0.023  -13.495 1.00 20.62  ? 108 ASP A C   1 
ATOM   737 O  O   . ASP A 1 108 ? 0.029   0.664   -13.568 1.00 20.94  ? 108 ASP A O   1 
ATOM   738 C  CB  . ASP A 1 108 ? -0.314  -1.616  -15.268 1.00 24.46  ? 108 ASP A CB  1 
ATOM   739 C  CG  . ASP A 1 108 ? 0.138   -2.729  -14.349 1.00 28.12  ? 108 ASP A CG  1 
ATOM   740 O  OD1 . ASP A 1 108 ? -0.494  -2.913  -13.282 1.00 28.79  ? 108 ASP A OD1 1 
ATOM   741 O  OD2 . ASP A 1 108 ? 1.133   -3.415  -14.695 1.00 31.81  ? 108 ASP A OD2 1 
ATOM   742 N  N   . PRO A 1 109 ? -1.758  -0.091  -12.376 1.00 21.72  ? 109 PRO A N   1 
ATOM   743 C  CA  . PRO A 1 109 ? -1.444  0.634   -11.146 1.00 18.92  ? 109 PRO A CA  1 
ATOM   744 C  C   . PRO A 1 109 ? -0.029  0.355   -10.646 1.00 19.46  ? 109 PRO A C   1 
ATOM   745 O  O   . PRO A 1 109 ? 0.596   1.226   -10.038 1.00 18.65  ? 109 PRO A O   1 
ATOM   746 C  CB  . PRO A 1 109 ? -2.528  0.168   -10.167 1.00 19.45  ? 109 PRO A CB  1 
ATOM   747 C  CG  . PRO A 1 109 ? -3.646  -0.288  -11.070 1.00 19.87  ? 109 PRO A CG  1 
ATOM   748 C  CD  . PRO A 1 109 ? -2.917  -0.984  -12.175 1.00 22.23  ? 109 PRO A CD  1 
ATOM   749 N  N   . VAL A 1 110 ? 0.488   -0.835  -10.906 1.00 19.02  ? 110 VAL A N   1 
ATOM   750 C  CA  . VAL A 1 110 ? 1.843   -1.164  -10.482 1.00 19.19  ? 110 VAL A CA  1 
ATOM   751 C  C   . VAL A 1 110 ? 2.853   -0.422  -11.367 1.00 19.68  ? 110 VAL A C   1 
ATOM   752 O  O   . VAL A 1 110 ? 3.936   -0.031  -10.917 1.00 20.89  ? 110 VAL A O   1 
ATOM   753 C  CB  . VAL A 1 110 ? 2.102   -2.685  -10.579 1.00 20.26  ? 110 VAL A CB  1 
ATOM   754 C  CG1 . VAL A 1 110 ? 3.607   -2.986  -10.395 1.00 19.54  ? 110 VAL A CG1 1 
ATOM   755 C  CG2 . VAL A 1 110 ? 1.257   -3.421  -9.508  1.00 19.14  ? 110 VAL A CG2 1 
ATOM   756 N  N   . GLU A 1 111 ? 2.493   -0.206  -12.619 1.00 16.83  ? 111 GLU A N   1 
ATOM   757 C  CA  . GLU A 1 111 ? 3.380   0.512   -13.554 1.00 19.11  ? 111 GLU A CA  1 
ATOM   758 C  C   . GLU A 1 111 ? 3.285   2.005   -13.176 1.00 16.94  ? 111 GLU A C   1 
ATOM   759 O  O   . GLU A 1 111 ? 4.279   2.731   -13.191 1.00 18.09  ? 111 GLU A O   1 
ATOM   760 C  CB  . GLU A 1 111 ? 2.907   0.264   -15.006 1.00 21.35  ? 111 GLU A CB  1 
ATOM   761 C  CG  . GLU A 1 111 ? 3.810   0.747   -16.121 1.00 26.24  ? 111 GLU A CG  1 
ATOM   762 C  CD  . GLU A 1 111 ? 5.260   0.364   -15.947 1.00 35.44  ? 111 GLU A CD  1 
ATOM   763 O  OE1 . GLU A 1 111 ? 5.576   -0.773  -15.509 1.00 36.34  ? 111 GLU A OE1 1 
ATOM   764 O  OE2 . GLU A 1 111 ? 6.102   1.228   -16.278 1.00 43.10  ? 111 GLU A OE2 1 
ATOM   765 N  N   . VAL A 1 112 ? 2.084   2.447   -12.805 1.00 19.04  ? 112 VAL A N   1 
ATOM   766 C  CA  . VAL A 1 112 ? 1.932   3.818   -12.376 1.00 15.45  ? 112 VAL A CA  1 
ATOM   767 C  C   . VAL A 1 112 ? 2.923   4.011   -11.227 1.00 14.08  ? 112 VAL A C   1 
ATOM   768 O  O   . VAL A 1 112 ? 3.657   4.988   -11.190 1.00 14.42  ? 112 VAL A O   1 
ATOM   769 C  CB  . VAL A 1 112 ? 0.501   4.138   -11.809 1.00 15.97  ? 112 VAL A CB  1 
ATOM   770 C  CG1 . VAL A 1 112 ? 0.456   5.651   -11.426 1.00 16.44  ? 112 VAL A CG1 1 
ATOM   771 C  CG2 . VAL A 1 112 ? -0.588  3.817   -12.805 1.00 14.69  ? 112 VAL A CG2 1 
ATOM   772 N  N   . ALA A 1 113 ? 2.942   3.077   -10.285 1.00 15.45  ? 113 ALA A N   1 
ATOM   773 C  CA  . ALA A 1 113 ? 3.870   3.204   -9.162  1.00 14.08  ? 113 ALA A CA  1 
ATOM   774 C  C   . ALA A 1 113 ? 5.330   3.287   -9.626  1.00 14.22  ? 113 ALA A C   1 
ATOM   775 O  O   . ALA A 1 113 ? 6.091   4.134   -9.143  1.00 14.28  ? 113 ALA A O   1 
ATOM   776 C  CB  . ALA A 1 113 ? 3.698   2.012   -8.155  1.00 13.80  ? 113 ALA A CB  1 
ATOM   777 N  N   . LYS A 1 114 ? 5.719   2.445   -10.575 1.00 19.44  ? 114 LYS A N   1 
ATOM   778 C  CA  . LYS A 1 114 ? 7.112   2.468   -11.037 1.00 20.96  ? 114 LYS A CA  1 
ATOM   779 C  C   . LYS A 1 114 ? 7.467   3.762   -11.754 1.00 20.91  ? 114 LYS A C   1 
ATOM   780 O  O   . LYS A 1 114 ? 8.587   4.230   -11.669 1.00 21.01  ? 114 LYS A O   1 
ATOM   781 C  CB  . LYS A 1 114 ? 7.405   1.274   -11.934 1.00 21.49  ? 114 LYS A CB  1 
ATOM   782 C  CG  . LYS A 1 114 ? 7.466   -0.040  -11.167 1.00 23.68  ? 114 LYS A CG  1 
ATOM   783 C  CD  . LYS A 1 114 ? 7.494   -1.198  -12.169 1.00 29.08  ? 114 LYS A CD  1 
ATOM   784 C  CE  . LYS A 1 114 ? 7.474   -2.533  -11.476 1.00 39.08  ? 114 LYS A CE  1 
ATOM   785 N  NZ  . LYS A 1 114 ? 8.522   -2.553  -10.431 1.00 43.79  ? 114 LYS A NZ  1 
ATOM   786 N  N   . ARG A 1 115 ? 6.509   4.343   -12.457 1.00 16.17  ? 115 ARG A N   1 
ATOM   787 C  CA  . ARG A 1 115 ? 6.787   5.613   -13.102 1.00 16.54  ? 115 ARG A CA  1 
ATOM   788 C  C   . ARG A 1 115 ? 6.774   6.761   -12.086 1.00 16.85  ? 115 ARG A C   1 
ATOM   789 O  O   . ARG A 1 115 ? 7.548   7.698   -12.220 1.00 18.64  ? 115 ARG A O   1 
ATOM   790 C  CB  . ARG A 1 115 ? 5.793   5.826   -14.248 1.00 16.83  ? 115 ARG A CB  1 
ATOM   791 C  CG  . ARG A 1 115 ? 5.913   4.676   -15.249 1.00 18.24  ? 115 ARG A CG  1 
ATOM   792 C  CD  . ARG A 1 115 ? 5.010   4.797   -16.453 1.00 16.23  ? 115 ARG A CD  1 
ATOM   793 N  NE  . ARG A 1 115 ? 5.220   3.639   -17.327 1.00 23.20  ? 115 ARG A NE  1 
ATOM   794 C  CZ  . ARG A 1 115 ? 4.540   3.405   -18.458 1.00 21.60  ? 115 ARG A CZ  1 
ATOM   795 N  NH1 . ARG A 1 115 ? 3.593   4.239   -18.860 1.00 18.64  ? 115 ARG A NH1 1 
ATOM   796 N  NH2 . ARG A 1 115 ? 4.830   2.346   -19.209 1.00 21.48  ? 115 ARG A NH2 1 
ATOM   797 N  N   . VAL A 1 116 ? 5.946   6.689   -11.040 1.00 18.69  ? 116 VAL A N   1 
ATOM   798 C  CA  . VAL A 1 116 ? 5.935   7.764   -10.035 1.00 17.44  ? 116 VAL A CA  1 
ATOM   799 C  C   . VAL A 1 116 ? 7.180   7.671   -9.137  1.00 18.16  ? 116 VAL A C   1 
ATOM   800 O  O   . VAL A 1 116 ? 7.866   8.656   -8.928  1.00 19.07  ? 116 VAL A O   1 
ATOM   801 C  CB  . VAL A 1 116 ? 4.694   7.713   -9.085  1.00 18.06  ? 116 VAL A CB  1 
ATOM   802 C  CG1 . VAL A 1 116 ? 4.841   8.797   -7.981  1.00 16.80  ? 116 VAL A CG1 1 
ATOM   803 C  CG2 . VAL A 1 116 ? 3.377   7.933   -9.870  1.00 18.12  ? 116 VAL A CG2 1 
ATOM   804 N  N   . LEU A 1 117 ? 7.451   6.491   -8.584  1.00 17.82  ? 117 LEU A N   1 
ATOM   805 C  CA  . LEU A 1 117 ? 8.632   6.304   -7.724  1.00 15.55  ? 117 LEU A CA  1 
ATOM   806 C  C   . LEU A 1 117 ? 9.779   5.900   -8.686  1.00 17.64  ? 117 LEU A C   1 
ATOM   807 O  O   . LEU A 1 117 ? 10.306  4.779   -8.633  1.00 16.47  ? 117 LEU A O   1 
ATOM   808 C  CB  . LEU A 1 117 ? 8.336   5.185   -6.703  1.00 16.65  ? 117 LEU A CB  1 
ATOM   809 C  CG  . LEU A 1 117 ? 7.146   5.519   -5.773  1.00 10.79  ? 117 LEU A CG  1 
ATOM   810 C  CD1 . LEU A 1 117 ? 6.602   4.270   -5.104  1.00 16.10  ? 117 LEU A CD1 1 
ATOM   811 C  CD2 . LEU A 1 117 ? 7.577   6.503   -4.730  1.00 19.08  ? 117 LEU A CD2 1 
ATOM   812 N  N   . SER A 1 118 ? 10.145  6.819   -9.572  1.00 17.24  ? 118 SER A N   1 
ATOM   813 C  CA  . SER A 1 118 ? 11.162  6.518   -10.590 1.00 19.51  ? 118 SER A CA  1 
ATOM   814 C  C   . SER A 1 118 ? 12.624  6.391   -10.163 1.00 19.34  ? 118 SER A C   1 
ATOM   815 O  O   . SER A 1 118 ? 13.495  6.153   -10.993 1.00 24.03  ? 118 SER A O   1 
ATOM   816 C  CB  . SER A 1 118 ? 11.037  7.514   -11.735 1.00 20.62  ? 118 SER A CB  1 
ATOM   817 O  OG  . SER A 1 118 ? 11.040  8.833   -11.237 1.00 23.88  ? 118 SER A OG  1 
ATOM   818 N  N   . VAL A 1 119 ? 12.896  6.568   -8.873  1.00 20.09  ? 119 VAL A N   1 
ATOM   819 C  CA  . VAL A 1 119 ? 14.229  6.384   -8.346  1.00 19.55  ? 119 VAL A CA  1 
ATOM   820 C  C   . VAL A 1 119 ? 14.189  5.019   -7.655  1.00 22.54  ? 119 VAL A C   1 
ATOM   821 O  O   . VAL A 1 119 ? 13.378  4.797   -6.747  1.00 21.25  ? 119 VAL A O   1 
ATOM   822 C  CB  . VAL A 1 119 ? 14.577  7.479   -7.380  1.00 20.63  ? 119 VAL A CB  1 
ATOM   823 C  CG1 . VAL A 1 119 ? 15.872  7.152   -6.670  1.00 15.01  ? 119 VAL A CG1 1 
ATOM   824 C  CG2 . VAL A 1 119 ? 14.721  8.787   -8.165  1.00 14.89  ? 119 VAL A CG2 1 
ATOM   825 N  N   . GLY A 1 120 ? 15.044  4.104   -8.123  1.00 24.13  ? 120 GLY A N   1 
ATOM   826 C  CA  . GLY A 1 120 ? 15.082  2.758   -7.610  1.00 26.46  ? 120 GLY A CA  1 
ATOM   827 C  C   . GLY A 1 120 ? 14.802  2.606   -6.133  1.00 27.82  ? 120 GLY A C   1 
ATOM   828 O  O   . GLY A 1 120 ? 13.818  1.956   -5.728  1.00 28.78  ? 120 GLY A O   1 
ATOM   829 N  N   . GLY A 1 121 ? 15.682  3.197   -5.325  1.00 22.15  ? 121 GLY A N   1 
ATOM   830 C  CA  . GLY A 1 121 ? 15.551  3.115   -3.878  1.00 19.61  ? 121 GLY A CA  1 
ATOM   831 C  C   . GLY A 1 121 ? 14.163  3.479   -3.368  1.00 18.34  ? 121 GLY A C   1 
ATOM   832 O  O   . GLY A 1 121 ? 13.673  2.819   -2.469  1.00 19.63  ? 121 GLY A O   1 
ATOM   833 N  N   . GLU A 1 122 ? 13.530  4.507   -3.938  1.00 18.89  ? 122 GLU A N   1 
ATOM   834 C  CA  . GLU A 1 122 ? 12.200  4.914   -3.487  1.00 20.14  ? 122 GLU A CA  1 
ATOM   835 C  C   . GLU A 1 122 ? 11.209  3.779   -3.706  1.00 19.30  ? 122 GLU A C   1 
ATOM   836 O  O   . GLU A 1 122 ? 10.402  3.447   -2.847  1.00 20.29  ? 122 GLU A O   1 
ATOM   837 C  CB  . GLU A 1 122 ? 11.689  6.132   -4.268  1.00 14.79  ? 122 GLU A CB  1 
ATOM   838 C  CG  . GLU A 1 122 ? 12.555  7.373   -4.161  1.00 16.95  ? 122 GLU A CG  1 
ATOM   839 C  CD  . GLU A 1 122 ? 12.087  8.465   -5.131  1.00 21.09  ? 122 GLU A CD  1 
ATOM   840 O  OE1 . GLU A 1 122 ? 11.427  8.113   -6.147  1.00 19.41  ? 122 GLU A OE1 1 
ATOM   841 O  OE2 . GLU A 1 122 ? 12.381  9.668   -4.880  1.00 27.15  ? 122 GLU A OE2 1 
ATOM   842 N  N   . TYR A 1 123 ? 11.256  3.201   -4.889  1.00 18.89  ? 123 TYR A N   1 
ATOM   843 C  CA  . TYR A 1 123 ? 10.346  2.133   -5.179  1.00 17.93  ? 123 TYR A CA  1 
ATOM   844 C  C   . TYR A 1 123 ? 10.521  0.947   -4.224  1.00 17.56  ? 123 TYR A C   1 
ATOM   845 O  O   . TYR A 1 123 ? 9.542   0.354   -3.738  1.00 16.39  ? 123 TYR A O   1 
ATOM   846 C  CB  . TYR A 1 123 ? 10.561  1.657   -6.591  1.00 19.82  ? 123 TYR A CB  1 
ATOM   847 C  CG  . TYR A 1 123 ? 9.534   0.651   -6.966  1.00 19.24  ? 123 TYR A CG  1 
ATOM   848 C  CD1 . TYR A 1 123 ? 8.251   1.052   -7.350  1.00 17.17  ? 123 TYR A CD1 1 
ATOM   849 C  CD2 . TYR A 1 123 ? 9.812   -0.702  -6.900  1.00 21.52  ? 123 TYR A CD2 1 
ATOM   850 C  CE1 . TYR A 1 123 ? 7.256   0.096   -7.663  1.00 22.01  ? 123 TYR A CE1 1 
ATOM   851 C  CE2 . TYR A 1 123 ? 8.831   -1.668  -7.213  1.00 20.97  ? 123 TYR A CE2 1 
ATOM   852 C  CZ  . TYR A 1 123 ? 7.561   -1.265  -7.592  1.00 20.29  ? 123 TYR A CZ  1 
ATOM   853 O  OH  . TYR A 1 123 ? 6.610   -2.199  -7.913  1.00 21.56  ? 123 TYR A OH  1 
ATOM   854 N  N   . ALA A 1 124 ? 11.774  0.588   -3.956  1.00 22.94  ? 124 ALA A N   1 
ATOM   855 C  CA  . ALA A 1 124 ? 12.039  -0.555  -3.091  1.00 22.87  ? 124 ALA A CA  1 
ATOM   856 C  C   . ALA A 1 124 ? 11.580  -0.229  -1.691  1.00 23.85  ? 124 ALA A C   1 
ATOM   857 O  O   . ALA A 1 124 ? 11.022  -1.070  -1.012  1.00 24.74  ? 124 ALA A O   1 
ATOM   858 C  CB  . ALA A 1 124 ? 13.531  -0.898  -3.102  1.00 25.95  ? 124 ALA A CB  1 
ATOM   859 N  N   . ASN A 1 125 ? 11.807  1.009   -1.270  1.00 27.14  ? 125 ASN A N   1 
ATOM   860 C  CA  . ASN A 1 125 ? 11.427  1.437   0.064   1.00 27.51  ? 125 ASN A CA  1 
ATOM   861 C  C   . ASN A 1 125 ? 9.928   1.465   0.214   1.00 26.12  ? 125 ASN A C   1 
ATOM   862 O  O   . ASN A 1 125 ? 9.400   1.133   1.260   1.00 27.22  ? 125 ASN A O   1 
ATOM   863 C  CB  . ASN A 1 125 ? 11.987  2.832   0.378   1.00 27.50  ? 125 ASN A CB  1 
ATOM   864 C  CG  . ASN A 1 125 ? 13.472  2.816   0.727   1.00 36.33  ? 125 ASN A CG  1 
ATOM   865 O  OD1 . ASN A 1 125 ? 14.048  1.771   1.019   1.00 37.45  ? 125 ASN A OD1 1 
ATOM   866 N  ND2 . ASN A 1 125 ? 14.088  3.992   0.725   1.00 38.15  ? 125 ASN A ND2 1 
ATOM   867 N  N   . TRP A 1 126 ? 9.239   1.901   -0.829  1.00 18.32  ? 126 TRP A N   1 
ATOM   868 C  CA  . TRP A 1 126 ? 7.787   1.944   -0.777  1.00 17.84  ? 126 TRP A CA  1 
ATOM   869 C  C   . TRP A 1 126 ? 7.245   0.526   -0.573  1.00 18.56  ? 126 TRP A C   1 
ATOM   870 O  O   . TRP A 1 126 ? 6.381   0.290   0.281   1.00 21.80  ? 126 TRP A O   1 
ATOM   871 C  CB  . TRP A 1 126 ? 7.256   2.528   -2.076  1.00 13.48  ? 126 TRP A CB  1 
ATOM   872 C  CG  . TRP A 1 126 ? 5.800   2.339   -2.256  1.00 13.36  ? 126 TRP A CG  1 
ATOM   873 C  CD1 . TRP A 1 126 ? 4.788   2.966   -1.582  1.00 11.07  ? 126 TRP A CD1 1 
ATOM   874 C  CD2 . TRP A 1 126 ? 5.173   1.526   -3.254  1.00 12.19  ? 126 TRP A CD2 1 
ATOM   875 N  NE1 . TRP A 1 126 ? 3.569   2.599   -2.110  1.00 14.38  ? 126 TRP A NE1 1 
ATOM   876 C  CE2 . TRP A 1 126 ? 3.778   1.715   -3.136  1.00 14.30  ? 126 TRP A CE2 1 
ATOM   877 C  CE3 . TRP A 1 126 ? 5.660   0.660   -4.242  1.00 16.71  ? 126 TRP A CE3 1 
ATOM   878 C  CZ2 . TRP A 1 126 ? 2.859   1.072   -3.972  1.00 13.65  ? 126 TRP A CZ2 1 
ATOM   879 C  CZ3 . TRP A 1 126 ? 4.754   0.019   -5.071  1.00 13.34  ? 126 TRP A CZ3 1 
ATOM   880 C  CH2 . TRP A 1 126 ? 3.358   0.232   -4.927  1.00 14.90  ? 126 TRP A CH2 1 
ATOM   881 N  N   . LEU A 1 127 ? 7.769   -0.418  -1.348  1.00 19.95  ? 127 LEU A N   1 
ATOM   882 C  CA  . LEU A 1 127 ? 7.325   -1.803  -1.249  1.00 19.92  ? 127 LEU A CA  1 
ATOM   883 C  C   . LEU A 1 127 ? 7.493   -2.316  0.143   1.00 22.12  ? 127 LEU A C   1 
ATOM   884 O  O   . LEU A 1 127 ? 6.547   -2.827  0.746   1.00 23.18  ? 127 LEU A O   1 
ATOM   885 C  CB  . LEU A 1 127 ? 8.119   -2.699  -2.172  1.00 21.09  ? 127 LEU A CB  1 
ATOM   886 C  CG  . LEU A 1 127 ? 7.604   -2.766  -3.604  1.00 21.94  ? 127 LEU A CG  1 
ATOM   887 C  CD1 . LEU A 1 127 ? 8.555   -3.602  -4.436  1.00 26.04  ? 127 LEU A CD1 1 
ATOM   888 C  CD2 . LEU A 1 127 ? 6.236   -3.393  -3.638  1.00 16.99  ? 127 LEU A CD2 1 
ATOM   889 N  N   . ASN A 1 128 ? 8.701   -2.176  0.677   1.00 22.08  ? 128 ASN A N   1 
ATOM   890 C  CA  . ASN A 1 128 ? 8.937   -2.678  2.015   1.00 25.13  ? 128 ASN A CA  1 
ATOM   891 C  C   . ASN A 1 128 ? 8.094   -1.981  3.072   1.00 24.52  ? 128 ASN A C   1 
ATOM   892 O  O   . ASN A 1 128 ? 7.600   -2.624  3.979   1.00 26.25  ? 128 ASN A O   1 
ATOM   893 C  CB  . ASN A 1 128 ? 10.428  -2.591  2.359   1.00 27.12  ? 128 ASN A CB  1 
ATOM   894 C  CG  . ASN A 1 128 ? 11.288  -3.263  1.320   1.00 33.70  ? 128 ASN A CG  1 
ATOM   895 O  OD1 . ASN A 1 128 ? 10.944  -4.324  0.807   1.00 38.47  ? 128 ASN A OD1 1 
ATOM   896 N  ND2 . ASN A 1 128 ? 12.418  -2.648  0.995   1.00 41.76  ? 128 ASN A ND2 1 
ATOM   897 N  N   . LYS A 1 129 ? 7.909   -0.672  2.987   1.00 23.78  ? 129 LYS A N   1 
ATOM   898 C  CA  . LYS A 1 129 ? 7.086   -0.035  4.010   1.00 23.32  ? 129 LYS A CA  1 
ATOM   899 C  C   . LYS A 1 129 ? 5.681   -0.654  4.008   1.00 22.34  ? 129 LYS A C   1 
ATOM   900 O  O   . LYS A 1 129 ? 5.090   -0.888  5.056   1.00 23.54  ? 129 LYS A O   1 
ATOM   901 C  CB  . LYS A 1 129 ? 6.952   1.469   3.777   1.00 23.32  ? 129 LYS A CB  1 
ATOM   902 C  CG  . LYS A 1 129 ? 6.159   2.181   4.914   1.00 24.77  ? 129 LYS A CG  1 
ATOM   903 C  CD  . LYS A 1 129 ? 7.082   2.448   6.133   1.00 30.84  ? 129 LYS A CD  1 
ATOM   904 C  CE  . LYS A 1 129 ? 6.341   2.277   7.448   1.00 33.92  ? 129 LYS A CE  1 
ATOM   905 N  NZ  . LYS A 1 129 ? 7.194   2.685   8.615   1.00 39.02  ? 129 LYS A NZ  1 
ATOM   906 N  N   . ALA A 1 130 ? 5.153   -0.891  2.814   1.00 26.85  ? 130 ALA A N   1 
ATOM   907 C  CA  . ALA A 1 130 ? 3.817   -1.461  2.648   1.00 25.93  ? 130 ALA A CA  1 
ATOM   908 C  C   . ALA A 1 130 ? 3.736   -2.839  3.288   1.00 27.84  ? 130 ALA A C   1 
ATOM   909 O  O   . ALA A 1 130 ? 2.792   -3.152  4.009   1.00 29.31  ? 130 ALA A O   1 
ATOM   910 C  CB  . ALA A 1 130 ? 3.481   -1.555  1.162   1.00 24.93  ? 130 ALA A CB  1 
ATOM   911 N  N   . ILE A 1 131 ? 4.733   -3.666  3.005   1.00 22.57  ? 131 ILE A N   1 
ATOM   912 C  CA  . ILE A 1 131 ? 4.784   -5.016  3.544   1.00 25.07  ? 131 ILE A CA  1 
ATOM   913 C  C   . ILE A 1 131 ? 4.828   -4.934  5.068   1.00 26.25  ? 131 ILE A C   1 
ATOM   914 O  O   . ILE A 1 131 ? 4.187   -5.708  5.771   1.00 26.25  ? 131 ILE A O   1 
ATOM   915 C  CB  . ILE A 1 131 ? 6.030   -5.748  3.029   1.00 26.81  ? 131 ILE A CB  1 
ATOM   916 C  CG1 . ILE A 1 131 ? 5.958   -5.834  1.511   1.00 30.82  ? 131 ILE A CG1 1 
ATOM   917 C  CG2 . ILE A 1 131 ? 6.141   -7.118  3.642   1.00 27.65  ? 131 ILE A CG2 1 
ATOM   918 C  CD1 . ILE A 1 131 ? 4.633   -6.347  1.016   1.00 32.57  ? 131 ILE A CD1 1 
ATOM   919 N  N   . GLU A 1 132 ? 5.578   -3.959  5.557   1.00 31.57  ? 132 GLU A N   1 
ATOM   920 C  CA  . GLU A 1 132 ? 5.735   -3.740  6.975   1.00 32.56  ? 132 GLU A CA  1 
ATOM   921 C  C   . GLU A 1 132 ? 4.439   -3.228  7.573   1.00 29.06  ? 132 GLU A C   1 
ATOM   922 O  O   . GLU A 1 132 ? 4.042   -3.674  8.638   1.00 30.13  ? 132 GLU A O   1 
ATOM   923 C  CB  . GLU A 1 132 ? 6.857   -2.728  7.210   1.00 35.18  ? 132 GLU A CB  1 
ATOM   924 C  CG  . GLU A 1 132 ? 6.987   -2.248  8.664   1.00 46.09  ? 132 GLU A CG  1 
ATOM   925 C  CD  . GLU A 1 132 ? 7.901   -1.037  8.800   1.00 55.15  ? 132 GLU A CD  1 
ATOM   926 O  OE1 . GLU A 1 132 ? 8.957   -1.003  8.126   1.00 56.90  ? 132 GLU A OE1 1 
ATOM   927 O  OE2 . GLU A 1 132 ? 7.562   -0.127  9.583   1.00 59.35  ? 132 GLU A OE2 1 
ATOM   928 N  N   . ILE A 1 133 ? 3.797   -2.270  6.907   1.00 25.52  ? 133 ILE A N   1 
ATOM   929 C  CA  . ILE A 1 133 ? 2.534   -1.726  7.378   1.00 23.15  ? 133 ILE A CA  1 
ATOM   930 C  C   . ILE A 1 133 ? 1.445   -2.835  7.535   1.00 24.07  ? 133 ILE A C   1 
ATOM   931 O  O   . ILE A 1 133 ? 0.487   -2.676  8.305   1.00 24.15  ? 133 ILE A O   1 
ATOM   932 C  CB  . ILE A 1 133 ? 2.014   -0.660  6.391   1.00 22.93  ? 133 ILE A CB  1 
ATOM   933 C  CG1 . ILE A 1 133 ? 2.808   0.644   6.554   1.00 24.00  ? 133 ILE A CG1 1 
ATOM   934 C  CG2 . ILE A 1 133 ? 0.517   -0.396  6.623   1.00 22.20  ? 133 ILE A CG2 1 
ATOM   935 C  CD1 . ILE A 1 133 ? 2.495   1.412   7.793   1.00 37.04  ? 133 ILE A CD1 1 
ATOM   936 N  N   . ASN A 1 134 ? 1.587   -3.949  6.813   1.00 22.48  ? 134 ASN A N   1 
ATOM   937 C  CA  . ASN A 1 134 ? 0.612   -5.013  6.903   1.00 22.21  ? 134 ASN A CA  1 
ATOM   938 C  C   . ASN A 1 134 ? 1.050   -6.066  7.921   1.00 24.45  ? 134 ASN A C   1 
ATOM   939 O  O   . ASN A 1 134 ? 0.635   -7.222  7.841   1.00 25.86  ? 134 ASN A O   1 
ATOM   940 C  CB  . ASN A 1 134 ? 0.423   -5.645  5.520   1.00 19.03  ? 134 ASN A CB  1 
ATOM   941 C  CG  . ASN A 1 134 ? -0.442  -4.814  4.629   1.00 16.40  ? 134 ASN A CG  1 
ATOM   942 O  OD1 . ASN A 1 134 ? -1.636  -4.705  4.846   1.00 12.85  ? 134 ASN A OD1 1 
ATOM   943 N  ND2 . ASN A 1 134 ? 0.155   -4.190  3.634   1.00 11.61  ? 134 ASN A ND2 1 
ATOM   944 N  N   . GLY A 1 135 ? 1.898   -5.651  8.864   1.00 26.18  ? 135 GLY A N   1 
ATOM   945 C  CA  . GLY A 1 135 ? 2.404   -6.549  9.893   1.00 29.12  ? 135 GLY A CA  1 
ATOM   946 C  C   . GLY A 1 135 ? 3.336   -7.674  9.469   1.00 32.36  ? 135 GLY A C   1 
ATOM   947 O  O   . GLY A 1 135 ? 3.657   -8.540  10.272  1.00 34.71  ? 135 GLY A O   1 
ATOM   948 N  N   . PHE A 1 136 ? 3.789   -7.715  8.229   1.00 35.17  ? 136 PHE A N   1 
ATOM   949 C  CA  . PHE A 1 136 ? 4.688   -8.806  7.859   1.00 39.41  ? 136 PHE A CA  1 
ATOM   950 C  C   . PHE A 1 136 ? 6.127   -8.527  8.247   1.00 44.77  ? 136 PHE A C   1 
ATOM   951 O  O   . PHE A 1 136 ? 6.733   -7.569  7.770   1.00 45.85  ? 136 PHE A O   1 
ATOM   952 C  CB  . PHE A 1 136 ? 4.590   -9.082  6.372   1.00 37.04  ? 136 PHE A CB  1 
ATOM   953 C  CG  . PHE A 1 136 ? 3.256   -9.601  5.969   1.00 34.43  ? 136 PHE A CG  1 
ATOM   954 C  CD1 . PHE A 1 136 ? 2.825   -10.849 6.424   1.00 34.86  ? 136 PHE A CD1 1 
ATOM   955 C  CD2 . PHE A 1 136 ? 2.398   -8.837  5.191   1.00 31.71  ? 136 PHE A CD2 1 
ATOM   956 C  CE1 . PHE A 1 136 ? 1.555   -11.331 6.114   1.00 34.20  ? 136 PHE A CE1 1 
ATOM   957 C  CE2 . PHE A 1 136 ? 1.120   -9.305  4.869   1.00 31.15  ? 136 PHE A CE2 1 
ATOM   958 C  CZ  . PHE A 1 136 ? 0.698   -10.556 5.333   1.00 34.00  ? 136 PHE A CZ  1 
ATOM   959 N  N   . ASP A 1 137 ? 6.672   -9.348  9.135   1.00 97.12  ? 137 ASP A N   1 
ATOM   960 C  CA  . ASP A 1 137 ? 8.049   -9.165  9.561   1.00 102.39 ? 137 ASP A CA  1 
ATOM   961 C  C   . ASP A 1 137 ? 8.251   -7.785  10.182  1.00 102.45 ? 137 ASP A C   1 
ATOM   962 O  O   . ASP A 1 137 ? 8.007   -7.589  11.371  1.00 104.86 ? 137 ASP A O   1 
ATOM   963 C  CB  . ASP A 1 137 ? 8.979   -9.342  8.358   1.00 103.89 ? 137 ASP A CB  1 
ATOM   964 C  CG  . ASP A 1 137 ? 10.415  -9.033  8.688   1.00 110.65 ? 137 ASP A CG  1 
ATOM   965 O  OD1 . ASP A 1 137 ? 10.974  -9.682  9.599   1.00 116.09 ? 137 ASP A OD1 1 
ATOM   966 O  OD2 . ASP A 1 137 ? 10.987  -8.137  8.034   1.00 117.95 ? 137 ASP A OD2 1 
HETATM 967 MN MN  . MN  B 2 .   ? 7.610   26.988  2.938   1.00 74.47  ? 158 MN  A MN  1 
HETATM 968 O  O   . HOH C 3 .   ? 7.201   11.677  0.110   1.00 9.97   ? 159 HOH A O   1 
HETATM 969 O  O   . HOH C 3 .   ? -10.398 -14.082 0.915   1.00 24.02  ? 160 HOH A O   1 
HETATM 970 O  O   . HOH C 3 .   ? -4.321  13.436  -15.709 1.00 27.15  ? 161 HOH A O   1 
HETATM 971 O  O   . HOH C 3 .   ? 3.375   18.515  2.709   1.00 32.75  ? 162 HOH A O   1 
HETATM 972 O  O   . HOH C 3 .   ? -9.941  6.513   -10.638 1.00 27.66  ? 163 HOH A O   1 
HETATM 973 O  O   . HOH C 3 .   ? -1.374  3.304   -4.400  1.00 15.33  ? 164 HOH A O   1 
HETATM 974 O  O   . HOH C 3 .   ? -2.273  0.874   -20.151 1.00 28.07  ? 165 HOH A O   1 
HETATM 975 O  O   . HOH C 3 .   ? -4.648  9.205   -3.344  1.00 12.89  ? 166 HOH A O   1 
HETATM 976 O  O   . HOH C 3 .   ? -5.034  0.699   2.436   1.00 15.17  ? 167 HOH A O   1 
HETATM 977 O  O   . HOH C 3 .   ? -2.861  -6.642  6.534   1.00 24.31  ? 168 HOH A O   1 
HETATM 978 O  O   . HOH C 3 .   ? -6.460  -0.422  -13.929 1.00 25.82  ? 169 HOH A O   1 
HETATM 979 O  O   . HOH C 3 .   ? -7.081  6.131   -1.305  1.00 36.35  ? 170 HOH A O   1 
HETATM 980 O  O   . HOH C 3 .   ? -8.625  -4.484  2.255   1.00 23.16  ? 171 HOH A O   1 
HETATM 981 O  O   . HOH C 3 .   ? 6.011   17.306  -6.103  1.00 20.78  ? 172 HOH A O   1 
HETATM 982 O  O   . HOH C 3 .   ? 14.261  11.340  -1.502  1.00 40.48  ? 173 HOH A O   1 
HETATM 983 O  O   . HOH C 3 .   ? 10.793  20.026  1.599   1.00 32.38  ? 174 HOH A O   1 
HETATM 984 O  O   . HOH C 3 .   ? -8.168  10.168  -10.401 1.00 28.34  ? 176 HOH A O   1 
HETATM 985 O  O   . HOH C 3 .   ? -2.170  -4.557  -11.132 1.00 37.69  ? 177 HOH A O   1 
HETATM 986 O  O   . HOH C 3 .   ? -5.278  1.269   -4.136  1.00 29.12  ? 178 HOH A O   1 
HETATM 987 O  O   . HOH C 3 .   ? -9.354  -10.057 7.096   1.00 29.12  ? 179 HOH A O   1 
HETATM 988 O  O   . HOH C 3 .   ? -3.901  5.023   -19.245 1.00 29.12  ? 181 HOH A O   1 
HETATM 989 O  O   . HOH C 3 .   ? -4.652  -16.771 -11.267 1.00 29.12  ? 182 HOH A O   1 
HETATM 990 O  O   . HOH C 3 .   ? -4.691  -17.284 -0.919  1.00 29.12  ? 183 HOH A O   1 
HETATM 991 O  O   . HOH C 3 .   ? -1.998  -9.468  -10.477 1.00 29.12  ? 184 HOH A O   1 
HETATM 992 O  O   . HOH C 3 .   ? -7.609  -3.586  -0.537  1.00 29.12  ? 185 HOH A O   1 
HETATM 993 O  O   . HOH C 3 .   ? -3.183  -3.102  -8.521  1.00 29.12  ? 186 HOH A O   1 
# 
